data_2QQP
#
_entry.id   2QQP
#
_cell.length_a   659.790
_cell.length_b   434.070
_cell.length_c   415.850
_cell.angle_alpha   90.000
_cell.angle_beta   126.130
_cell.angle_gamma   90.000
#
_symmetry.space_group_name_H-M   'C 1 2 1'
#
loop_
_entity.id
_entity.type
_entity.pdbx_description
1 polymer p81
2 polymer p81
3 polymer "RNA (5'-R(*UP*UP*UP*U)-3')"
4 non-polymer 'CALCIUM ION'
5 water water
#
loop_
_entity_poly.entity_id
_entity_poly.type
_entity_poly.pdbx_seq_one_letter_code
_entity_poly.pdbx_strand_id
1 'polypeptide(L)'
;PQMTRENKAPNMSVRAQNVTVSNSRRRRRKNRKPRKQVEQATILKPQLLPGESVAPSGGRGTMDPPVHEICAQSIDPSEG
AVGWFYKYMDPAGAVESGKALGEFSKVPDGLLRYSVDAEQRPIVTIECPTVSESDLPLDGKLWRVSFISFPAFRLNFIAL
ANINNEALTLETRNTFIQTLNNITNWRDLGTGQWAQFAPGWYYSIYVLPNTYAMAEIGDRTDSVTQFRKVYKGITFEFNA
PTLIDQGWWVGAHIPVKPQSETIPAAERFSAGSMTVSASNAIFQPSNTVARIVWSITPLPVATVALTTGTGGTNNTSGKF
FSVEIDGNVNSVWTFTAPASILAEGEPFAEEGDTTSFSMTTITADTVVYSVSSSLTGSSVIVRGVTKGSGVSITPVTVGI
DTEAVNRLSIEMPALTTEEVTTNVPKYEQFLCKESGGAYIVHYKMNNPVFEMTGEENFGGFQFHYPGYDPENNALGLRGI
VDTFENNFSSAVVHFWGISQSATIVCKTYDGWEGTTNAGSTVGQFAHTGAEEEDEVVQLANRLQMELTGVYQADDN
;
A,C,E,G
2 'polypeptide(L)' FAGTVSALASIGLGLLGKSSATPSVIKGIAQQAVGAVQANPGILEGAVKAIGSVGARLVGSIKARRARRRARRAK B,D,F,H
3 'polyribonucleotide' UUUU R
#
loop_
_chem_comp.id
_chem_comp.type
_chem_comp.name
_chem_comp.formula
CA non-polymer 'CALCIUM ION' 'Ca 2'
U RNA linking URIDINE-5'-MONOPHOSPHATE 'C9 H13 N2 O9 P'
#
# COMPACT_ATOMS: atom_id res chain seq x y z
N GLN A 73 -17.99 -8.67 40.80
CA GLN A 73 -18.32 -9.27 39.46
C GLN A 73 -17.89 -10.75 39.37
N SER A 74 -18.82 -11.60 38.93
CA SER A 74 -18.55 -13.02 38.87
C SER A 74 -17.81 -13.50 37.62
N ILE A 75 -17.72 -12.67 36.58
CA ILE A 75 -17.09 -13.07 35.33
C ILE A 75 -18.13 -13.98 34.68
N ASP A 76 -19.38 -13.51 34.73
CA ASP A 76 -20.48 -14.26 34.17
C ASP A 76 -20.53 -14.12 32.65
N PRO A 77 -20.43 -15.25 31.94
CA PRO A 77 -20.45 -15.32 30.48
C PRO A 77 -21.72 -15.96 30.02
N SER A 78 -22.20 -15.47 28.88
CA SER A 78 -23.43 -15.98 28.31
C SER A 78 -23.36 -17.47 28.23
N GLU A 79 -24.45 -18.13 28.57
CA GLU A 79 -24.47 -19.57 28.51
C GLU A 79 -24.15 -20.06 27.09
N GLY A 80 -24.34 -19.19 26.10
CA GLY A 80 -24.06 -19.57 24.73
C GLY A 80 -22.59 -19.41 24.39
N ALA A 81 -21.93 -18.52 25.12
CA ALA A 81 -20.50 -18.25 24.96
C ALA A 81 -19.75 -19.44 25.52
N VAL A 82 -20.36 -20.09 26.49
CA VAL A 82 -19.79 -21.25 27.13
C VAL A 82 -19.89 -22.38 26.12
N GLY A 83 -21.04 -22.46 25.48
CA GLY A 83 -21.24 -23.47 24.48
C GLY A 83 -20.05 -23.37 23.55
N TRP A 84 -19.86 -22.19 22.97
CA TRP A 84 -18.76 -21.98 22.07
C TRP A 84 -17.45 -22.50 22.66
N PHE A 85 -17.22 -22.20 23.93
CA PHE A 85 -16.00 -22.62 24.58
C PHE A 85 -15.67 -24.09 24.34
N TYR A 86 -16.42 -24.95 25.00
CA TYR A 86 -16.20 -26.38 24.85
C TYR A 86 -16.20 -26.81 23.39
N LYS A 87 -17.13 -26.27 22.61
CA LYS A 87 -17.21 -26.58 21.20
C LYS A 87 -15.86 -26.32 20.57
N TYR A 88 -15.33 -25.13 20.77
CA TYR A 88 -14.04 -24.78 20.21
C TYR A 88 -13.05 -25.81 20.74
N MET A 89 -13.01 -25.90 22.06
CA MET A 89 -12.12 -26.80 22.78
C MET A 89 -12.25 -28.24 22.35
N ASP A 90 -13.46 -28.75 22.50
CA ASP A 90 -13.80 -30.11 22.16
C ASP A 90 -15.09 -30.09 21.36
N PRO A 91 -15.02 -29.70 20.08
CA PRO A 91 -16.21 -29.64 19.22
C PRO A 91 -17.07 -30.89 19.19
N ALA A 92 -16.48 -32.04 19.48
CA ALA A 92 -17.24 -33.28 19.47
C ALA A 92 -17.76 -33.58 20.86
N GLY A 93 -16.85 -33.73 21.82
CA GLY A 93 -17.25 -34.03 23.18
C GLY A 93 -18.24 -33.03 23.74
N ALA A 94 -18.03 -31.75 23.46
CA ALA A 94 -18.91 -30.71 23.94
C ALA A 94 -20.38 -31.07 23.66
N VAL A 95 -20.64 -31.60 22.48
CA VAL A 95 -22.01 -31.99 22.12
C VAL A 95 -22.46 -33.13 23.01
N GLU A 96 -21.63 -34.16 23.07
CA GLU A 96 -21.88 -35.35 23.87
C GLU A 96 -21.99 -35.06 25.35
N SER A 97 -21.15 -34.15 25.84
CA SER A 97 -21.14 -33.77 27.25
C SER A 97 -22.22 -32.76 27.54
N GLY A 98 -23.14 -32.58 26.60
CA GLY A 98 -24.22 -31.64 26.77
C GLY A 98 -23.73 -30.24 27.10
N LYS A 99 -22.41 -30.07 27.17
CA LYS A 99 -21.84 -28.76 27.47
C LYS A 99 -22.08 -27.83 26.27
N ALA A 100 -22.74 -28.36 25.25
CA ALA A 100 -23.03 -27.59 24.06
C ALA A 100 -24.22 -26.68 24.34
N LEU A 101 -23.96 -25.51 24.90
CA LEU A 101 -25.04 -24.60 25.25
C LEU A 101 -25.22 -23.39 24.34
N GLY A 102 -26.47 -22.94 24.28
CA GLY A 102 -26.80 -21.78 23.46
C GLY A 102 -26.31 -21.84 22.03
N GLU A 103 -26.31 -20.70 21.35
CA GLU A 103 -25.83 -20.61 19.97
C GLU A 103 -24.31 -20.58 20.06
N PHE A 104 -23.77 -21.73 20.43
CA PHE A 104 -22.34 -21.96 20.59
C PHE A 104 -21.51 -21.75 19.34
N SER A 105 -22.15 -21.62 18.18
CA SER A 105 -21.41 -21.43 16.94
C SER A 105 -20.98 -19.99 16.70
N LYS A 106 -21.36 -19.07 17.57
CA LYS A 106 -20.94 -17.68 17.39
C LYS A 106 -19.76 -17.41 18.30
N VAL A 107 -18.78 -16.72 17.77
CA VAL A 107 -17.58 -16.39 18.53
C VAL A 107 -17.83 -15.18 19.42
N PRO A 108 -17.68 -15.37 20.75
CA PRO A 108 -17.85 -14.37 21.81
C PRO A 108 -16.80 -13.29 21.89
N ASP A 109 -16.32 -12.85 20.74
CA ASP A 109 -15.31 -11.80 20.73
C ASP A 109 -16.01 -10.46 20.66
N GLY A 110 -17.35 -10.49 20.67
CA GLY A 110 -18.11 -9.25 20.62
C GLY A 110 -17.64 -8.40 19.46
N LEU A 111 -17.58 -9.04 18.30
CA LEU A 111 -17.12 -8.35 17.12
C LEU A 111 -18.27 -7.91 16.26
N LEU A 112 -18.90 -8.88 15.61
CA LEU A 112 -20.00 -8.62 14.71
C LEU A 112 -21.22 -8.00 15.32
N ARG A 113 -21.82 -7.07 14.60
CA ARG A 113 -23.02 -6.39 15.05
C ARG A 113 -24.11 -7.43 14.89
N TYR A 114 -23.91 -8.30 13.91
CA TYR A 114 -24.87 -9.36 13.66
C TYR A 114 -24.09 -10.47 12.97
N SER A 115 -24.75 -11.60 12.71
CA SER A 115 -24.07 -12.71 12.05
C SER A 115 -24.88 -14.00 12.10
N VAL A 116 -24.51 -14.91 11.22
CA VAL A 116 -25.13 -16.22 11.16
C VAL A 116 -24.06 -17.18 11.58
N ASP A 117 -24.39 -18.07 12.51
CA ASP A 117 -23.43 -19.07 12.94
C ASP A 117 -24.07 -20.39 12.58
N ALA A 118 -23.28 -21.28 11.99
CA ALA A 118 -23.79 -22.57 11.59
C ALA A 118 -22.79 -23.62 11.96
N GLU A 119 -23.24 -24.86 12.04
CA GLU A 119 -22.36 -25.97 12.36
C GLU A 119 -22.87 -27.22 11.68
N GLN A 120 -22.14 -27.71 10.70
CA GLN A 120 -22.50 -28.93 10.01
C GLN A 120 -21.75 -30.08 10.67
N ARG A 121 -22.39 -31.24 10.81
CA ARG A 121 -21.73 -32.40 11.42
C ARG A 121 -21.72 -33.56 10.43
N PRO A 122 -21.59 -33.28 9.13
CA PRO A 122 -21.57 -34.32 8.10
C PRO A 122 -20.71 -35.53 8.39
N ILE A 123 -21.32 -36.71 8.29
CA ILE A 123 -20.62 -37.96 8.53
C ILE A 123 -20.30 -38.73 7.25
N VAL A 124 -19.04 -39.11 7.11
CA VAL A 124 -18.57 -39.85 5.95
C VAL A 124 -18.04 -41.23 6.28
N THR A 125 -18.44 -42.17 5.45
CA THR A 125 -18.01 -43.54 5.60
C THR A 125 -16.87 -43.74 4.62
N ILE A 126 -15.67 -43.89 5.16
CA ILE A 126 -14.50 -44.08 4.31
C ILE A 126 -14.19 -45.55 4.16
N GLU A 127 -14.35 -46.08 2.95
CA GLU A 127 -14.06 -47.50 2.73
C GLU A 127 -12.78 -47.55 1.93
N CYS A 128 -12.13 -48.71 1.94
CA CYS A 128 -10.90 -48.88 1.20
C CYS A 128 -11.24 -48.92 -0.29
N PRO A 129 -10.70 -47.96 -1.06
CA PRO A 129 -10.91 -47.83 -2.50
C PRO A 129 -11.51 -49.03 -3.23
N THR A 130 -10.97 -50.21 -3.00
CA THR A 130 -11.52 -51.34 -3.71
C THR A 130 -12.55 -52.13 -2.94
N VAL A 131 -12.30 -52.32 -1.65
CA VAL A 131 -13.18 -53.09 -0.79
C VAL A 131 -14.64 -52.68 -0.89
N SER A 132 -15.54 -53.66 -0.85
CA SER A 132 -16.94 -53.35 -0.96
C SER A 132 -17.49 -52.71 0.31
N GLU A 133 -18.74 -52.25 0.25
CA GLU A 133 -19.42 -51.67 1.42
C GLU A 133 -20.33 -52.78 1.88
N SER A 134 -20.83 -53.53 0.89
CA SER A 134 -21.74 -54.64 1.09
C SER A 134 -21.05 -55.70 1.91
N ASP A 135 -20.19 -56.45 1.24
CA ASP A 135 -19.46 -57.51 1.89
C ASP A 135 -18.11 -57.06 2.34
N LEU A 136 -17.76 -57.50 3.54
CA LEU A 136 -16.50 -57.15 4.12
C LEU A 136 -15.58 -58.36 4.03
N PRO A 137 -14.59 -58.32 3.13
CA PRO A 137 -13.67 -59.43 2.97
C PRO A 137 -12.69 -59.24 4.08
N LEU A 138 -12.45 -60.28 4.85
CA LEU A 138 -11.53 -60.18 5.98
C LEU A 138 -10.14 -60.57 5.47
N ASP A 139 -9.66 -59.75 4.54
CA ASP A 139 -8.38 -59.92 3.87
C ASP A 139 -7.19 -60.06 4.74
N GLY A 140 -7.13 -59.31 5.80
CA GLY A 140 -5.93 -59.35 6.54
C GLY A 140 -4.91 -58.71 5.61
N LYS A 141 -5.39 -57.73 4.84
CA LYS A 141 -4.55 -56.96 3.92
C LYS A 141 -4.72 -55.57 4.45
N LEU A 142 -3.84 -54.65 4.08
CA LEU A 142 -3.93 -53.29 4.63
C LEU A 142 -3.96 -52.17 3.60
N TRP A 143 -3.91 -50.94 4.11
CA TRP A 143 -3.92 -49.76 3.26
C TRP A 143 -3.71 -48.45 4.05
N ARG A 144 -2.79 -47.61 3.55
CA ARG A 144 -2.46 -46.31 4.15
C ARG A 144 -3.49 -45.32 3.62
N VAL A 145 -4.15 -44.60 4.54
CA VAL A 145 -5.14 -43.60 4.16
C VAL A 145 -4.93 -42.38 5.03
N SER A 146 -4.84 -41.24 4.39
CA SER A 146 -4.63 -40.03 5.13
C SER A 146 -5.67 -38.99 4.75
N PHE A 147 -5.88 -38.07 5.67
CA PHE A 147 -6.84 -37.01 5.46
C PHE A 147 -6.17 -35.69 5.76
N ILE A 148 -6.55 -34.70 4.98
CA ILE A 148 -6.02 -33.37 5.16
C ILE A 148 -7.26 -32.52 5.37
N SER A 149 -7.32 -31.88 6.54
CA SER A 149 -8.47 -31.05 6.87
C SER A 149 -8.16 -29.59 6.75
N PHE A 150 -9.00 -28.90 6.00
CA PHE A 150 -8.79 -27.50 5.80
C PHE A 150 -9.95 -26.70 6.29
N PRO A 151 -9.64 -25.59 6.93
CA PRO A 151 -10.66 -24.69 7.46
C PRO A 151 -11.25 -23.94 6.29
N ALA A 152 -11.59 -24.67 5.25
CA ALA A 152 -12.20 -24.07 4.06
C ALA A 152 -13.69 -23.95 4.30
N PHE A 153 -14.30 -22.91 3.74
CA PHE A 153 -15.71 -22.69 3.96
C PHE A 153 -16.59 -23.90 3.74
N ARG A 154 -16.64 -24.42 2.52
CA ARG A 154 -17.47 -25.58 2.26
C ARG A 154 -16.66 -26.85 2.24
N LEU A 155 -15.39 -26.75 1.89
CA LEU A 155 -14.54 -27.93 1.87
C LEU A 155 -14.33 -28.46 3.27
N ASN A 156 -14.79 -29.68 3.51
CA ASN A 156 -14.60 -30.29 4.81
C ASN A 156 -13.15 -30.73 4.91
N PHE A 157 -12.75 -31.64 4.03
CA PHE A 157 -11.39 -32.13 4.03
C PHE A 157 -11.16 -33.06 2.86
N ILE A 158 -9.90 -33.40 2.64
CA ILE A 158 -9.52 -34.29 1.56
C ILE A 158 -8.93 -35.55 2.16
N ALA A 159 -9.08 -36.65 1.44
CA ALA A 159 -8.56 -37.92 1.90
C ALA A 159 -7.98 -38.65 0.70
N LEU A 160 -6.83 -39.30 0.91
CA LEU A 160 -6.17 -40.07 -0.14
C LEU A 160 -5.82 -41.46 0.38
N ALA A 161 -5.93 -42.47 -0.46
CA ALA A 161 -5.63 -43.82 0.00
C ALA A 161 -4.84 -44.71 -0.97
N ASN A 162 -4.01 -45.55 -0.36
CA ASN A 162 -3.18 -46.51 -1.07
C ASN A 162 -3.72 -47.88 -0.69
N ILE A 163 -4.20 -48.61 -1.69
CA ILE A 163 -4.76 -49.94 -1.49
C ILE A 163 -3.73 -50.99 -1.09
N ASN A 164 -2.46 -50.60 -1.01
CA ASN A 164 -1.38 -51.53 -0.64
C ASN A 164 -0.62 -51.06 0.60
N ASN A 165 -1.21 -50.15 1.35
CA ASN A 165 -0.58 -49.68 2.56
C ASN A 165 0.73 -48.98 2.20
N GLU A 166 1.01 -48.88 0.90
CA GLU A 166 2.24 -48.29 0.43
C GLU A 166 2.55 -46.88 0.91
N ALA A 167 3.80 -46.53 0.70
CA ALA A 167 4.31 -45.23 1.06
C ALA A 167 3.93 -44.28 -0.06
N LEU A 168 3.94 -43.00 0.25
CA LEU A 168 3.64 -42.00 -0.74
C LEU A 168 5.00 -41.58 -1.31
N THR A 169 5.32 -42.03 -2.52
CA THR A 169 6.59 -41.65 -3.11
C THR A 169 6.49 -40.22 -3.65
N LEU A 170 7.55 -39.72 -4.27
CA LEU A 170 7.49 -38.38 -4.81
C LEU A 170 6.38 -38.36 -5.87
N GLU A 171 6.67 -38.84 -7.08
CA GLU A 171 5.69 -38.88 -8.17
C GLU A 171 4.29 -39.12 -7.62
N THR A 172 4.09 -40.22 -6.90
CA THR A 172 2.78 -40.46 -6.32
C THR A 172 2.36 -39.14 -5.68
N ARG A 173 3.18 -38.69 -4.74
CA ARG A 173 2.92 -37.43 -4.05
C ARG A 173 2.55 -36.40 -5.09
N ASN A 174 3.55 -35.94 -5.83
CA ASN A 174 3.33 -34.94 -6.85
C ASN A 174 2.09 -35.23 -7.70
N THR A 175 1.88 -36.48 -8.10
CA THR A 175 0.71 -36.80 -8.92
C THR A 175 -0.53 -36.41 -8.14
N PHE A 176 -0.57 -36.86 -6.89
CA PHE A 176 -1.67 -36.56 -5.99
C PHE A 176 -1.92 -35.08 -6.09
N ILE A 177 -0.92 -34.32 -5.68
CA ILE A 177 -0.99 -32.87 -5.74
C ILE A 177 -1.51 -32.51 -7.12
N GLN A 178 -0.62 -32.66 -8.10
CA GLN A 178 -0.91 -32.37 -9.50
C GLN A 178 -2.39 -32.49 -9.78
N THR A 179 -2.97 -33.62 -9.42
CA THR A 179 -4.39 -33.86 -9.63
C THR A 179 -5.24 -32.77 -8.98
N LEU A 180 -5.19 -32.66 -7.67
CA LEU A 180 -5.96 -31.67 -6.93
C LEU A 180 -6.00 -30.28 -7.53
N ASN A 181 -4.91 -29.89 -8.17
CA ASN A 181 -4.81 -28.57 -8.76
C ASN A 181 -5.40 -28.56 -10.16
N ASN A 182 -5.51 -29.73 -10.76
CA ASN A 182 -6.06 -29.81 -12.08
C ASN A 182 -7.44 -30.42 -12.06
N ILE A 183 -8.05 -30.45 -10.87
CA ILE A 183 -9.40 -30.97 -10.73
C ILE A 183 -10.26 -29.92 -11.38
N THR A 184 -10.73 -30.17 -12.59
CA THR A 184 -11.51 -29.19 -13.34
C THR A 184 -12.79 -28.67 -12.68
N ASN A 185 -13.86 -29.45 -12.76
CA ASN A 185 -15.10 -29.03 -12.14
C ASN A 185 -15.15 -29.76 -10.82
N TRP A 186 -14.21 -29.41 -9.95
CA TRP A 186 -14.08 -30.06 -8.65
C TRP A 186 -15.41 -30.43 -8.00
N ARG A 187 -16.45 -29.67 -8.31
CA ARG A 187 -17.78 -29.95 -7.78
C ARG A 187 -18.19 -31.37 -8.16
N ASP A 188 -17.48 -31.97 -9.11
CA ASP A 188 -17.79 -33.32 -9.57
C ASP A 188 -17.39 -34.37 -8.55
N LEU A 189 -16.65 -33.97 -7.52
CA LEU A 189 -16.26 -34.94 -6.51
C LEU A 189 -16.93 -34.60 -5.20
N GLY A 190 -17.97 -33.77 -5.29
CA GLY A 190 -18.73 -33.38 -4.12
C GLY A 190 -19.14 -34.66 -3.45
N THR A 191 -19.38 -35.67 -4.28
CA THR A 191 -19.75 -37.01 -3.84
C THR A 191 -18.51 -37.58 -3.17
N GLY A 192 -18.67 -38.06 -1.95
CA GLY A 192 -17.53 -38.60 -1.23
C GLY A 192 -16.72 -39.60 -2.04
N GLN A 193 -17.37 -40.29 -2.98
CA GLN A 193 -16.72 -41.30 -3.81
C GLN A 193 -15.27 -40.99 -4.19
N TRP A 194 -14.46 -42.05 -4.14
CA TRP A 194 -13.04 -42.02 -4.47
C TRP A 194 -12.81 -41.65 -5.92
N ALA A 195 -11.54 -41.74 -6.31
CA ALA A 195 -11.08 -41.42 -7.67
C ALA A 195 -9.62 -41.82 -7.76
N GLN A 196 -9.31 -42.85 -8.53
CA GLN A 196 -7.92 -43.26 -8.61
C GLN A 196 -7.12 -42.06 -9.09
N PHE A 197 -5.87 -42.00 -8.70
CA PHE A 197 -5.03 -40.90 -9.13
C PHE A 197 -3.60 -41.36 -9.35
N ALA A 198 -3.34 -42.60 -8.95
CA ALA A 198 -2.01 -43.18 -9.07
C ALA A 198 -2.13 -44.69 -9.15
N PRO A 199 -1.00 -45.38 -9.42
CA PRO A 199 -0.99 -46.83 -9.51
C PRO A 199 -1.87 -47.54 -8.47
N GLY A 200 -1.68 -47.19 -7.20
CA GLY A 200 -2.49 -47.80 -6.16
C GLY A 200 -3.12 -46.73 -5.31
N TRP A 201 -3.30 -45.54 -5.89
CA TRP A 201 -3.84 -44.45 -5.12
C TRP A 201 -5.19 -43.89 -5.55
N TYR A 202 -5.96 -43.47 -4.56
CA TYR A 202 -7.26 -42.89 -4.78
C TYR A 202 -7.35 -41.68 -3.86
N TYR A 203 -8.30 -40.81 -4.11
CA TYR A 203 -8.46 -39.65 -3.28
C TYR A 203 -9.90 -39.22 -3.50
N SER A 204 -10.39 -38.39 -2.61
CA SER A 204 -11.74 -37.91 -2.73
C SER A 204 -11.88 -36.67 -1.89
N ILE A 205 -13.01 -36.02 -2.01
CA ILE A 205 -13.19 -34.82 -1.26
C ILE A 205 -14.45 -34.85 -0.43
N TYR A 206 -14.37 -34.17 0.70
CA TYR A 206 -15.48 -34.12 1.60
C TYR A 206 -15.85 -32.70 1.84
N VAL A 207 -17.03 -32.42 1.33
CA VAL A 207 -17.61 -31.11 1.39
C VAL A 207 -18.47 -31.04 2.63
N LEU A 208 -18.77 -29.82 3.04
CA LEU A 208 -19.62 -29.60 4.18
C LEU A 208 -20.99 -29.35 3.57
N PRO A 209 -21.83 -30.38 3.53
CA PRO A 209 -23.18 -30.29 2.95
C PRO A 209 -23.74 -28.89 2.84
N ASN A 210 -24.46 -28.50 3.87
CA ASN A 210 -25.11 -27.21 3.96
C ASN A 210 -24.41 -26.02 3.26
N THR A 211 -23.08 -25.96 3.34
CA THR A 211 -22.32 -24.88 2.71
C THR A 211 -22.12 -25.19 1.23
N TYR A 212 -21.64 -26.39 0.98
CA TYR A 212 -21.42 -26.88 -0.37
C TYR A 212 -22.73 -26.65 -1.12
N ALA A 213 -23.81 -26.72 -0.36
CA ALA A 213 -25.16 -26.52 -0.87
C ALA A 213 -25.26 -25.15 -1.49
N MET A 214 -24.59 -24.19 -0.86
CA MET A 214 -24.62 -22.82 -1.35
C MET A 214 -24.12 -22.72 -2.79
N ALA A 215 -25.05 -22.99 -3.71
CA ALA A 215 -24.79 -22.94 -5.16
C ALA A 215 -24.33 -21.53 -5.52
N GLU A 216 -23.10 -21.44 -6.04
CA GLU A 216 -22.49 -20.17 -6.44
C GLU A 216 -23.20 -19.54 -7.65
N ILE A 217 -24.27 -18.78 -7.38
CA ILE A 217 -25.06 -18.11 -8.44
C ILE A 217 -25.54 -19.14 -9.48
N GLY A 218 -26.63 -19.85 -9.17
CA GLY A 218 -27.14 -20.85 -10.11
C GLY A 218 -28.59 -20.68 -10.53
N ASP A 219 -29.46 -21.01 -9.62
CA ASP A 219 -30.92 -20.94 -9.74
C ASP A 219 -31.36 -20.53 -8.35
N ARG A 220 -30.71 -21.23 -7.41
CA ARG A 220 -30.87 -21.05 -5.99
C ARG A 220 -29.54 -20.48 -5.48
N THR A 221 -29.55 -19.19 -5.16
CA THR A 221 -28.33 -18.55 -4.68
C THR A 221 -28.49 -17.58 -3.50
N ASP A 222 -27.65 -17.84 -2.50
CA ASP A 222 -27.55 -17.10 -1.24
C ASP A 222 -26.07 -16.77 -1.15
N SER A 223 -25.68 -15.92 -0.22
CA SER A 223 -24.27 -15.54 -0.13
C SER A 223 -23.83 -14.99 1.21
N VAL A 224 -22.52 -15.09 1.46
CA VAL A 224 -21.92 -14.61 2.69
C VAL A 224 -20.77 -13.64 2.42
N THR A 225 -20.87 -12.45 3.00
CA THR A 225 -19.86 -11.42 2.85
C THR A 225 -18.52 -11.73 3.49
N GLN A 226 -18.53 -12.67 4.44
CA GLN A 226 -17.30 -13.07 5.12
C GLN A 226 -17.64 -14.03 6.22
N PHE A 227 -16.63 -14.72 6.71
CA PHE A 227 -16.87 -15.68 7.76
C PHE A 227 -15.60 -15.98 8.49
N ARG A 228 -15.71 -16.93 9.40
CA ARG A 228 -14.57 -17.34 10.18
C ARG A 228 -15.01 -18.58 10.89
N LYS A 229 -14.25 -19.67 10.70
CA LYS A 229 -14.58 -20.93 11.35
C LYS A 229 -14.53 -20.68 12.86
N VAL A 230 -15.60 -21.09 13.51
CA VAL A 230 -15.76 -20.93 14.94
C VAL A 230 -15.15 -22.13 15.64
N TYR A 231 -14.79 -23.13 14.85
CA TYR A 231 -14.15 -24.34 15.34
C TYR A 231 -14.34 -25.43 14.31
N LYS A 232 -13.56 -26.48 14.43
CA LYS A 232 -13.69 -27.61 13.52
C LYS A 232 -13.25 -28.78 14.33
N GLY A 233 -14.05 -29.84 14.28
CA GLY A 233 -13.71 -31.01 15.04
C GLY A 233 -14.00 -32.23 14.21
N ILE A 234 -12.96 -32.93 13.83
CA ILE A 234 -13.18 -34.15 13.09
C ILE A 234 -12.62 -35.26 13.92
N THR A 235 -13.35 -36.36 13.90
CA THR A 235 -12.93 -37.52 14.63
C THR A 235 -13.09 -38.68 13.65
N PHE A 236 -11.95 -39.28 13.31
CA PHE A 236 -11.89 -40.40 12.39
C PHE A 236 -12.01 -41.64 13.23
N GLU A 237 -13.23 -42.08 13.47
CA GLU A 237 -13.45 -43.26 14.26
C GLU A 237 -12.87 -44.43 13.48
N PHE A 238 -12.12 -45.26 14.18
CA PHE A 238 -11.49 -46.43 13.57
C PHE A 238 -12.49 -47.58 13.45
N ASN A 239 -13.37 -47.52 12.46
CA ASN A 239 -14.37 -48.56 12.27
C ASN A 239 -13.71 -49.78 11.65
N ALA A 240 -13.27 -50.71 12.50
CA ALA A 240 -12.62 -51.93 12.01
C ALA A 240 -13.02 -53.11 12.85
N PRO A 241 -13.41 -54.22 12.20
CA PRO A 241 -13.80 -55.38 13.00
C PRO A 241 -12.67 -55.60 13.95
N THR A 242 -13.01 -55.87 15.21
CA THR A 242 -12.03 -56.09 16.24
C THR A 242 -11.08 -57.20 15.76
N LEU A 243 -11.57 -58.08 14.89
CA LEU A 243 -10.76 -59.17 14.32
C LEU A 243 -9.39 -58.67 13.88
N ILE A 244 -9.39 -57.85 12.83
CA ILE A 244 -8.17 -57.25 12.31
C ILE A 244 -8.20 -55.77 12.67
N ASP A 245 -8.51 -55.58 13.95
CA ASP A 245 -8.61 -54.28 14.58
C ASP A 245 -7.17 -53.85 14.74
N GLN A 246 -6.51 -53.65 13.62
CA GLN A 246 -5.09 -53.29 13.67
C GLN A 246 -4.73 -52.10 12.79
N GLY A 247 -3.51 -51.61 13.04
CA GLY A 247 -2.99 -50.46 12.33
C GLY A 247 -2.81 -49.31 13.29
N TRP A 248 -2.23 -48.20 12.81
CA TRP A 248 -2.02 -47.02 13.64
C TRP A 248 -2.24 -45.76 12.84
N TRP A 249 -1.97 -44.61 13.47
CA TRP A 249 -2.17 -43.33 12.82
C TRP A 249 -1.43 -42.19 13.49
N VAL A 250 -1.26 -41.10 12.73
CA VAL A 250 -0.58 -39.92 13.24
C VAL A 250 -1.29 -38.67 12.81
N GLY A 251 -1.66 -37.86 13.79
CA GLY A 251 -2.33 -36.61 13.50
C GLY A 251 -1.50 -35.44 13.95
N ALA A 252 -1.69 -34.31 13.28
CA ALA A 252 -0.98 -33.10 13.62
C ALA A 252 -1.59 -31.92 12.90
N HIS A 253 -1.46 -30.75 13.51
CA HIS A 253 -1.99 -29.54 12.94
C HIS A 253 -0.88 -28.72 12.36
N ILE A 254 -1.13 -28.18 11.19
CA ILE A 254 -0.14 -27.35 10.53
C ILE A 254 -0.97 -26.22 9.98
N PRO A 255 -0.66 -24.98 10.42
CA PRO A 255 -1.36 -23.79 9.98
C PRO A 255 -0.85 -23.41 8.62
N VAL A 256 -1.75 -23.05 7.73
CA VAL A 256 -1.31 -22.64 6.42
C VAL A 256 -2.19 -21.53 5.91
N LYS A 257 -1.54 -20.48 5.42
CA LYS A 257 -2.24 -19.34 4.85
C LYS A 257 -2.07 -19.55 3.34
N PRO A 258 -3.02 -19.06 2.54
CA PRO A 258 -2.89 -19.24 1.10
C PRO A 258 -2.46 -17.94 0.48
N GLN A 259 -1.99 -18.01 -0.75
CA GLN A 259 -1.58 -16.83 -1.48
C GLN A 259 -2.45 -16.84 -2.73
N SER A 260 -2.94 -15.67 -3.15
CA SER A 260 -3.79 -15.61 -4.32
C SER A 260 -3.04 -15.50 -5.65
N GLU A 261 -2.67 -16.62 -6.24
CA GLU A 261 -2.01 -16.57 -7.53
C GLU A 261 -3.19 -16.39 -8.48
N THR A 262 -3.20 -15.29 -9.22
CA THR A 262 -4.31 -14.98 -10.13
C THR A 262 -4.36 -15.58 -11.52
N ILE A 263 -5.58 -15.88 -11.97
CA ILE A 263 -5.80 -16.42 -13.29
C ILE A 263 -6.44 -15.33 -14.09
N PRO A 264 -5.63 -14.44 -14.65
CA PRO A 264 -6.04 -13.29 -15.47
C PRO A 264 -7.34 -13.49 -16.23
N ALA A 265 -8.18 -12.46 -16.21
CA ALA A 265 -9.44 -12.53 -16.92
C ALA A 265 -9.11 -12.03 -18.31
N ALA A 266 -9.67 -12.68 -19.32
CA ALA A 266 -9.41 -12.31 -20.73
C ALA A 266 -10.68 -12.16 -21.55
N GLU A 267 -10.53 -11.68 -22.78
CA GLU A 267 -11.68 -11.45 -23.65
C GLU A 267 -11.91 -12.36 -24.87
N ARG A 268 -11.51 -11.90 -26.06
CA ARG A 268 -11.74 -12.69 -27.29
C ARG A 268 -11.28 -14.12 -27.14
N PHE A 269 -10.09 -14.27 -26.56
CA PHE A 269 -9.53 -15.58 -26.36
C PHE A 269 -9.05 -15.71 -24.95
N SER A 270 -8.92 -16.94 -24.50
CA SER A 270 -8.44 -17.18 -23.16
C SER A 270 -7.53 -18.40 -23.23
N ALA A 271 -6.34 -18.25 -22.68
CA ALA A 271 -5.37 -19.33 -22.67
C ALA A 271 -5.93 -20.36 -21.71
N GLY A 272 -5.52 -21.61 -21.90
CA GLY A 272 -5.98 -22.69 -21.04
C GLY A 272 -5.07 -23.89 -21.19
N SER A 273 -5.63 -25.08 -20.96
CA SER A 273 -4.88 -26.34 -21.06
C SER A 273 -5.81 -27.57 -21.14
N MET A 274 -5.49 -28.51 -22.01
CA MET A 274 -6.33 -29.67 -22.08
C MET A 274 -5.70 -30.84 -21.36
N THR A 275 -6.19 -31.10 -20.17
CA THR A 275 -5.66 -32.19 -19.36
C THR A 275 -6.35 -33.49 -19.68
N VAL A 276 -5.60 -34.57 -19.53
CA VAL A 276 -6.09 -35.91 -19.78
C VAL A 276 -5.35 -36.90 -18.92
N SER A 277 -5.95 -37.24 -17.79
CA SER A 277 -5.38 -38.19 -16.87
C SER A 277 -5.77 -39.58 -17.41
N ALA A 278 -4.99 -40.59 -17.09
CA ALA A 278 -5.28 -41.95 -17.56
C ALA A 278 -4.91 -43.00 -16.52
N SER A 279 -5.77 -44.00 -16.35
CA SER A 279 -5.52 -45.07 -15.37
C SER A 279 -6.56 -46.18 -15.44
N ASN A 280 -6.08 -47.43 -15.37
CA ASN A 280 -6.91 -48.64 -15.40
C ASN A 280 -8.30 -48.48 -14.79
N ALA A 281 -9.31 -49.02 -15.45
CA ALA A 281 -10.67 -48.91 -14.96
C ALA A 281 -11.07 -50.14 -14.16
N ILE A 282 -10.84 -50.09 -12.84
CA ILE A 282 -11.17 -51.19 -11.96
C ILE A 282 -12.26 -52.04 -12.58
N PHE A 283 -11.96 -53.33 -12.76
CA PHE A 283 -12.92 -54.28 -13.35
C PHE A 283 -12.93 -54.34 -14.88
N GLN A 284 -11.80 -54.02 -15.50
CA GLN A 284 -11.64 -54.06 -16.96
C GLN A 284 -10.22 -54.51 -17.29
N PRO A 285 -10.04 -55.29 -18.38
CA PRO A 285 -8.73 -55.79 -18.80
C PRO A 285 -7.64 -54.74 -18.72
N SER A 286 -6.83 -54.86 -17.68
CA SER A 286 -5.74 -53.94 -17.40
C SER A 286 -5.01 -53.37 -18.62
N ASN A 287 -4.52 -54.27 -19.46
CA ASN A 287 -3.80 -53.89 -20.66
C ASN A 287 -4.74 -53.41 -21.77
N THR A 288 -5.96 -53.93 -21.77
CA THR A 288 -6.95 -53.57 -22.78
C THR A 288 -7.58 -52.19 -22.58
N VAL A 289 -8.41 -52.09 -21.55
CA VAL A 289 -9.12 -50.86 -21.24
C VAL A 289 -8.34 -49.93 -20.32
N ALA A 290 -8.84 -48.70 -20.22
CA ALA A 290 -8.25 -47.69 -19.37
C ALA A 290 -9.27 -46.58 -19.14
N ARG A 291 -9.46 -46.24 -17.87
CA ARG A 291 -10.39 -45.20 -17.47
C ARG A 291 -9.60 -43.91 -17.41
N ILE A 292 -10.06 -42.91 -18.14
CA ILE A 292 -9.38 -41.65 -18.16
C ILE A 292 -10.37 -40.50 -18.08
N VAL A 293 -9.94 -39.42 -17.45
CA VAL A 293 -10.75 -38.23 -17.25
C VAL A 293 -10.04 -37.04 -17.84
N TRP A 294 -10.40 -36.70 -19.06
CA TRP A 294 -9.80 -35.58 -19.73
C TRP A 294 -10.70 -34.37 -19.72
N SER A 295 -10.07 -33.21 -19.50
CA SER A 295 -10.78 -31.95 -19.44
C SER A 295 -10.06 -30.85 -20.23
N ILE A 296 -10.75 -29.72 -20.39
CA ILE A 296 -10.25 -28.57 -21.13
C ILE A 296 -10.74 -27.28 -20.47
N THR A 297 -9.92 -26.68 -19.60
CA THR A 297 -10.24 -25.50 -18.74
C THR A 297 -11.15 -24.43 -19.29
N PRO A 298 -10.65 -23.34 -19.96
CA PRO A 298 -11.65 -22.34 -20.35
C PRO A 298 -12.82 -22.87 -21.15
N LEU A 299 -12.62 -23.97 -21.88
CA LEU A 299 -13.67 -24.56 -22.69
C LEU A 299 -14.92 -24.94 -21.89
N PRO A 300 -16.04 -24.26 -22.16
CA PRO A 300 -17.33 -24.45 -21.50
C PRO A 300 -17.71 -25.91 -21.48
N VAL A 301 -18.42 -26.32 -20.43
CA VAL A 301 -18.83 -27.69 -20.33
C VAL A 301 -19.45 -28.12 -21.64
N ALA A 302 -18.97 -29.25 -22.14
CA ALA A 302 -19.49 -29.81 -23.37
C ALA A 302 -20.01 -31.15 -22.96
N THR A 303 -21.11 -31.56 -23.58
CA THR A 303 -21.72 -32.85 -23.28
C THR A 303 -21.08 -33.89 -24.18
N VAL A 304 -20.29 -34.76 -23.57
CA VAL A 304 -19.62 -35.80 -24.32
C VAL A 304 -20.45 -37.07 -24.20
N ALA A 305 -20.48 -37.81 -25.29
CA ALA A 305 -21.21 -39.07 -25.36
C ALA A 305 -20.34 -39.96 -26.21
N LEU A 306 -20.27 -41.24 -25.86
CA LEU A 306 -19.47 -42.17 -26.62
C LEU A 306 -20.05 -42.16 -28.04
N THR A 307 -19.15 -42.11 -29.01
CA THR A 307 -19.55 -42.08 -30.40
C THR A 307 -19.56 -43.45 -31.04
N THR A 308 -18.50 -44.22 -30.80
CA THR A 308 -18.37 -45.53 -31.42
C THR A 308 -17.48 -46.54 -30.69
N GLY A 309 -18.09 -47.54 -30.05
CA GLY A 309 -17.29 -48.55 -29.37
C GLY A 309 -17.78 -49.09 -28.04
N THR A 310 -16.84 -49.49 -27.19
CA THR A 310 -17.15 -50.03 -25.86
C THR A 310 -17.51 -48.88 -24.92
N GLY A 311 -18.71 -48.96 -24.31
CA GLY A 311 -19.20 -47.93 -23.41
C GLY A 311 -18.25 -47.38 -22.35
N GLY A 312 -18.71 -46.37 -21.61
CA GLY A 312 -17.87 -45.81 -20.57
C GLY A 312 -17.71 -44.31 -20.64
N THR A 313 -18.78 -43.59 -20.35
CA THR A 313 -18.76 -42.14 -20.37
C THR A 313 -19.57 -41.60 -19.21
N ASN A 314 -18.87 -40.94 -18.31
CA ASN A 314 -19.44 -40.32 -17.15
C ASN A 314 -19.21 -38.82 -17.39
N ASN A 315 -20.27 -38.01 -17.45
CA ASN A 315 -20.06 -36.60 -17.75
C ASN A 315 -19.96 -35.72 -16.51
N THR A 316 -19.87 -34.40 -16.70
CA THR A 316 -19.76 -33.50 -15.56
C THR A 316 -20.91 -32.54 -15.34
N SER A 317 -21.16 -32.29 -14.07
CA SER A 317 -22.19 -31.36 -13.64
C SER A 317 -21.55 -30.02 -13.93
N GLY A 318 -20.23 -30.02 -13.75
CA GLY A 318 -19.37 -28.85 -13.94
C GLY A 318 -19.73 -27.74 -14.91
N LYS A 319 -19.09 -26.59 -14.74
CA LYS A 319 -19.33 -25.43 -15.58
C LYS A 319 -18.37 -25.41 -16.77
N PHE A 320 -17.21 -26.03 -16.60
CA PHE A 320 -16.22 -26.09 -17.66
C PHE A 320 -16.31 -27.43 -18.36
N PHE A 321 -15.32 -27.72 -19.19
CA PHE A 321 -15.32 -28.96 -19.90
C PHE A 321 -14.46 -30.07 -19.31
N SER A 322 -15.12 -31.14 -18.86
CA SER A 322 -14.42 -32.30 -18.30
C SER A 322 -15.34 -33.50 -18.41
N VAL A 323 -14.74 -34.68 -18.56
CA VAL A 323 -15.47 -35.93 -18.66
C VAL A 323 -14.57 -37.11 -18.33
N GLU A 324 -15.16 -38.13 -17.71
CA GLU A 324 -14.43 -39.34 -17.34
C GLU A 324 -14.94 -40.46 -18.21
N ILE A 325 -14.04 -41.07 -18.98
CA ILE A 325 -14.45 -42.15 -19.85
C ILE A 325 -13.54 -43.35 -19.68
N ASP A 326 -13.96 -44.47 -20.26
CA ASP A 326 -13.23 -45.73 -20.18
C ASP A 326 -13.63 -46.59 -21.35
N GLY A 327 -12.70 -47.40 -21.84
CA GLY A 327 -13.03 -48.28 -22.96
C GLY A 327 -11.88 -48.84 -23.80
N ASN A 328 -12.27 -49.63 -24.80
CA ASN A 328 -11.33 -50.21 -25.75
C ASN A 328 -10.55 -49.10 -26.38
N VAL A 329 -9.46 -49.44 -27.05
CA VAL A 329 -8.68 -48.40 -27.70
C VAL A 329 -9.61 -47.79 -28.74
N ASN A 330 -10.09 -48.63 -29.64
CA ASN A 330 -10.98 -48.24 -30.72
C ASN A 330 -12.24 -47.49 -30.27
N SER A 331 -12.56 -47.56 -28.97
CA SER A 331 -13.74 -46.84 -28.48
C SER A 331 -13.58 -45.36 -28.80
N VAL A 332 -14.71 -44.70 -29.07
CA VAL A 332 -14.67 -43.27 -29.40
C VAL A 332 -15.77 -42.47 -28.72
N TRP A 333 -15.39 -41.30 -28.25
CA TRP A 333 -16.32 -40.39 -27.61
C TRP A 333 -16.22 -39.16 -28.46
N THR A 334 -17.27 -38.35 -28.45
CA THR A 334 -17.28 -37.13 -29.24
C THR A 334 -18.32 -36.17 -28.74
N PHE A 335 -18.04 -34.89 -28.93
CA PHE A 335 -18.94 -33.84 -28.49
C PHE A 335 -18.73 -32.65 -29.41
N THR A 336 -19.65 -31.70 -29.37
CA THR A 336 -19.52 -30.52 -30.19
C THR A 336 -18.85 -29.41 -29.39
N ALA A 337 -17.93 -28.72 -30.05
CA ALA A 337 -17.20 -27.62 -29.47
C ALA A 337 -18.12 -26.42 -29.26
N PRO A 338 -18.29 -25.97 -28.01
CA PRO A 338 -19.15 -24.82 -27.73
C PRO A 338 -18.40 -23.49 -27.91
N ALA A 339 -17.18 -23.57 -28.43
CA ALA A 339 -16.34 -22.40 -28.69
C ALA A 339 -15.02 -22.78 -29.35
N SER A 340 -14.54 -21.89 -30.21
CA SER A 340 -13.28 -22.08 -30.96
C SER A 340 -12.08 -22.46 -30.11
N ILE A 341 -11.27 -23.37 -30.62
CA ILE A 341 -10.11 -23.83 -29.88
C ILE A 341 -8.79 -23.78 -30.62
N LEU A 342 -7.71 -23.61 -29.88
CA LEU A 342 -6.38 -23.57 -30.46
C LEU A 342 -5.46 -24.48 -29.67
N ALA A 343 -4.54 -25.12 -30.39
CA ALA A 343 -3.58 -26.02 -29.78
C ALA A 343 -2.32 -26.01 -30.64
N GLU A 344 -1.16 -26.03 -29.97
CA GLU A 344 0.13 -25.99 -30.65
C GLU A 344 0.18 -24.90 -31.75
N GLY A 345 0.03 -23.65 -31.30
CA GLY A 345 0.07 -22.48 -32.17
C GLY A 345 -0.95 -22.52 -33.29
N GLU A 346 -1.67 -23.63 -33.35
CA GLU A 346 -2.65 -23.86 -34.40
C GLU A 346 -4.11 -23.86 -33.97
N PRO A 347 -5.02 -23.74 -34.95
CA PRO A 347 -6.45 -23.76 -34.67
C PRO A 347 -6.89 -25.21 -34.56
N PHE A 348 -8.01 -25.43 -33.87
CA PHE A 348 -8.48 -26.77 -33.71
C PHE A 348 -9.98 -26.89 -33.96
N ALA A 349 -10.76 -25.93 -33.49
CA ALA A 349 -12.18 -26.04 -33.71
C ALA A 349 -12.94 -24.72 -33.70
N GLU A 350 -14.11 -24.75 -34.31
CA GLU A 350 -14.99 -23.60 -34.38
C GLU A 350 -16.05 -23.91 -33.33
N GLU A 351 -16.83 -22.89 -32.97
CA GLU A 351 -17.89 -23.06 -32.00
C GLU A 351 -18.99 -24.02 -32.52
N GLY A 352 -18.60 -24.96 -33.37
CA GLY A 352 -19.58 -25.88 -33.91
C GLY A 352 -18.96 -27.15 -34.43
N ASP A 353 -17.66 -27.30 -34.27
CA ASP A 353 -17.01 -28.51 -34.75
C ASP A 353 -17.29 -29.73 -33.90
N THR A 354 -17.10 -30.91 -34.50
CA THR A 354 -17.34 -32.17 -33.81
C THR A 354 -16.01 -32.81 -33.44
N THR A 355 -15.57 -32.48 -32.23
CA THR A 355 -14.31 -32.96 -31.66
C THR A 355 -14.36 -34.44 -31.34
N SER A 356 -13.35 -35.16 -31.81
CA SER A 356 -13.26 -36.60 -31.62
C SER A 356 -12.01 -37.03 -30.87
N PHE A 357 -12.21 -37.58 -29.67
CA PHE A 357 -11.09 -38.04 -28.84
C PHE A 357 -11.13 -39.54 -28.68
N SER A 358 -9.99 -40.17 -28.93
CA SER A 358 -9.90 -41.62 -28.76
C SER A 358 -8.49 -41.97 -28.35
N MET A 359 -8.27 -43.26 -28.17
CA MET A 359 -6.96 -43.75 -27.75
C MET A 359 -6.26 -44.53 -28.87
N THR A 360 -4.94 -44.45 -28.91
CA THR A 360 -4.15 -45.13 -29.93
C THR A 360 -3.63 -46.45 -29.38
N THR A 361 -2.97 -46.37 -28.23
CA THR A 361 -2.40 -47.55 -27.63
C THR A 361 -2.78 -47.59 -26.16
N ILE A 362 -3.04 -48.79 -25.66
CA ILE A 362 -3.37 -48.92 -24.26
C ILE A 362 -2.48 -49.98 -23.63
N THR A 363 -1.68 -49.55 -22.67
CA THR A 363 -0.78 -50.42 -21.95
C THR A 363 -1.26 -50.41 -20.52
N ALA A 364 -1.19 -51.56 -19.87
CA ALA A 364 -1.58 -51.64 -18.48
C ALA A 364 -0.80 -50.51 -17.77
N ASP A 365 0.31 -50.12 -18.38
CA ASP A 365 1.17 -49.07 -17.85
C ASP A 365 1.01 -47.75 -18.57
N THR A 366 1.15 -47.77 -19.89
CA THR A 366 1.05 -46.53 -20.64
C THR A 366 -0.26 -46.36 -21.39
N VAL A 367 -0.36 -45.25 -22.13
CA VAL A 367 -1.54 -44.93 -22.92
C VAL A 367 -1.33 -43.74 -23.88
N VAL A 368 -1.62 -43.97 -25.15
CA VAL A 368 -1.52 -42.96 -26.17
C VAL A 368 -2.94 -42.58 -26.55
N TYR A 369 -3.17 -41.28 -26.73
CA TYR A 369 -4.48 -40.78 -27.12
C TYR A 369 -4.31 -39.75 -28.22
N SER A 370 -5.43 -39.31 -28.77
CA SER A 370 -5.38 -38.32 -29.82
C SER A 370 -6.80 -37.85 -30.09
N VAL A 371 -6.92 -36.54 -30.25
CA VAL A 371 -8.20 -35.93 -30.50
C VAL A 371 -8.13 -35.13 -31.81
N SER A 372 -9.26 -35.01 -32.49
CA SER A 372 -9.34 -34.27 -33.75
C SER A 372 -10.73 -33.66 -33.82
N SER A 373 -10.99 -32.85 -34.84
CA SER A 373 -12.31 -32.25 -34.95
C SER A 373 -12.78 -32.21 -36.37
N SER A 374 -14.04 -31.80 -36.53
CA SER A 374 -14.61 -31.71 -37.87
C SER A 374 -14.03 -30.48 -38.55
N LEU A 375 -13.27 -29.68 -37.79
CA LEU A 375 -12.69 -28.49 -38.40
C LEU A 375 -11.89 -28.91 -39.61
N THR A 376 -12.30 -28.37 -40.75
CA THR A 376 -11.64 -28.64 -42.01
C THR A 376 -10.23 -28.06 -41.93
N GLY A 377 -9.23 -28.94 -42.03
CA GLY A 377 -7.86 -28.49 -41.94
C GLY A 377 -7.36 -28.63 -40.52
N SER A 378 -8.28 -28.98 -39.62
CA SER A 378 -7.90 -29.15 -38.23
C SER A 378 -6.93 -30.30 -38.17
N SER A 379 -5.69 -30.01 -37.79
CA SER A 379 -4.70 -31.06 -37.65
C SER A 379 -5.25 -32.01 -36.57
N VAL A 380 -4.55 -33.10 -36.31
CA VAL A 380 -4.97 -34.03 -35.27
C VAL A 380 -4.11 -33.66 -34.08
N ILE A 381 -4.24 -34.42 -33.00
CA ILE A 381 -3.46 -34.16 -31.81
C ILE A 381 -3.07 -35.49 -31.23
N VAL A 382 -1.88 -35.56 -30.67
CA VAL A 382 -1.43 -36.80 -30.08
C VAL A 382 -0.37 -36.57 -29.04
N ARG A 383 -0.51 -37.29 -27.94
CA ARG A 383 0.45 -37.24 -26.85
C ARG A 383 0.26 -38.54 -26.09
N GLY A 384 1.17 -38.83 -25.18
CA GLY A 384 1.07 -40.04 -24.41
C GLY A 384 0.92 -39.72 -22.94
N VAL A 385 0.45 -40.69 -22.17
CA VAL A 385 0.28 -40.49 -20.74
C VAL A 385 0.46 -41.79 -20.03
N THR A 386 1.58 -41.94 -19.33
CA THR A 386 1.78 -43.18 -18.62
C THR A 386 0.65 -43.33 -17.60
N LYS A 387 -0.22 -44.28 -17.91
CA LYS A 387 -1.38 -44.60 -17.09
C LYS A 387 -1.09 -44.51 -15.60
N GLY A 388 -2.14 -44.12 -14.87
CA GLY A 388 -2.05 -43.99 -13.43
C GLY A 388 -1.32 -42.79 -12.87
N SER A 389 -0.45 -42.14 -13.65
CA SER A 389 0.31 -41.02 -13.01
C SER A 389 0.52 -39.74 -13.80
N GLY A 390 -0.26 -38.73 -13.42
CA GLY A 390 -0.14 -37.43 -14.04
C GLY A 390 -1.12 -37.22 -15.18
N VAL A 391 -1.07 -36.02 -15.76
CA VAL A 391 -1.94 -35.69 -16.89
C VAL A 391 -1.12 -35.17 -18.04
N SER A 392 -1.71 -35.28 -19.23
CA SER A 392 -1.05 -34.81 -20.43
C SER A 392 -1.65 -33.45 -20.71
N ILE A 393 -0.93 -32.42 -20.30
CA ILE A 393 -1.38 -31.07 -20.49
C ILE A 393 -1.17 -30.68 -21.92
N THR A 394 -2.05 -29.81 -22.39
CA THR A 394 -1.99 -29.33 -23.75
C THR A 394 -2.23 -27.82 -23.77
N PRO A 395 -1.18 -27.03 -23.95
CA PRO A 395 -1.39 -25.59 -23.97
C PRO A 395 -2.50 -25.32 -24.97
N VAL A 396 -3.58 -24.72 -24.50
CA VAL A 396 -4.70 -24.42 -25.36
C VAL A 396 -5.14 -22.98 -25.20
N THR A 397 -5.92 -22.51 -26.17
CA THR A 397 -6.49 -21.18 -26.17
C THR A 397 -7.93 -21.43 -26.51
N VAL A 398 -8.86 -20.84 -25.77
CA VAL A 398 -10.25 -21.07 -26.07
C VAL A 398 -10.88 -19.79 -26.62
N GLY A 399 -11.97 -19.96 -27.38
CA GLY A 399 -12.66 -18.84 -27.98
C GLY A 399 -13.62 -18.10 -27.08
N ILE A 400 -13.69 -18.49 -25.81
CA ILE A 400 -14.57 -17.84 -24.87
C ILE A 400 -13.74 -16.90 -23.97
N ASP A 401 -14.32 -16.43 -22.88
CA ASP A 401 -13.64 -15.50 -21.98
C ASP A 401 -13.50 -16.00 -20.54
N THR A 402 -12.44 -15.54 -19.88
CA THR A 402 -12.15 -15.92 -18.50
C THR A 402 -12.51 -14.82 -17.49
N GLU A 403 -12.60 -15.20 -16.21
CA GLU A 403 -12.88 -14.23 -15.16
C GLU A 403 -11.60 -14.06 -14.40
N ALA A 404 -11.49 -12.96 -13.67
CA ALA A 404 -10.31 -12.65 -12.88
C ALA A 404 -9.92 -13.81 -11.99
N VAL A 405 -10.93 -14.57 -11.56
CA VAL A 405 -10.75 -15.73 -10.70
C VAL A 405 -9.31 -16.23 -10.58
N ASN A 406 -8.78 -16.23 -9.37
CA ASN A 406 -7.42 -16.71 -9.15
C ASN A 406 -7.37 -17.98 -8.30
N ARG A 407 -6.26 -18.70 -8.38
CA ARG A 407 -6.11 -19.91 -7.60
C ARG A 407 -5.49 -19.53 -6.26
N LEU A 408 -5.38 -20.47 -5.33
CA LEU A 408 -4.80 -20.15 -4.05
C LEU A 408 -3.58 -21.01 -3.78
N SER A 409 -2.40 -20.45 -4.02
CA SER A 409 -1.16 -21.16 -3.79
C SER A 409 -1.15 -21.62 -2.35
N ILE A 410 -1.36 -22.90 -2.11
CA ILE A 410 -1.39 -23.37 -0.75
C ILE A 410 -0.41 -24.45 -0.42
N GLU A 411 0.44 -24.14 0.55
CA GLU A 411 1.44 -25.10 1.01
C GLU A 411 0.70 -26.36 1.38
N MET A 412 1.26 -27.50 1.03
CA MET A 412 0.61 -28.77 1.31
C MET A 412 1.08 -29.42 2.60
N PRO A 413 0.23 -29.42 3.62
CA PRO A 413 0.54 -30.01 4.93
C PRO A 413 1.20 -31.38 4.90
N ALA A 414 2.44 -31.46 5.41
CA ALA A 414 3.22 -32.69 5.46
C ALA A 414 2.41 -33.94 5.17
N LEU A 415 2.51 -34.43 3.95
CA LEU A 415 1.77 -35.61 3.54
C LEU A 415 2.46 -36.89 3.95
N THR A 416 3.72 -36.80 4.35
CA THR A 416 4.42 -38.00 4.76
C THR A 416 4.48 -38.12 6.27
N THR A 417 4.18 -39.32 6.75
CA THR A 417 4.20 -39.67 8.16
C THR A 417 5.56 -39.24 8.73
N GLU A 418 6.52 -39.13 7.84
CA GLU A 418 7.87 -38.73 8.16
C GLU A 418 7.86 -37.32 8.73
N GLU A 419 7.90 -36.34 7.83
CA GLU A 419 7.92 -34.92 8.16
C GLU A 419 7.02 -34.55 9.32
N VAL A 420 5.79 -35.06 9.30
CA VAL A 420 4.84 -34.75 10.36
C VAL A 420 5.47 -34.81 11.73
N THR A 421 6.23 -35.86 11.97
CA THR A 421 6.92 -36.00 13.23
C THR A 421 8.02 -34.95 13.19
N THR A 422 8.91 -35.09 12.21
CA THR A 422 10.05 -34.20 12.01
C THR A 422 9.67 -32.71 11.90
N ASN A 423 8.38 -32.35 12.01
CA ASN A 423 7.98 -30.93 11.88
C ASN A 423 6.98 -30.43 12.90
N VAL A 424 6.05 -31.30 13.30
CA VAL A 424 5.02 -30.93 14.26
C VAL A 424 5.26 -31.69 15.54
N PRO A 425 5.79 -31.02 16.57
CA PRO A 425 6.08 -31.63 17.85
C PRO A 425 4.82 -31.82 18.69
N LYS A 426 3.80 -31.03 18.41
CA LYS A 426 2.55 -31.15 19.13
C LYS A 426 1.61 -31.92 18.23
N TYR A 427 2.08 -33.05 17.81
CA TYR A 427 1.35 -33.96 17.01
C TYR A 427 1.24 -35.18 17.88
N GLU A 428 0.28 -36.04 17.59
CA GLU A 428 0.13 -37.23 18.38
C GLU A 428 0.02 -38.43 17.48
N GLN A 429 0.03 -39.60 18.09
CA GLN A 429 -0.03 -40.84 17.34
C GLN A 429 -0.33 -41.98 18.29
N PHE A 430 -1.35 -42.76 17.95
CA PHE A 430 -1.68 -43.90 18.77
C PHE A 430 -2.05 -45.01 17.84
N LEU A 431 -2.30 -46.16 18.43
CA LEU A 431 -2.72 -47.26 17.61
C LEU A 431 -4.23 -47.07 17.52
N CYS A 432 -4.77 -47.51 16.40
CA CYS A 432 -6.18 -47.42 16.16
C CYS A 432 -6.90 -48.37 17.09
N LYS A 433 -6.22 -49.41 17.54
CA LYS A 433 -6.89 -50.34 18.43
C LYS A 433 -7.25 -49.70 19.76
N GLU A 434 -6.28 -49.06 20.43
CA GLU A 434 -6.58 -48.43 21.70
C GLU A 434 -7.31 -47.12 21.47
N SER A 435 -6.70 -46.24 20.69
CA SER A 435 -7.32 -44.97 20.37
C SER A 435 -8.32 -45.23 19.26
N GLY A 436 -9.59 -45.44 19.63
CA GLY A 436 -10.64 -45.71 18.67
C GLY A 436 -10.70 -44.80 17.45
N GLY A 437 -9.53 -44.46 16.92
CA GLY A 437 -9.45 -43.59 15.78
C GLY A 437 -8.63 -42.38 16.18
N ALA A 438 -8.89 -41.26 15.54
CA ALA A 438 -8.17 -40.03 15.82
C ALA A 438 -9.14 -38.88 15.76
N TYR A 439 -9.03 -37.99 16.73
CA TYR A 439 -9.92 -36.84 16.82
C TYR A 439 -9.08 -35.58 16.84
N ILE A 440 -9.32 -34.68 15.90
CA ILE A 440 -8.55 -33.45 15.87
C ILE A 440 -9.44 -32.24 16.06
N VAL A 441 -8.91 -31.27 16.78
CA VAL A 441 -9.65 -30.05 17.03
C VAL A 441 -8.89 -28.87 16.43
N HIS A 442 -9.41 -28.35 15.33
CA HIS A 442 -8.78 -27.22 14.68
C HIS A 442 -8.92 -26.00 15.55
N TYR A 443 -7.95 -25.07 15.44
CA TYR A 443 -8.02 -23.83 16.23
C TYR A 443 -7.35 -22.64 15.56
N LYS A 444 -7.79 -21.45 15.94
CA LYS A 444 -7.21 -20.24 15.41
C LYS A 444 -5.75 -20.27 15.70
N MET A 445 -4.92 -20.55 14.69
CA MET A 445 -3.50 -20.58 14.93
C MET A 445 -2.84 -19.40 14.23
N ASN A 446 -3.35 -19.04 13.06
CA ASN A 446 -2.82 -17.95 12.25
C ASN A 446 -2.66 -16.66 13.05
N ASN A 447 -3.74 -15.95 13.32
CA ASN A 447 -3.53 -14.74 14.09
C ASN A 447 -4.22 -14.84 15.43
N PRO A 448 -3.63 -14.21 16.47
CA PRO A 448 -4.05 -14.14 17.87
C PRO A 448 -5.46 -13.64 18.15
N VAL A 449 -6.17 -13.29 17.09
CA VAL A 449 -7.54 -12.81 17.21
C VAL A 449 -8.38 -13.47 16.13
N PHE A 450 -9.70 -13.42 16.29
CA PHE A 450 -10.58 -14.03 15.31
C PHE A 450 -10.91 -13.13 14.15
N GLU A 451 -9.88 -12.74 13.40
CA GLU A 451 -10.09 -11.88 12.26
C GLU A 451 -11.13 -12.52 11.36
N MET A 452 -11.75 -11.70 10.52
CA MET A 452 -12.76 -12.21 9.61
C MET A 452 -12.09 -12.62 8.32
N THR A 453 -12.45 -13.81 7.83
CA THR A 453 -11.88 -14.28 6.59
C THR A 453 -12.93 -14.15 5.52
N GLY A 454 -12.81 -13.11 4.71
CA GLY A 454 -13.77 -12.92 3.65
C GLY A 454 -13.13 -13.08 2.30
N GLU A 455 -13.93 -12.83 1.27
CA GLU A 455 -13.52 -12.86 -0.13
C GLU A 455 -12.00 -12.87 -0.35
N GLU A 456 -11.30 -11.97 0.35
CA GLU A 456 -9.85 -11.78 0.27
C GLU A 456 -9.04 -13.01 -0.13
N ASN A 457 -9.34 -14.17 0.46
CA ASN A 457 -8.63 -15.38 0.07
C ASN A 457 -9.57 -16.52 -0.28
N PHE A 458 -10.29 -16.31 -1.37
CA PHE A 458 -11.21 -17.29 -1.92
C PHE A 458 -10.73 -17.58 -3.32
N GLY A 459 -10.81 -18.83 -3.72
CA GLY A 459 -10.36 -19.17 -5.07
C GLY A 459 -10.00 -20.63 -5.17
N GLY A 460 -9.77 -21.08 -6.40
CA GLY A 460 -9.42 -22.47 -6.61
C GLY A 460 -8.03 -22.76 -6.11
N PHE A 461 -7.91 -23.23 -4.86
CA PHE A 461 -6.57 -23.48 -4.40
C PHE A 461 -5.91 -24.60 -5.12
N GLN A 462 -4.66 -24.39 -5.35
CA GLN A 462 -3.78 -25.33 -5.98
C GLN A 462 -2.65 -25.45 -5.00
N PHE A 463 -2.47 -26.64 -4.45
CA PHE A 463 -1.43 -26.83 -3.46
C PHE A 463 -0.06 -26.97 -4.08
N HIS A 464 0.91 -26.33 -3.44
CA HIS A 464 2.28 -26.38 -3.88
C HIS A 464 2.97 -27.08 -2.74
N TYR A 465 4.15 -27.61 -3.00
CA TYR A 465 4.86 -28.34 -1.98
C TYR A 465 6.25 -28.63 -2.51
N PRO A 466 7.23 -28.81 -1.60
CA PRO A 466 8.55 -29.10 -2.13
C PRO A 466 8.47 -30.32 -3.06
N GLY A 467 9.30 -30.33 -4.08
CA GLY A 467 9.25 -31.43 -5.01
C GLY A 467 8.23 -31.14 -6.11
N TYR A 468 7.00 -30.78 -5.74
CA TYR A 468 5.98 -30.53 -6.76
C TYR A 468 6.34 -29.42 -7.74
N ASP A 469 6.40 -29.79 -9.01
CA ASP A 469 6.74 -28.88 -10.10
C ASP A 469 5.49 -28.23 -10.69
N PRO A 470 5.35 -26.91 -10.48
CA PRO A 470 4.23 -26.09 -10.96
C PRO A 470 3.90 -26.37 -12.42
N GLU A 471 4.92 -26.81 -13.13
CA GLU A 471 4.85 -27.17 -14.53
C GLU A 471 3.59 -28.02 -14.72
N ASN A 472 3.40 -28.97 -13.82
CA ASN A 472 2.26 -29.87 -13.88
C ASN A 472 0.91 -29.24 -13.63
N ASN A 473 0.88 -27.97 -13.28
CA ASN A 473 -0.40 -27.33 -12.99
C ASN A 473 -1.16 -27.02 -14.29
N ALA A 474 -2.47 -27.17 -14.23
CA ALA A 474 -3.32 -26.92 -15.38
C ALA A 474 -3.14 -25.47 -15.76
N LEU A 475 -4.19 -24.84 -16.26
CA LEU A 475 -4.06 -23.45 -16.61
C LEU A 475 -5.33 -22.68 -16.36
N GLY A 476 -6.44 -23.41 -16.20
CA GLY A 476 -7.70 -22.72 -15.99
C GLY A 476 -8.17 -22.74 -14.55
N LEU A 477 -9.45 -22.46 -14.34
CA LEU A 477 -9.99 -22.47 -13.00
C LEU A 477 -10.25 -23.91 -12.59
N ARG A 478 -9.29 -24.48 -11.86
CA ARG A 478 -9.37 -25.86 -11.41
C ARG A 478 -9.20 -25.95 -9.92
N GLY A 479 -9.12 -27.18 -9.46
CA GLY A 479 -8.95 -27.43 -8.05
C GLY A 479 -10.23 -27.17 -7.29
N ILE A 480 -10.13 -27.40 -5.98
CA ILE A 480 -11.23 -27.19 -5.07
C ILE A 480 -11.33 -25.70 -4.94
N VAL A 481 -12.44 -25.15 -5.37
CA VAL A 481 -12.59 -23.72 -5.27
C VAL A 481 -13.40 -23.43 -4.05
N ASP A 482 -12.83 -22.62 -3.16
CA ASP A 482 -13.54 -22.27 -1.94
C ASP A 482 -12.75 -21.21 -1.18
N THR A 483 -13.23 -20.87 0.00
CA THR A 483 -12.58 -19.88 0.82
C THR A 483 -11.78 -20.56 1.91
N PHE A 484 -10.71 -19.93 2.32
CA PHE A 484 -9.84 -20.51 3.32
C PHE A 484 -9.87 -19.66 4.58
N GLU A 485 -9.95 -20.31 5.74
CA GLU A 485 -9.97 -19.58 7.00
C GLU A 485 -8.57 -19.01 7.26
N ASN A 486 -8.46 -17.70 7.07
CA ASN A 486 -7.22 -16.97 7.27
C ASN A 486 -6.74 -17.12 8.70
N ASN A 487 -7.38 -17.96 9.49
CA ASN A 487 -6.98 -18.12 10.89
C ASN A 487 -6.68 -19.54 11.34
N PHE A 488 -7.67 -20.41 11.21
CA PHE A 488 -7.52 -21.78 11.64
C PHE A 488 -6.43 -22.58 10.99
N SER A 489 -5.77 -23.37 11.83
CA SER A 489 -4.70 -24.22 11.38
C SER A 489 -5.36 -25.35 10.61
N SER A 490 -4.67 -25.81 9.61
CA SER A 490 -5.13 -26.93 8.86
C SER A 490 -4.48 -28.11 9.55
N ALA A 491 -5.04 -29.29 9.39
CA ALA A 491 -4.47 -30.45 10.03
C ALA A 491 -4.56 -31.67 9.13
N VAL A 492 -3.62 -32.59 9.31
CA VAL A 492 -3.59 -33.80 8.53
C VAL A 492 -3.45 -34.97 9.48
N VAL A 493 -4.06 -36.08 9.09
CA VAL A 493 -4.01 -37.29 9.89
C VAL A 493 -3.74 -38.46 8.99
N HIS A 494 -2.64 -39.14 9.25
CA HIS A 494 -2.26 -40.28 8.44
C HIS A 494 -2.52 -41.57 9.15
N PHE A 495 -3.27 -42.46 8.51
CA PHE A 495 -3.52 -43.78 9.07
C PHE A 495 -2.61 -44.68 8.27
N TRP A 496 -1.92 -45.58 8.93
CA TRP A 496 -1.01 -46.42 8.20
C TRP A 496 -1.33 -47.92 8.13
N GLY A 497 -1.23 -48.60 9.26
CA GLY A 497 -1.48 -50.03 9.26
C GLY A 497 -2.93 -50.50 9.20
N ILE A 498 -3.82 -49.71 8.62
CA ILE A 498 -5.21 -50.09 8.54
C ILE A 498 -5.44 -51.31 7.66
N SER A 499 -6.48 -52.07 8.00
CA SER A 499 -6.86 -53.26 7.24
C SER A 499 -7.98 -52.89 6.33
N GLN A 500 -7.84 -53.27 5.07
CA GLN A 500 -8.86 -52.98 4.07
C GLN A 500 -10.24 -53.29 4.62
N SER A 501 -10.28 -54.27 5.51
CA SER A 501 -11.52 -54.69 6.11
C SER A 501 -11.99 -53.68 7.17
N ALA A 502 -11.38 -52.51 7.15
CA ALA A 502 -11.75 -51.45 8.08
C ALA A 502 -12.20 -50.21 7.29
N THR A 503 -13.07 -49.41 7.90
CA THR A 503 -13.56 -48.18 7.29
C THR A 503 -13.49 -47.08 8.30
N ILE A 504 -13.03 -45.91 7.89
CA ILE A 504 -12.95 -44.81 8.84
C ILE A 504 -14.12 -43.87 8.77
N VAL A 505 -14.95 -43.97 9.81
CA VAL A 505 -16.11 -43.14 9.95
C VAL A 505 -15.58 -41.78 10.31
N CYS A 506 -16.19 -40.73 9.79
CA CYS A 506 -15.71 -39.41 10.11
C CYS A 506 -16.80 -38.49 10.60
N LYS A 507 -16.82 -38.31 11.89
CA LYS A 507 -17.73 -37.36 12.50
C LYS A 507 -17.08 -36.03 12.30
N THR A 508 -17.81 -35.05 11.80
CA THR A 508 -17.20 -33.75 11.54
C THR A 508 -17.97 -32.56 12.12
N TYR A 509 -17.76 -32.25 13.40
CA TYR A 509 -18.44 -31.10 13.96
C TYR A 509 -17.62 -29.88 13.58
N ASP A 510 -18.06 -29.18 12.54
CA ASP A 510 -17.37 -27.97 12.07
C ASP A 510 -18.43 -26.89 12.00
N GLY A 511 -18.14 -25.77 12.67
CA GLY A 511 -19.08 -24.68 12.69
C GLY A 511 -18.47 -23.32 12.46
N TRP A 512 -18.96 -22.65 11.43
CA TRP A 512 -18.48 -21.33 11.05
C TRP A 512 -19.54 -20.30 11.43
N GLU A 513 -19.15 -19.03 11.36
CA GLU A 513 -20.05 -17.93 11.66
C GLU A 513 -19.70 -16.84 10.66
N GLY A 514 -20.67 -16.39 9.88
CA GLY A 514 -20.39 -15.37 8.90
C GLY A 514 -21.50 -14.36 8.83
N THR A 515 -21.47 -13.53 7.78
CA THR A 515 -22.47 -12.50 7.57
C THR A 515 -23.06 -12.60 6.19
N THR A 516 -24.35 -12.32 6.07
CA THR A 516 -25.00 -12.46 4.80
C THR A 516 -25.13 -11.14 4.06
N ASN A 517 -25.04 -11.22 2.74
CA ASN A 517 -25.16 -10.04 1.91
C ASN A 517 -26.37 -10.14 1.02
N ALA A 518 -26.59 -11.32 0.45
CA ALA A 518 -27.72 -11.58 -0.44
C ALA A 518 -28.13 -13.02 -0.29
N GLY A 519 -29.43 -13.28 -0.26
CA GLY A 519 -29.90 -14.64 -0.12
C GLY A 519 -31.36 -14.57 0.22
N SER A 520 -32.04 -15.69 0.20
CA SER A 520 -33.46 -15.64 0.52
C SER A 520 -33.70 -16.49 1.74
N THR A 521 -32.73 -17.32 2.08
CA THR A 521 -32.95 -18.22 3.17
C THR A 521 -32.15 -18.02 4.45
N VAL A 522 -30.84 -17.87 4.31
CA VAL A 522 -30.00 -17.75 5.47
C VAL A 522 -30.28 -16.53 6.35
N GLY A 523 -30.47 -15.37 5.72
CA GLY A 523 -30.73 -14.15 6.45
C GLY A 523 -31.53 -14.28 7.72
N GLN A 524 -32.73 -14.83 7.61
CA GLN A 524 -33.60 -14.98 8.76
C GLN A 524 -32.99 -15.59 10.02
N PHE A 525 -31.78 -16.15 9.91
CA PHE A 525 -31.14 -16.79 11.06
C PHE A 525 -30.05 -15.97 11.67
N ALA A 526 -29.76 -14.84 11.05
CA ALA A 526 -28.71 -13.97 11.55
C ALA A 526 -29.24 -13.15 12.70
N HIS A 527 -28.48 -13.14 13.78
CA HIS A 527 -28.83 -12.40 14.96
C HIS A 527 -27.65 -11.55 15.34
N THR A 528 -27.36 -11.43 16.63
CA THR A 528 -26.23 -10.61 17.01
C THR A 528 -24.99 -11.44 17.27
N GLY A 529 -23.85 -10.87 16.91
CA GLY A 529 -22.59 -11.56 17.11
C GLY A 529 -22.49 -11.71 18.61
N ALA A 530 -21.93 -12.83 19.06
CA ALA A 530 -21.80 -13.08 20.50
C ALA A 530 -21.06 -11.95 21.19
N GLU A 531 -21.58 -11.52 22.33
CA GLU A 531 -20.98 -10.43 23.07
C GLU A 531 -19.51 -10.68 23.37
N GLU A 532 -18.74 -9.61 23.50
CA GLU A 532 -17.33 -9.77 23.80
C GLU A 532 -17.15 -10.47 25.14
N GLU A 533 -16.79 -11.75 25.10
CA GLU A 533 -16.56 -12.49 26.33
C GLU A 533 -15.08 -12.69 26.59
N ASP A 534 -14.36 -11.60 26.40
CA ASP A 534 -12.93 -11.49 26.58
C ASP A 534 -12.27 -12.47 27.54
N GLU A 535 -12.88 -12.67 28.69
CA GLU A 535 -12.33 -13.57 29.70
C GLU A 535 -12.19 -15.01 29.20
N VAL A 536 -13.25 -15.52 28.58
CA VAL A 536 -13.28 -16.89 28.07
C VAL A 536 -12.36 -17.04 26.87
N VAL A 537 -12.69 -16.31 25.81
CA VAL A 537 -11.90 -16.32 24.60
C VAL A 537 -10.46 -16.39 25.07
N GLN A 538 -10.13 -15.51 25.99
CA GLN A 538 -8.80 -15.44 26.56
C GLN A 538 -8.26 -16.84 26.74
N LEU A 539 -8.68 -17.47 27.82
CA LEU A 539 -8.26 -18.83 28.15
C LEU A 539 -8.46 -19.79 26.99
N ALA A 540 -9.56 -19.62 26.26
CA ALA A 540 -9.85 -20.50 25.16
C ALA A 540 -8.61 -20.82 24.35
N ASN A 541 -8.19 -19.92 23.48
CA ASN A 541 -7.00 -20.18 22.66
C ASN A 541 -5.75 -20.35 23.51
N ARG A 542 -5.90 -20.19 24.83
CA ARG A 542 -4.76 -20.36 25.72
C ARG A 542 -4.59 -21.86 25.81
N LEU A 543 -5.69 -22.55 26.08
CA LEU A 543 -5.69 -24.00 26.18
C LEU A 543 -5.35 -24.61 24.83
N GLN A 544 -6.18 -24.33 23.84
CA GLN A 544 -5.91 -24.85 22.52
C GLN A 544 -4.42 -24.76 22.26
N MET A 545 -3.82 -23.64 22.67
CA MET A 545 -2.39 -23.41 22.48
C MET A 545 -1.56 -24.55 23.05
N GLU A 546 -1.41 -24.54 24.37
CA GLU A 546 -0.65 -25.55 25.09
C GLU A 546 -1.15 -26.96 24.81
N LEU A 547 -2.14 -27.08 23.95
CA LEU A 547 -2.70 -28.38 23.65
C LEU A 547 -2.55 -28.90 22.24
N THR A 548 -2.27 -30.20 22.12
CA THR A 548 -2.13 -30.84 20.82
C THR A 548 -3.46 -30.80 20.13
N GLY A 549 -3.53 -30.25 18.92
CA GLY A 549 -4.80 -30.19 18.23
C GLY A 549 -5.30 -31.56 17.83
N VAL A 550 -4.48 -32.56 18.16
CA VAL A 550 -4.79 -33.95 17.87
C VAL A 550 -5.19 -34.60 19.17
N TYR A 551 -5.96 -35.68 19.10
CA TYR A 551 -6.37 -36.37 20.31
C TYR A 551 -6.86 -37.77 19.96
N GLN A 552 -6.95 -38.64 20.98
CA GLN A 552 -7.49 -39.97 20.82
C GLN A 552 -8.96 -39.78 20.48
N ALA A 553 -9.43 -40.43 19.43
CA ALA A 553 -10.82 -40.30 19.05
C ALA A 553 -11.70 -40.46 20.28
N ASP A 554 -11.63 -41.63 20.90
CA ASP A 554 -12.39 -41.93 22.09
C ASP A 554 -12.37 -40.80 23.10
N ASP A 555 -11.58 -39.77 22.84
CA ASP A 555 -11.58 -38.66 23.77
C ASP A 555 -12.41 -37.51 23.24
N ASN A 556 -13.48 -37.85 22.52
CA ASN A 556 -14.38 -36.84 21.98
C ASN A 556 -15.80 -37.06 22.51
N PHE B 1 -12.05 -40.26 27.36
CA PHE B 1 -12.91 -40.09 28.54
C PHE B 1 -14.09 -39.13 28.26
N ALA B 2 -15.05 -39.60 27.45
CA ALA B 2 -16.26 -38.84 27.06
C ALA B 2 -15.91 -37.39 26.74
N GLY B 3 -14.84 -37.24 25.96
CA GLY B 3 -14.40 -35.91 25.59
C GLY B 3 -13.53 -35.34 26.68
N THR B 4 -12.42 -36.02 26.96
CA THR B 4 -11.48 -35.60 28.00
C THR B 4 -11.32 -34.09 27.91
N VAL B 5 -11.06 -33.65 26.69
CA VAL B 5 -10.85 -32.24 26.40
C VAL B 5 -11.98 -31.42 27.03
N SER B 6 -13.21 -31.82 26.74
CA SER B 6 -14.37 -31.12 27.26
C SER B 6 -14.21 -30.87 28.75
N ALA B 7 -14.20 -31.94 29.55
CA ALA B 7 -14.05 -31.80 30.99
C ALA B 7 -12.81 -30.99 31.31
N LEU B 8 -11.69 -31.43 30.73
CA LEU B 8 -10.43 -30.74 30.93
C LEU B 8 -10.62 -29.23 30.86
N ALA B 9 -11.66 -28.81 30.14
CA ALA B 9 -11.95 -27.40 30.00
C ALA B 9 -12.85 -26.96 31.14
N SER B 10 -13.96 -27.68 31.31
CA SER B 10 -14.93 -27.40 32.37
C SER B 10 -14.17 -26.99 33.61
N ILE B 11 -13.10 -27.74 33.88
CA ILE B 11 -12.24 -27.49 35.03
C ILE B 11 -11.57 -26.14 34.88
N GLY B 12 -10.97 -25.94 33.72
CA GLY B 12 -10.32 -24.67 33.48
C GLY B 12 -11.29 -23.51 33.50
N LEU B 13 -12.47 -23.72 32.91
CA LEU B 13 -13.49 -22.68 32.85
C LEU B 13 -14.14 -22.55 34.21
N GLY B 14 -14.28 -23.69 34.89
CA GLY B 14 -14.87 -23.67 36.20
C GLY B 14 -14.08 -22.72 37.09
N LEU B 15 -12.80 -23.03 37.29
CA LEU B 15 -11.93 -22.20 38.10
C LEU B 15 -12.10 -20.75 37.73
N LEU B 16 -11.96 -20.47 36.43
CA LEU B 16 -12.08 -19.13 35.91
C LEU B 16 -13.17 -18.29 36.57
N GLY B 17 -14.43 -18.56 36.21
CA GLY B 17 -15.54 -17.82 36.75
C GLY B 17 -15.51 -17.57 38.24
N LYS B 18 -15.37 -18.65 39.00
CA LYS B 18 -15.29 -18.58 40.44
C LYS B 18 -13.91 -18.09 40.90
N SER B 19 -13.42 -17.06 40.22
CA SER B 19 -12.11 -16.44 40.51
C SER B 19 -11.80 -15.28 39.58
N SER B 20 -11.24 -14.20 40.14
CA SER B 20 -10.91 -13.01 39.35
C SER B 20 -10.40 -13.38 37.97
N ALA B 21 -10.54 -12.45 37.03
CA ALA B 21 -10.10 -12.72 35.66
C ALA B 21 -8.75 -12.11 35.30
N THR B 22 -7.89 -11.96 36.30
CA THR B 22 -6.56 -11.41 36.05
C THR B 22 -6.05 -12.04 34.76
N PRO B 23 -5.65 -11.21 33.80
CA PRO B 23 -5.13 -11.69 32.52
C PRO B 23 -3.98 -12.64 32.80
N SER B 24 -3.38 -12.47 33.98
CA SER B 24 -2.28 -13.29 34.40
C SER B 24 -2.82 -14.46 35.22
N VAL B 25 -3.94 -14.25 35.90
CA VAL B 25 -4.53 -15.33 36.68
C VAL B 25 -4.73 -16.45 35.67
N ILE B 26 -5.64 -16.16 34.75
CA ILE B 26 -6.01 -17.06 33.68
C ILE B 26 -4.90 -18.05 33.32
N LYS B 27 -3.76 -17.54 32.87
CA LYS B 27 -2.63 -18.39 32.53
C LYS B 27 -2.52 -19.53 33.54
N GLY B 28 -2.20 -19.19 34.78
CA GLY B 28 -2.08 -20.20 35.83
C GLY B 28 -3.23 -21.18 35.88
N ILE B 29 -4.41 -20.72 35.47
CA ILE B 29 -5.61 -21.55 35.45
C ILE B 29 -5.51 -22.50 34.28
N ALA B 30 -5.25 -21.93 33.11
CA ALA B 30 -5.12 -22.71 31.89
C ALA B 30 -4.00 -23.69 32.12
N GLN B 31 -3.02 -23.26 32.89
CA GLN B 31 -1.89 -24.09 33.19
C GLN B 31 -2.24 -25.13 34.23
N GLN B 32 -3.14 -24.78 35.12
CA GLN B 32 -3.58 -25.74 36.11
C GLN B 32 -4.55 -26.70 35.47
N ALA B 33 -5.35 -26.17 34.54
CA ALA B 33 -6.32 -26.96 33.81
C ALA B 33 -5.71 -28.29 33.40
N VAL B 34 -4.39 -28.33 33.35
CA VAL B 34 -3.71 -29.55 32.96
C VAL B 34 -2.48 -29.86 33.82
N GLY B 35 -1.43 -29.04 33.71
CA GLY B 35 -0.19 -29.26 34.44
C GLY B 35 0.03 -28.59 35.79
N ALA B 36 0.55 -27.37 35.80
CA ALA B 36 0.85 -26.66 37.06
C ALA B 36 -0.35 -26.21 37.91
N VAL B 37 -0.63 -26.96 38.97
CA VAL B 37 -1.73 -26.63 39.90
C VAL B 37 -1.34 -25.35 40.65
N GLN B 38 -1.87 -24.22 40.19
CA GLN B 38 -1.55 -22.91 40.75
C GLN B 38 -1.88 -22.62 42.23
N ALA B 39 -0.94 -21.91 42.87
CA ALA B 39 -0.95 -21.45 44.27
C ALA B 39 -0.80 -19.91 44.36
N GLN C 73 2.91 -10.33 44.16
CA GLN C 73 2.82 -11.13 42.90
C GLN C 73 1.74 -10.61 41.95
N SER C 74 2.11 -9.69 41.07
CA SER C 74 1.14 -9.16 40.11
C SER C 74 1.01 -10.10 38.94
N ILE C 75 2.17 -10.49 38.43
CA ILE C 75 2.24 -11.37 37.27
C ILE C 75 3.62 -11.97 37.27
N ASP C 76 3.76 -13.17 36.70
CA ASP C 76 5.08 -13.75 36.64
C ASP C 76 5.30 -14.27 35.24
N PRO C 77 5.98 -13.49 34.43
CA PRO C 77 6.20 -13.99 33.09
C PRO C 77 7.41 -14.88 33.16
N SER C 78 7.43 -15.89 32.30
CA SER C 78 8.54 -16.80 32.24
C SER C 78 9.64 -16.10 31.46
N GLU C 79 10.87 -16.50 31.70
CA GLU C 79 12.03 -15.93 31.05
C GLU C 79 11.76 -15.66 29.57
N GLY C 80 11.35 -16.69 28.86
CA GLY C 80 11.07 -16.54 27.43
C GLY C 80 10.24 -15.32 27.04
N ALA C 81 9.57 -14.72 28.02
CA ALA C 81 8.77 -13.53 27.77
C ALA C 81 9.70 -12.35 28.01
N VAL C 82 10.14 -12.25 29.25
CA VAL C 82 11.08 -11.21 29.63
C VAL C 82 12.11 -11.12 28.53
N GLY C 83 12.95 -12.14 28.44
CA GLY C 83 13.98 -12.20 27.44
C GLY C 83 13.44 -11.66 26.15
N TRP C 84 12.19 -12.00 25.84
CA TRP C 84 11.55 -11.53 24.61
C TRP C 84 11.28 -10.04 24.68
N PHE C 85 10.49 -9.67 25.66
CA PHE C 85 10.17 -8.28 25.89
C PHE C 85 11.41 -7.45 25.61
N TYR C 86 12.40 -7.59 26.48
CA TYR C 86 13.65 -6.86 26.37
C TYR C 86 14.24 -6.86 24.99
N LYS C 87 14.07 -7.95 24.28
CA LYS C 87 14.61 -8.06 22.93
C LYS C 87 13.80 -7.26 21.92
N TYR C 88 12.50 -7.51 21.87
CA TYR C 88 11.61 -6.79 20.97
C TYR C 88 11.67 -5.32 21.38
N MET C 89 12.61 -5.02 22.25
CA MET C 89 12.81 -3.68 22.78
C MET C 89 14.23 -3.17 22.51
N ASP C 90 15.21 -3.88 23.05
CA ASP C 90 16.61 -3.50 22.91
C ASP C 90 17.33 -4.80 22.59
N PRO C 91 17.04 -5.38 21.41
CA PRO C 91 17.62 -6.63 20.91
C PRO C 91 19.14 -6.73 21.00
N ALA C 92 19.76 -5.65 21.47
CA ALA C 92 21.20 -5.58 21.63
C ALA C 92 21.48 -5.55 23.12
N GLY C 93 20.88 -4.56 23.78
CA GLY C 93 21.04 -4.42 25.22
C GLY C 93 20.44 -5.65 25.86
N ALA C 94 19.41 -6.18 25.23
CA ALA C 94 18.79 -7.39 25.74
C ALA C 94 19.93 -8.36 25.98
N VAL C 95 20.55 -8.80 24.89
CA VAL C 95 21.67 -9.74 24.94
C VAL C 95 22.80 -9.14 25.76
N GLU C 96 23.28 -7.97 25.34
CA GLU C 96 24.37 -7.27 26.01
C GLU C 96 24.15 -7.20 27.52
N SER C 97 22.92 -6.88 27.89
CA SER C 97 22.54 -6.76 29.27
C SER C 97 22.12 -8.11 29.84
N GLY C 98 22.48 -9.19 29.14
CA GLY C 98 22.11 -10.51 29.61
C GLY C 98 20.62 -10.57 29.93
N LYS C 99 19.91 -9.49 29.63
CA LYS C 99 18.48 -9.40 29.87
C LYS C 99 17.73 -10.32 28.94
N ALA C 100 18.38 -10.71 27.86
CA ALA C 100 17.76 -11.63 26.93
C ALA C 100 17.97 -13.01 27.50
N LEU C 101 16.89 -13.65 27.89
CA LEU C 101 16.98 -14.97 28.47
C LEU C 101 15.78 -15.81 28.06
N GLY C 102 15.90 -17.12 28.22
CA GLY C 102 14.82 -18.01 27.84
C GLY C 102 14.71 -18.09 26.33
N GLU C 103 13.71 -18.83 25.84
CA GLU C 103 13.51 -18.94 24.40
C GLU C 103 12.78 -17.65 24.01
N PHE C 104 13.55 -16.57 23.90
CA PHE C 104 13.05 -15.25 23.59
C PHE C 104 12.57 -14.94 22.18
N SER C 105 12.82 -15.81 21.21
CA SER C 105 12.37 -15.53 19.84
C SER C 105 10.88 -15.73 19.68
N LYS C 106 10.24 -16.27 20.71
CA LYS C 106 8.81 -16.52 20.70
C LYS C 106 8.08 -15.39 21.40
N VAL C 107 7.08 -14.83 20.72
CA VAL C 107 6.27 -13.74 21.25
C VAL C 107 5.29 -14.35 22.25
N PRO C 108 5.38 -13.96 23.53
CA PRO C 108 4.52 -14.45 24.60
C PRO C 108 3.06 -14.08 24.45
N ASP C 109 2.55 -14.16 23.23
CA ASP C 109 1.15 -13.84 22.97
C ASP C 109 0.35 -15.11 23.12
N GLY C 110 1.05 -16.25 23.10
CA GLY C 110 0.39 -17.53 23.23
C GLY C 110 -0.63 -17.74 22.12
N LEU C 111 -0.12 -17.99 20.92
CA LEU C 111 -0.99 -18.17 19.76
C LEU C 111 -0.69 -19.45 19.00
N LEU C 112 0.34 -20.17 19.44
CA LEU C 112 0.69 -21.37 18.72
C LEU C 112 0.81 -22.64 19.52
N ARG C 113 0.38 -23.73 18.89
CA ARG C 113 0.46 -25.04 19.49
C ARG C 113 1.95 -25.28 19.56
N TYR C 114 2.59 -25.15 18.40
CA TYR C 114 4.01 -25.35 18.25
C TYR C 114 4.60 -24.25 17.42
N SER C 115 5.88 -23.99 17.58
CA SER C 115 6.51 -22.94 16.80
C SER C 115 8.02 -23.04 16.88
N VAL C 116 8.67 -22.64 15.80
CA VAL C 116 10.11 -22.62 15.74
C VAL C 116 10.46 -21.15 15.75
N ASP C 117 11.13 -20.72 16.81
CA ASP C 117 11.55 -19.34 17.00
C ASP C 117 13.02 -19.33 16.64
N ALA C 118 13.54 -18.20 16.19
CA ALA C 118 14.94 -18.15 15.81
C ALA C 118 15.48 -16.74 15.74
N GLU C 119 16.79 -16.59 15.97
CA GLU C 119 17.41 -15.28 15.92
C GLU C 119 18.68 -15.26 15.11
N GLN C 120 18.64 -14.63 13.93
CA GLN C 120 19.80 -14.51 13.06
C GLN C 120 20.51 -13.20 13.38
N ARG C 121 21.80 -13.27 13.71
CA ARG C 121 22.53 -12.07 14.06
C ARG C 121 23.66 -11.79 13.07
N PRO C 122 23.29 -11.35 11.87
CA PRO C 122 24.32 -11.05 10.88
C PRO C 122 25.05 -9.81 11.28
N ILE C 123 26.37 -9.82 11.06
CA ILE C 123 27.22 -8.68 11.36
C ILE C 123 27.94 -8.42 10.05
N VAL C 124 27.39 -7.54 9.23
CA VAL C 124 28.02 -7.26 7.96
C VAL C 124 28.65 -5.89 8.05
N THR C 125 29.89 -5.80 7.59
CA THR C 125 30.62 -4.54 7.63
C THR C 125 30.50 -3.84 6.28
N ILE C 126 29.36 -3.17 6.10
CA ILE C 126 29.07 -2.43 4.88
C ILE C 126 30.15 -1.40 4.61
N GLU C 127 31.15 -1.80 3.84
CA GLU C 127 32.24 -0.92 3.52
C GLU C 127 31.86 -0.13 2.28
N CYS C 128 32.52 1.00 2.06
CA CYS C 128 32.25 1.84 0.90
C CYS C 128 32.42 1.00 -0.35
N PRO C 129 31.59 1.23 -1.38
CA PRO C 129 31.73 0.44 -2.61
C PRO C 129 33.16 0.29 -3.17
N THR C 130 33.75 1.37 -3.66
CA THR C 130 35.08 1.29 -4.23
C THR C 130 36.21 1.28 -3.24
N VAL C 131 36.08 0.51 -2.18
CA VAL C 131 37.13 0.50 -1.18
C VAL C 131 37.77 -0.82 -0.93
N SER C 132 39.03 -0.74 -0.50
CA SER C 132 39.82 -1.91 -0.20
C SER C 132 39.62 -2.29 1.27
N GLU C 133 38.92 -3.39 1.52
CA GLU C 133 38.68 -3.85 2.89
C GLU C 133 40.01 -4.10 3.55
N SER C 134 41.04 -4.12 2.71
CA SER C 134 42.41 -4.37 3.14
C SER C 134 43.15 -3.10 3.58
N ASP C 135 43.79 -2.46 2.60
CA ASP C 135 44.53 -1.22 2.83
C ASP C 135 43.55 -0.11 2.50
N LEU C 136 42.74 0.24 3.50
CA LEU C 136 41.78 1.29 3.30
C LEU C 136 42.60 2.56 3.18
N PRO C 137 42.22 3.46 2.27
CA PRO C 137 43.00 4.70 2.14
C PRO C 137 42.36 5.67 3.10
N LEU C 138 43.17 6.51 3.74
CA LEU C 138 42.60 7.48 4.65
C LEU C 138 42.24 8.66 3.77
N ASP C 139 41.53 8.29 2.69
CA ASP C 139 41.02 9.15 1.63
C ASP C 139 40.60 10.53 2.05
N GLY C 140 39.46 10.58 2.72
CA GLY C 140 38.94 11.86 3.14
C GLY C 140 37.91 12.24 2.10
N LYS C 141 37.52 11.26 1.30
CA LYS C 141 36.50 11.47 0.28
C LYS C 141 35.23 11.04 1.01
N LEU C 142 34.06 11.27 0.43
CA LEU C 142 32.81 10.92 1.10
C LEU C 142 32.01 9.80 0.47
N TRP C 143 30.74 9.72 0.85
CA TRP C 143 29.80 8.73 0.31
C TRP C 143 28.53 8.59 1.15
N ARG C 144 27.40 8.53 0.44
CA ARG C 144 26.07 8.38 1.03
C ARG C 144 25.81 6.90 1.10
N VAL C 145 25.10 6.47 2.12
CA VAL C 145 24.74 5.08 2.24
C VAL C 145 23.49 5.05 3.06
N SER C 146 22.42 4.59 2.42
CA SER C 146 21.12 4.53 3.04
C SER C 146 20.78 3.07 3.18
N PHE C 147 20.29 2.69 4.35
CA PHE C 147 19.89 1.31 4.55
C PHE C 147 18.39 1.26 4.70
N ILE C 148 17.75 0.32 4.01
CA ILE C 148 16.32 0.21 4.10
C ILE C 148 15.94 -1.17 4.57
N SER C 149 15.97 -1.36 5.89
CA SER C 149 15.64 -2.65 6.48
C SER C 149 14.19 -3.00 6.27
N PHE C 150 13.96 -4.22 5.82
CA PHE C 150 12.61 -4.69 5.62
C PHE C 150 12.35 -5.89 6.49
N PRO C 151 11.18 -5.94 7.10
CA PRO C 151 10.84 -7.06 7.95
C PRO C 151 10.49 -8.27 7.10
N ALA C 152 11.42 -8.69 6.25
CA ALA C 152 11.18 -9.83 5.38
C ALA C 152 11.82 -11.04 5.98
N PHE C 153 11.34 -12.22 5.59
CA PHE C 153 11.84 -13.48 6.11
C PHE C 153 13.33 -13.68 5.99
N ARG C 154 13.79 -13.90 4.77
CA ARG C 154 15.21 -14.08 4.54
C ARG C 154 15.77 -12.87 3.81
N LEU C 155 15.49 -11.68 4.30
CA LEU C 155 16.00 -10.46 3.70
C LEU C 155 16.23 -9.49 4.82
N ASN C 156 17.47 -9.11 5.04
CA ASN C 156 17.76 -8.17 6.10
C ASN C 156 17.43 -6.80 5.58
N PHE C 157 18.28 -6.28 4.70
CA PHE C 157 18.04 -4.95 4.16
C PHE C 157 18.76 -4.72 2.84
N ILE C 158 18.60 -3.49 2.33
CA ILE C 158 19.22 -3.08 1.08
C ILE C 158 20.13 -1.94 1.43
N ALA C 159 21.24 -1.85 0.72
CA ALA C 159 22.18 -0.77 0.97
C ALA C 159 22.30 0.12 -0.25
N LEU C 160 21.97 1.39 -0.10
CA LEU C 160 22.09 2.35 -1.19
C LEU C 160 23.44 3.04 -1.00
N ALA C 161 24.09 3.48 -2.07
CA ALA C 161 25.38 4.14 -1.88
C ALA C 161 25.67 5.23 -2.91
N ASN C 162 26.83 5.86 -2.80
CA ASN C 162 27.17 6.95 -3.72
C ASN C 162 28.56 7.47 -3.43
N ILE C 163 29.55 6.93 -4.15
CA ILE C 163 30.94 7.34 -3.99
C ILE C 163 31.05 8.82 -4.26
N ASN C 164 30.69 9.24 -5.46
CA ASN C 164 30.73 10.67 -5.72
C ASN C 164 29.66 11.23 -4.79
N ASN C 165 29.96 12.36 -4.17
CA ASN C 165 29.00 12.95 -3.27
C ASN C 165 28.00 13.67 -4.15
N GLU C 166 26.90 12.97 -4.41
CA GLU C 166 25.86 13.48 -5.25
C GLU C 166 24.50 13.09 -4.71
N ALA C 167 23.52 13.96 -4.94
CA ALA C 167 22.17 13.74 -4.48
C ALA C 167 21.47 12.69 -5.33
N LEU C 168 20.27 12.33 -4.89
CA LEU C 168 19.46 11.33 -5.56
C LEU C 168 18.47 11.93 -6.58
N THR C 169 18.96 12.19 -7.79
CA THR C 169 18.13 12.74 -8.86
C THR C 169 16.96 11.80 -9.06
N LEU C 170 15.86 12.28 -9.64
CA LEU C 170 14.76 11.36 -9.89
C LEU C 170 15.36 10.29 -10.80
N GLU C 171 16.09 10.74 -11.82
CA GLU C 171 16.76 9.85 -12.73
C GLU C 171 17.38 8.77 -11.86
N THR C 172 18.33 9.19 -11.03
CA THR C 172 19.05 8.29 -10.15
C THR C 172 18.16 7.28 -9.42
N ARG C 173 17.32 7.78 -8.52
CA ARG C 173 16.46 6.90 -7.73
C ARG C 173 15.56 6.05 -8.62
N ASN C 174 15.03 6.62 -9.69
CA ASN C 174 14.19 5.84 -10.56
C ASN C 174 15.04 4.71 -11.14
N THR C 175 16.30 4.99 -11.42
CA THR C 175 17.18 3.96 -11.96
C THR C 175 17.35 2.93 -10.87
N PHE C 176 17.70 3.40 -9.69
CA PHE C 176 17.88 2.50 -8.55
C PHE C 176 16.76 1.48 -8.55
N ILE C 177 15.62 1.90 -8.02
CA ILE C 177 14.43 1.06 -7.96
C ILE C 177 14.35 0.04 -9.11
N GLN C 178 14.03 0.52 -10.31
CA GLN C 178 13.90 -0.37 -11.45
C GLN C 178 14.95 -1.48 -11.37
N THR C 179 16.15 -1.14 -10.93
CA THR C 179 17.18 -2.15 -10.80
C THR C 179 16.70 -3.24 -9.87
N LEU C 180 16.19 -2.84 -8.72
CA LEU C 180 15.69 -3.78 -7.72
C LEU C 180 14.40 -4.48 -8.11
N ASN C 181 13.68 -3.90 -9.06
CA ASN C 181 12.45 -4.51 -9.49
C ASN C 181 12.74 -5.48 -10.62
N ASN C 182 13.94 -5.36 -11.21
CA ASN C 182 14.35 -6.23 -12.30
C ASN C 182 15.65 -6.97 -12.03
N ILE C 183 15.76 -7.58 -10.85
CA ILE C 183 16.96 -8.32 -10.46
C ILE C 183 16.70 -9.79 -10.69
N THR C 184 16.93 -10.25 -11.91
CA THR C 184 16.70 -11.64 -12.32
C THR C 184 16.73 -12.75 -11.26
N ASN C 185 17.91 -13.08 -10.78
CA ASN C 185 18.04 -14.09 -9.76
C ASN C 185 18.59 -13.36 -8.58
N TRP C 186 17.70 -12.74 -7.81
CA TRP C 186 18.10 -11.93 -6.68
C TRP C 186 19.06 -12.69 -5.78
N ARG C 187 18.96 -14.02 -5.82
CA ARG C 187 19.81 -14.91 -5.05
C ARG C 187 21.26 -14.67 -5.43
N ASP C 188 21.48 -14.46 -6.72
CA ASP C 188 22.82 -14.20 -7.21
C ASP C 188 23.37 -12.98 -6.51
N LEU C 189 22.52 -12.29 -5.75
CA LEU C 189 22.98 -11.09 -5.08
C LEU C 189 23.09 -11.18 -3.56
N GLY C 190 22.65 -12.32 -3.03
CA GLY C 190 22.70 -12.55 -1.60
C GLY C 190 24.02 -12.17 -0.98
N THR C 191 25.08 -12.24 -1.79
CA THR C 191 26.42 -11.90 -1.33
C THR C 191 26.49 -10.49 -0.75
N GLY C 192 25.43 -9.71 -1.00
CA GLY C 192 25.40 -8.35 -0.47
C GLY C 192 26.50 -7.57 -1.13
N GLN C 193 27.14 -8.24 -2.07
CA GLN C 193 28.18 -7.65 -2.87
C GLN C 193 27.61 -6.35 -3.46
N TRP C 194 28.48 -5.37 -3.70
CA TRP C 194 28.07 -4.08 -4.25
C TRP C 194 27.78 -4.18 -5.71
N ALA C 195 26.81 -3.41 -6.18
CA ALA C 195 26.44 -3.44 -7.59
C ALA C 195 26.23 -2.01 -8.08
N GLN C 196 26.88 -1.62 -9.17
CA GLN C 196 26.70 -0.26 -9.64
C GLN C 196 25.50 -0.07 -10.54
N PHE C 197 24.46 0.57 -10.03
CA PHE C 197 23.28 0.79 -10.85
C PHE C 197 23.34 2.15 -11.53
N ALA C 198 24.11 3.06 -10.94
CA ALA C 198 24.24 4.42 -11.46
C ALA C 198 25.69 4.89 -11.35
N PRO C 199 26.16 5.66 -12.33
CA PRO C 199 27.53 6.18 -12.35
C PRO C 199 28.25 6.21 -10.99
N GLY C 200 27.65 6.83 -10.00
CA GLY C 200 28.31 6.87 -8.71
C GLY C 200 27.55 6.11 -7.64
N TRP C 201 26.45 5.48 -8.03
CA TRP C 201 25.61 4.77 -7.08
C TRP C 201 25.67 3.27 -7.18
N TYR C 202 25.62 2.63 -6.01
CA TYR C 202 25.65 1.19 -5.91
C TYR C 202 24.53 0.75 -4.95
N TYR C 203 24.29 -0.54 -4.92
CA TYR C 203 23.30 -1.08 -4.02
C TYR C 203 23.83 -2.46 -3.75
N SER C 204 23.09 -3.23 -2.96
CA SER C 204 23.52 -4.57 -2.60
C SER C 204 22.47 -5.13 -1.66
N ILE C 205 22.45 -6.44 -1.53
CA ILE C 205 21.45 -7.02 -0.67
C ILE C 205 22.03 -7.92 0.38
N TYR C 206 21.83 -7.53 1.62
CA TYR C 206 22.32 -8.31 2.74
C TYR C 206 21.13 -9.10 3.18
N VAL C 207 21.39 -10.34 3.54
CA VAL C 207 20.31 -11.19 3.92
C VAL C 207 20.49 -11.74 5.29
N LEU C 208 19.40 -12.24 5.82
CA LEU C 208 19.40 -12.94 7.05
C LEU C 208 19.83 -14.36 6.64
N PRO C 209 21.12 -14.63 6.76
CA PRO C 209 21.74 -15.90 6.39
C PRO C 209 20.94 -17.14 6.63
N ASN C 210 21.11 -17.70 7.82
CA ASN C 210 20.44 -18.91 8.28
C ASN C 210 19.15 -19.27 7.56
N THR C 211 18.30 -18.28 7.36
CA THR C 211 17.03 -18.46 6.66
C THR C 211 17.30 -18.60 5.18
N TYR C 212 18.03 -17.63 4.65
CA TYR C 212 18.43 -17.62 3.24
C TYR C 212 19.18 -18.94 3.03
N ALA C 213 19.97 -19.31 4.03
CA ALA C 213 20.76 -20.55 4.02
C ALA C 213 19.85 -21.72 3.63
N MET C 214 18.69 -21.82 4.29
CA MET C 214 17.73 -22.89 3.99
C MET C 214 17.39 -22.72 2.52
N ALA C 215 18.11 -23.44 1.65
CA ALA C 215 17.92 -23.38 0.20
C ALA C 215 16.42 -23.40 -0.17
N GLU C 216 15.95 -22.36 -0.88
CA GLU C 216 14.53 -22.23 -1.27
C GLU C 216 13.87 -23.60 -1.50
N ILE C 217 14.26 -24.32 -2.57
CA ILE C 217 13.68 -25.65 -2.83
C ILE C 217 14.52 -26.68 -2.05
N GLY C 218 15.69 -26.23 -1.59
CA GLY C 218 16.62 -27.02 -0.79
C GLY C 218 17.01 -28.44 -1.19
N ASP C 219 18.03 -28.94 -0.48
CA ASP C 219 18.55 -30.30 -0.67
C ASP C 219 17.89 -31.21 0.40
N ARG C 220 17.89 -30.74 1.65
CA ARG C 220 17.25 -31.45 2.77
C ARG C 220 15.81 -30.88 2.71
N THR C 221 15.69 -29.79 1.94
CA THR C 221 14.48 -29.01 1.67
C THR C 221 13.50 -28.73 2.82
N ASP C 222 13.96 -27.89 3.74
CA ASP C 222 13.15 -27.50 4.89
C ASP C 222 12.24 -26.37 4.38
N SER C 223 10.95 -26.49 4.67
CA SER C 223 9.95 -25.53 4.22
C SER C 223 9.11 -25.02 5.40
N VAL C 224 9.11 -23.70 5.57
CA VAL C 224 8.36 -23.06 6.65
C VAL C 224 7.00 -22.52 6.22
N THR C 225 5.94 -23.02 6.83
CA THR C 225 4.63 -22.54 6.44
C THR C 225 4.56 -21.04 6.69
N GLN C 226 4.16 -20.65 7.89
CA GLN C 226 4.05 -19.23 8.19
C GLN C 226 4.99 -18.83 9.31
N PHE C 227 5.35 -17.55 9.32
CA PHE C 227 6.24 -17.02 10.34
C PHE C 227 5.76 -15.64 10.77
N ARG C 228 6.62 -14.93 11.46
CA ARG C 228 6.30 -13.60 11.90
C ARG C 228 7.53 -13.05 12.58
N LYS C 229 7.97 -11.87 12.15
CA LYS C 229 9.13 -11.28 12.77
C LYS C 229 8.74 -10.93 14.19
N VAL C 230 9.54 -11.40 15.14
CA VAL C 230 9.32 -11.18 16.55
C VAL C 230 10.05 -9.93 17.05
N TYR C 231 11.06 -9.51 16.29
CA TYR C 231 11.82 -8.31 16.60
C TYR C 231 12.97 -8.13 15.60
N LYS C 232 12.96 -6.99 14.90
CA LYS C 232 14.00 -6.68 13.92
C LYS C 232 15.19 -6.11 14.65
N GLY C 233 15.19 -4.78 14.82
CA GLY C 233 16.28 -4.13 15.52
C GLY C 233 17.69 -4.49 15.08
N ILE C 234 18.40 -3.50 14.54
CA ILE C 234 19.78 -3.70 14.10
C ILE C 234 20.52 -2.40 14.35
N THR C 235 21.80 -2.47 14.66
CA THR C 235 22.54 -1.26 14.88
C THR C 235 23.51 -1.10 13.73
N PHE C 236 23.72 0.13 13.29
CA PHE C 236 24.64 0.40 12.19
C PHE C 236 25.87 1.10 12.69
N GLU C 237 26.65 0.42 13.53
CA GLU C 237 27.87 1.00 14.08
C GLU C 237 28.61 1.84 13.05
N PHE C 238 29.09 2.99 13.49
CA PHE C 238 29.81 3.92 12.64
C PHE C 238 31.31 3.64 12.77
N ASN C 239 31.77 2.60 12.10
CA ASN C 239 33.18 2.22 12.14
C ASN C 239 34.10 3.26 11.49
N ALA C 240 34.55 4.24 12.26
CA ALA C 240 35.40 5.27 11.69
C ALA C 240 36.47 5.82 12.59
N PRO C 241 37.69 5.91 12.05
CA PRO C 241 38.87 6.42 12.74
C PRO C 241 38.68 7.88 13.08
N THR C 242 38.88 8.18 14.35
CA THR C 242 38.76 9.53 14.85
C THR C 242 39.29 10.52 13.81
N LEU C 243 40.26 10.07 13.01
CA LEU C 243 40.80 10.93 11.99
C LEU C 243 39.64 11.47 11.18
N ILE C 244 38.88 10.52 10.65
CA ILE C 244 37.75 10.84 9.80
C ILE C 244 36.41 10.28 10.23
N ASP C 245 35.79 11.00 11.16
CA ASP C 245 34.46 10.63 11.67
C ASP C 245 33.38 11.50 11.01
N GLN C 246 33.80 12.40 10.13
CA GLN C 246 32.85 13.26 9.45
C GLN C 246 31.70 12.39 9.02
N GLY C 247 30.59 12.53 9.74
CA GLY C 247 29.41 11.76 9.43
C GLY C 247 28.20 12.17 10.23
N TRP C 248 27.03 11.94 9.66
CA TRP C 248 25.77 12.25 10.30
C TRP C 248 24.70 11.38 9.67
N TRP C 249 23.70 11.00 10.45
CA TRP C 249 22.63 10.17 9.93
C TRP C 249 21.26 10.51 10.50
N VAL C 250 20.29 9.65 10.19
CA VAL C 250 18.93 9.83 10.66
C VAL C 250 18.08 8.66 10.23
N GLY C 251 17.47 8.01 11.20
CA GLY C 251 16.61 6.87 10.89
C GLY C 251 15.17 7.23 11.12
N ALA C 252 14.29 6.28 10.87
CA ALA C 252 12.85 6.45 11.04
C ALA C 252 12.15 5.22 10.51
N HIS C 253 11.18 4.73 11.25
CA HIS C 253 10.44 3.55 10.82
C HIS C 253 9.22 3.97 10.03
N ILE C 254 9.11 3.44 8.82
CA ILE C 254 7.95 3.72 8.01
C ILE C 254 7.38 2.37 7.68
N PRO C 255 6.09 2.15 8.00
CA PRO C 255 5.48 0.86 7.72
C PRO C 255 5.27 0.65 6.23
N VAL C 256 5.33 -0.60 5.82
CA VAL C 256 5.16 -0.93 4.43
C VAL C 256 4.38 -2.23 4.29
N LYS C 257 3.57 -2.33 3.25
CA LYS C 257 2.80 -3.53 3.03
C LYS C 257 2.76 -3.82 1.54
N PRO C 258 2.92 -5.10 1.18
CA PRO C 258 2.94 -5.63 -0.18
C PRO C 258 1.58 -5.99 -0.75
N GLN C 259 1.30 -5.44 -1.92
CA GLN C 259 0.04 -5.72 -2.61
C GLN C 259 0.39 -6.72 -3.72
N SER C 260 0.00 -7.97 -3.53
CA SER C 260 0.31 -9.04 -4.49
C SER C 260 -0.10 -8.86 -5.96
N GLU C 261 0.67 -8.10 -6.72
CA GLU C 261 0.39 -7.95 -8.15
C GLU C 261 0.94 -9.27 -8.73
N THR C 262 0.04 -10.17 -9.13
CA THR C 262 0.43 -11.47 -9.65
C THR C 262 0.93 -11.58 -11.09
N ILE C 263 1.97 -12.36 -11.26
CA ILE C 263 2.53 -12.70 -12.54
C ILE C 263 1.77 -13.97 -12.90
N PRO C 264 1.07 -13.96 -14.04
CA PRO C 264 0.27 -15.09 -14.54
C PRO C 264 1.06 -16.30 -14.97
N ALA C 265 0.39 -17.44 -14.99
CA ALA C 265 1.02 -18.67 -15.42
C ALA C 265 0.50 -18.92 -16.82
N ALA C 266 1.39 -19.22 -17.77
CA ALA C 266 0.97 -19.48 -19.15
C ALA C 266 1.39 -20.89 -19.56
N GLU C 267 0.93 -21.35 -20.74
CA GLU C 267 1.26 -22.71 -21.16
C GLU C 267 2.38 -22.98 -22.13
N ARG C 268 2.14 -22.90 -23.43
CA ARG C 268 3.23 -23.21 -24.34
C ARG C 268 4.20 -22.03 -24.38
N PHE C 269 3.62 -20.84 -24.56
CA PHE C 269 4.41 -19.62 -24.60
C PHE C 269 3.99 -18.66 -23.52
N SER C 270 4.93 -18.34 -22.63
CA SER C 270 4.63 -17.39 -21.59
C SER C 270 5.52 -16.20 -21.90
N ALA C 271 4.96 -14.99 -21.75
CA ALA C 271 5.70 -13.76 -22.02
C ALA C 271 6.69 -13.41 -20.92
N GLY C 272 7.62 -12.56 -21.28
CA GLY C 272 8.65 -12.13 -20.36
C GLY C 272 9.37 -11.02 -21.07
N SER C 273 10.57 -10.68 -20.61
CA SER C 273 11.28 -9.60 -21.26
C SER C 273 12.78 -9.73 -21.08
N MET C 274 13.51 -9.04 -21.95
CA MET C 274 14.96 -9.10 -21.89
C MET C 274 15.57 -7.79 -21.43
N THR C 275 16.20 -7.86 -20.27
CA THR C 275 16.81 -6.69 -19.69
C THR C 275 18.32 -6.66 -19.93
N VAL C 276 18.87 -5.46 -19.99
CA VAL C 276 20.29 -5.26 -20.21
C VAL C 276 20.76 -3.98 -19.54
N SER C 277 21.32 -4.12 -18.35
CA SER C 277 21.80 -2.96 -17.61
C SER C 277 23.29 -2.79 -17.87
N ALA C 278 23.67 -1.70 -18.52
CA ALA C 278 25.06 -1.47 -18.84
C ALA C 278 25.71 -0.45 -17.93
N SER C 279 27.01 -0.66 -17.67
CA SER C 279 27.78 0.24 -16.82
C SER C 279 29.24 0.00 -17.10
N ASN C 280 30.09 0.84 -16.53
CA ASN C 280 31.53 0.69 -16.72
C ASN C 280 32.04 -0.32 -15.71
N ALA C 281 33.20 -0.93 -15.99
CA ALA C 281 33.78 -1.90 -15.07
C ALA C 281 34.89 -1.25 -14.27
N ILE C 282 35.00 -1.66 -13.01
CA ILE C 282 36.02 -1.09 -12.14
C ILE C 282 37.40 -1.31 -12.70
N PHE C 283 38.16 -0.24 -12.82
CA PHE C 283 39.53 -0.30 -13.33
C PHE C 283 39.57 -0.64 -14.82
N GLN C 284 38.49 -0.33 -15.54
CA GLN C 284 38.39 -0.60 -16.97
C GLN C 284 38.07 0.62 -17.81
N PRO C 285 38.53 0.63 -19.07
CA PRO C 285 38.36 1.68 -20.07
C PRO C 285 36.93 2.17 -20.20
N SER C 286 36.68 3.24 -19.45
CA SER C 286 35.38 3.89 -19.38
C SER C 286 34.73 4.30 -20.71
N ASN C 287 35.14 3.66 -21.80
CA ASN C 287 34.61 4.00 -23.12
C ASN C 287 35.05 2.94 -24.14
N THR C 288 35.99 2.11 -23.71
CA THR C 288 36.53 1.06 -24.55
C THR C 288 35.96 -0.26 -24.09
N VAL C 289 35.70 -0.35 -22.78
CA VAL C 289 35.14 -1.57 -22.20
C VAL C 289 34.06 -1.26 -21.20
N ALA C 290 32.91 -1.93 -21.36
CA ALA C 290 31.77 -1.74 -20.48
C ALA C 290 31.14 -3.06 -20.04
N ARG C 291 30.58 -3.08 -18.84
CA ARG C 291 29.97 -4.29 -18.31
C ARG C 291 28.46 -4.15 -18.30
N ILE C 292 27.78 -5.22 -18.70
CA ILE C 292 26.32 -5.21 -18.69
C ILE C 292 25.84 -6.45 -17.95
N VAL C 293 24.57 -6.41 -17.59
CA VAL C 293 23.95 -7.52 -16.89
C VAL C 293 22.73 -7.88 -17.72
N TRP C 294 23.00 -8.73 -18.68
CA TRP C 294 22.01 -9.23 -19.59
C TRP C 294 21.26 -10.37 -18.94
N SER C 295 19.93 -10.33 -19.07
CA SER C 295 19.08 -11.35 -18.50
C SER C 295 17.78 -11.51 -19.29
N ILE C 296 17.04 -12.57 -18.98
CA ILE C 296 15.79 -12.83 -19.67
C ILE C 296 14.74 -13.36 -18.70
N THR C 297 13.61 -12.66 -18.67
CA THR C 297 12.51 -12.92 -17.71
C THR C 297 12.05 -14.37 -17.50
N PRO C 298 11.27 -15.03 -18.41
CA PRO C 298 10.90 -16.40 -18.05
C PRO C 298 11.84 -17.45 -18.60
N LEU C 299 12.91 -17.01 -19.26
CA LEU C 299 13.88 -17.92 -19.86
C LEU C 299 14.63 -18.77 -18.87
N PRO C 300 14.68 -20.09 -19.12
CA PRO C 300 15.38 -21.03 -18.26
C PRO C 300 16.82 -20.61 -18.29
N VAL C 301 17.51 -20.72 -17.17
CA VAL C 301 18.90 -20.32 -17.15
C VAL C 301 19.68 -21.21 -18.13
N ALA C 302 20.73 -20.65 -18.70
CA ALA C 302 21.59 -21.37 -19.63
C ALA C 302 22.97 -20.78 -19.43
N THR C 303 24.00 -21.57 -19.67
CA THR C 303 25.37 -21.10 -19.48
C THR C 303 25.90 -20.31 -20.65
N VAL C 304 26.59 -19.23 -20.32
CA VAL C 304 27.18 -18.37 -21.31
C VAL C 304 28.69 -18.49 -21.16
N ALA C 305 29.42 -17.75 -21.99
CA ALA C 305 30.88 -17.71 -21.97
C ALA C 305 31.36 -16.94 -23.18
N LEU C 306 32.41 -16.17 -22.98
CA LEU C 306 32.94 -15.38 -24.07
C LEU C 306 33.31 -16.37 -25.15
N THR C 307 33.07 -16.00 -26.40
CA THR C 307 33.40 -16.85 -27.51
C THR C 307 34.60 -16.25 -28.22
N THR C 308 34.53 -14.95 -28.46
CA THR C 308 35.58 -14.22 -29.15
C THR C 308 35.76 -12.79 -28.64
N GLY C 309 36.94 -12.51 -28.09
CA GLY C 309 37.22 -11.17 -27.59
C GLY C 309 37.86 -11.12 -26.21
N THR C 310 37.91 -9.92 -25.63
CA THR C 310 38.48 -9.69 -24.30
C THR C 310 37.61 -10.37 -23.25
N GLY C 311 38.21 -11.33 -22.54
CA GLY C 311 37.48 -12.07 -21.53
C GLY C 311 36.65 -11.24 -20.57
N GLY C 312 35.81 -11.90 -19.78
CA GLY C 312 34.99 -11.18 -18.82
C GLY C 312 33.55 -11.65 -18.69
N THR C 313 33.33 -12.73 -17.94
CA THR C 313 31.98 -13.28 -17.73
C THR C 313 31.76 -13.76 -16.31
N ASN C 314 30.50 -13.74 -15.88
CA ASN C 314 30.08 -14.20 -14.56
C ASN C 314 28.67 -14.74 -14.72
N ASN C 315 28.54 -16.06 -14.71
CA ASN C 315 27.21 -16.67 -14.92
C ASN C 315 26.31 -16.58 -13.68
N THR C 316 25.03 -16.87 -13.90
CA THR C 316 24.03 -16.86 -12.85
C THR C 316 23.88 -18.21 -12.18
N SER C 317 23.20 -18.23 -11.04
CA SER C 317 22.97 -19.47 -10.31
C SER C 317 21.49 -19.79 -10.45
N GLY C 318 20.67 -18.75 -10.48
CA GLY C 318 19.22 -18.88 -10.58
C GLY C 318 18.64 -19.80 -11.64
N LYS C 319 17.32 -19.96 -11.59
CA LYS C 319 16.62 -20.81 -12.54
C LYS C 319 16.21 -20.06 -13.81
N PHE C 320 16.55 -18.78 -13.87
CA PHE C 320 16.24 -17.99 -15.06
C PHE C 320 17.53 -17.49 -15.65
N PHE C 321 17.47 -16.98 -16.88
CA PHE C 321 18.69 -16.54 -17.52
C PHE C 321 19.15 -15.11 -17.25
N SER C 322 20.39 -14.99 -16.80
CA SER C 322 21.04 -13.71 -16.54
C SER C 322 22.53 -13.91 -16.47
N VAL C 323 23.27 -12.83 -16.72
CA VAL C 323 24.73 -12.93 -16.68
C VAL C 323 25.39 -11.56 -16.67
N GLU C 324 26.52 -11.50 -15.99
CA GLU C 324 27.30 -10.27 -15.91
C GLU C 324 28.59 -10.52 -16.68
N ILE C 325 28.97 -9.54 -17.50
CA ILE C 325 30.15 -9.69 -18.33
C ILE C 325 30.80 -8.35 -18.70
N ASP C 326 32.11 -8.37 -18.86
CA ASP C 326 32.85 -7.17 -19.25
C ASP C 326 33.53 -7.44 -20.57
N GLY C 327 33.80 -6.38 -21.32
CA GLY C 327 34.46 -6.52 -22.61
C GLY C 327 34.24 -5.33 -23.53
N ASN C 328 35.01 -5.30 -24.62
CA ASN C 328 34.90 -4.22 -25.60
C ASN C 328 33.85 -4.55 -26.66
N VAL C 329 33.73 -3.63 -27.61
CA VAL C 329 32.78 -3.76 -28.70
C VAL C 329 33.09 -4.98 -29.56
N ASN C 330 34.34 -5.42 -29.49
CA ASN C 330 34.79 -6.59 -30.26
C ASN C 330 34.43 -7.88 -29.54
N SER C 331 34.31 -7.78 -28.21
CA SER C 331 33.97 -8.93 -27.38
C SER C 331 32.58 -9.50 -27.65
N VAL C 332 32.52 -10.83 -27.75
CA VAL C 332 31.27 -11.57 -27.99
C VAL C 332 31.14 -12.87 -27.20
N TRP C 333 30.12 -12.91 -26.35
CA TRP C 333 29.84 -14.09 -25.53
C TRP C 333 28.61 -14.71 -26.19
N THR C 334 28.36 -15.98 -25.91
CA THR C 334 27.22 -16.65 -26.47
C THR C 334 26.79 -17.77 -25.57
N PHE C 335 25.58 -18.26 -25.81
CA PHE C 335 25.03 -19.37 -25.06
C PHE C 335 23.96 -19.98 -25.93
N THR C 336 23.53 -21.18 -25.56
CA THR C 336 22.53 -21.91 -26.33
C THR C 336 21.13 -21.82 -25.73
N ALA C 337 20.15 -21.46 -26.54
CA ALA C 337 18.79 -21.31 -26.05
C ALA C 337 18.25 -22.53 -25.29
N PRO C 338 17.76 -22.29 -24.06
CA PRO C 338 17.20 -23.36 -23.24
C PRO C 338 15.81 -23.67 -23.76
N ALA C 339 15.28 -22.77 -24.57
CA ALA C 339 13.96 -22.92 -25.17
C ALA C 339 13.59 -21.80 -26.15
N SER C 340 12.59 -22.07 -26.99
CA SER C 340 12.13 -21.11 -28.00
C SER C 340 11.93 -19.70 -27.47
N ILE C 341 12.18 -18.71 -28.31
CA ILE C 341 12.05 -17.30 -27.96
C ILE C 341 11.60 -16.41 -29.09
N LEU C 342 10.54 -15.62 -28.89
CA LEU C 342 10.10 -14.71 -29.94
C LEU C 342 10.55 -13.33 -29.52
N ALA C 343 10.77 -12.45 -30.48
CA ALA C 343 11.22 -11.10 -30.15
C ALA C 343 10.76 -10.09 -31.19
N GLU C 344 10.13 -9.01 -30.73
CA GLU C 344 9.61 -8.00 -31.65
C GLU C 344 8.62 -8.76 -32.51
N GLY C 345 7.82 -9.59 -31.85
CA GLY C 345 6.83 -10.40 -32.53
C GLY C 345 7.44 -11.34 -33.55
N GLU C 346 8.70 -11.71 -33.35
CA GLU C 346 9.38 -12.62 -34.29
C GLU C 346 10.17 -13.75 -33.66
N PRO C 347 9.99 -14.98 -34.18
CA PRO C 347 10.71 -16.13 -33.66
C PRO C 347 12.17 -15.78 -33.68
N PHE C 348 12.68 -15.43 -32.53
CA PHE C 348 14.08 -15.04 -32.44
C PHE C 348 15.00 -16.26 -32.48
N ALA C 349 14.65 -17.32 -31.76
CA ALA C 349 15.51 -18.51 -31.74
C ALA C 349 14.83 -19.69 -31.07
N GLU C 350 15.14 -20.90 -31.55
CA GLU C 350 14.55 -22.10 -31.00
C GLU C 350 15.56 -22.91 -30.20
N GLU C 351 15.03 -23.78 -29.34
CA GLU C 351 15.81 -24.66 -28.49
C GLU C 351 17.29 -24.69 -28.81
N GLY C 352 17.62 -25.26 -29.96
CA GLY C 352 19.02 -25.38 -30.35
C GLY C 352 19.76 -24.07 -30.56
N ASP C 353 19.43 -23.38 -31.65
CA ASP C 353 20.06 -22.12 -32.01
C ASP C 353 20.89 -21.48 -30.90
N THR C 354 22.16 -21.20 -31.22
CA THR C 354 23.09 -20.56 -30.29
C THR C 354 23.08 -19.05 -30.48
N THR C 355 22.66 -18.35 -29.43
CA THR C 355 22.59 -16.90 -29.45
C THR C 355 23.88 -16.23 -29.02
N SER C 356 24.17 -15.13 -29.69
CA SER C 356 25.36 -14.37 -29.40
C SER C 356 25.01 -12.97 -28.94
N PHE C 357 25.86 -12.39 -28.10
CA PHE C 357 25.63 -11.04 -27.62
C PHE C 357 26.90 -10.22 -27.72
N SER C 358 26.78 -9.03 -28.31
CA SER C 358 27.92 -8.14 -28.43
C SER C 358 27.52 -6.67 -28.38
N MET C 359 28.49 -5.80 -28.60
CA MET C 359 28.25 -4.38 -28.56
C MET C 359 28.68 -3.65 -29.83
N THR C 360 27.71 -3.21 -30.62
CA THR C 360 28.03 -2.48 -31.83
C THR C 360 28.87 -1.32 -31.39
N THR C 361 28.49 -0.73 -30.27
CA THR C 361 29.20 0.42 -29.73
C THR C 361 29.43 0.34 -28.23
N ILE C 362 30.38 1.16 -27.76
CA ILE C 362 30.73 1.24 -26.36
C ILE C 362 31.35 2.61 -26.10
N THR C 363 30.76 3.31 -25.16
CA THR C 363 31.25 4.63 -24.81
C THR C 363 31.36 4.71 -23.30
N ALA C 364 31.19 5.91 -22.77
CA ALA C 364 31.28 6.11 -21.34
C ALA C 364 29.89 6.33 -20.76
N ASP C 365 28.88 6.44 -21.61
CA ASP C 365 27.54 6.69 -21.11
C ASP C 365 26.50 5.92 -21.91
N THR C 366 26.95 5.24 -22.94
CA THR C 366 26.02 4.52 -23.78
C THR C 366 26.65 3.29 -24.35
N VAL C 367 25.81 2.36 -24.78
CA VAL C 367 26.28 1.11 -25.36
C VAL C 367 25.24 0.50 -26.27
N VAL C 368 25.68 0.16 -27.48
CA VAL C 368 24.76 -0.48 -28.39
C VAL C 368 25.03 -1.95 -28.22
N TYR C 369 24.01 -2.67 -27.78
CA TYR C 369 24.15 -4.09 -27.63
C TYR C 369 23.39 -4.68 -28.78
N SER C 370 23.69 -5.94 -29.09
CA SER C 370 22.99 -6.62 -30.16
C SER C 370 23.19 -8.12 -30.04
N VAL C 371 22.06 -8.80 -29.98
CA VAL C 371 22.03 -10.25 -29.88
C VAL C 371 21.69 -10.92 -31.19
N SER C 372 22.59 -11.79 -31.61
CA SER C 372 22.45 -12.53 -32.85
C SER C 372 22.01 -13.96 -32.60
N SER C 373 20.90 -14.34 -33.23
CA SER C 373 20.39 -15.68 -33.05
C SER C 373 20.93 -16.63 -34.10
N SER C 374 21.18 -17.86 -33.68
CA SER C 374 21.69 -18.88 -34.58
C SER C 374 20.62 -19.27 -35.55
N LEU C 375 19.38 -19.01 -35.16
CA LEU C 375 18.24 -19.34 -35.99
C LEU C 375 18.42 -18.79 -37.41
N THR C 376 17.83 -19.47 -38.39
CA THR C 376 17.95 -19.05 -39.77
C THR C 376 16.90 -17.99 -40.06
N GLY C 377 17.31 -16.90 -40.70
CA GLY C 377 16.37 -15.82 -41.01
C GLY C 377 15.96 -15.07 -39.75
N SER C 378 16.56 -15.46 -38.63
CA SER C 378 16.28 -14.84 -37.35
C SER C 378 16.86 -13.45 -37.31
N SER C 379 16.03 -12.44 -37.54
CA SER C 379 16.53 -11.07 -37.49
C SER C 379 17.16 -10.91 -36.12
N VAL C 380 18.25 -10.15 -36.05
CA VAL C 380 18.93 -9.95 -34.78
C VAL C 380 18.45 -8.69 -34.08
N ILE C 381 18.96 -8.49 -32.86
CA ILE C 381 18.60 -7.35 -32.06
C ILE C 381 19.70 -6.33 -32.00
N VAL C 382 19.26 -5.07 -31.90
CA VAL C 382 20.14 -3.92 -31.81
C VAL C 382 19.45 -3.01 -30.80
N ARG C 383 20.20 -2.50 -29.82
CA ARG C 383 19.61 -1.64 -28.82
C ARG C 383 20.55 -0.63 -28.18
N GLY C 384 20.04 0.58 -27.99
CA GLY C 384 20.81 1.65 -27.36
C GLY C 384 20.54 1.63 -25.86
N VAL C 385 21.60 1.71 -25.06
CA VAL C 385 21.47 1.68 -23.61
C VAL C 385 22.47 2.58 -22.94
N THR C 386 21.98 3.64 -22.31
CA THR C 386 22.87 4.55 -21.60
C THR C 386 23.33 3.86 -20.32
N LYS C 387 24.60 3.48 -20.29
CA LYS C 387 25.15 2.80 -19.14
C LYS C 387 25.08 3.74 -17.95
N GLY C 388 24.67 3.21 -16.80
CA GLY C 388 24.57 4.02 -15.59
C GLY C 388 23.12 4.43 -15.42
N SER C 389 22.39 4.44 -16.53
CA SER C 389 20.98 4.79 -16.50
C SER C 389 20.21 3.50 -16.27
N GLY C 390 18.98 3.47 -16.75
CA GLY C 390 18.15 2.29 -16.57
C GLY C 390 18.63 1.04 -17.28
N VAL C 391 17.67 0.16 -17.52
CA VAL C 391 17.88 -1.11 -18.17
C VAL C 391 17.07 -1.06 -19.45
N SER C 392 17.70 -1.17 -20.62
CA SER C 392 16.87 -1.15 -21.81
C SER C 392 16.30 -2.56 -22.00
N ILE C 393 14.98 -2.63 -21.95
CA ILE C 393 14.23 -3.86 -22.08
C ILE C 393 13.68 -4.13 -23.46
N THR C 394 13.74 -5.41 -23.82
CA THR C 394 13.23 -5.89 -25.09
C THR C 394 12.18 -6.93 -24.75
N PRO C 395 10.90 -6.59 -24.91
CA PRO C 395 9.89 -7.59 -24.57
C PRO C 395 10.29 -8.90 -25.24
N VAL C 396 9.98 -10.01 -24.58
CA VAL C 396 10.34 -11.34 -25.05
C VAL C 396 9.14 -12.26 -24.99
N THR C 397 9.34 -13.51 -25.38
CA THR C 397 8.29 -14.51 -25.32
C THR C 397 8.98 -15.84 -25.48
N VAL C 398 9.10 -16.58 -24.37
CA VAL C 398 9.74 -17.88 -24.38
C VAL C 398 8.75 -19.05 -24.47
N GLY C 399 9.20 -20.13 -25.11
CA GLY C 399 8.34 -21.29 -25.27
C GLY C 399 8.22 -22.14 -24.00
N ILE C 400 8.71 -21.62 -22.88
CA ILE C 400 8.63 -22.38 -21.64
C ILE C 400 7.29 -22.17 -20.99
N ASP C 401 7.00 -23.06 -20.05
CA ASP C 401 5.77 -23.00 -19.30
C ASP C 401 6.13 -22.21 -18.07
N THR C 402 5.16 -21.51 -17.49
CA THR C 402 5.45 -20.72 -16.31
C THR C 402 4.40 -20.91 -15.24
N GLU C 403 4.85 -20.90 -13.99
CA GLU C 403 3.95 -21.01 -12.87
C GLU C 403 3.63 -19.56 -12.57
N ALA C 404 2.39 -19.30 -12.19
CA ALA C 404 2.01 -17.95 -11.87
C ALA C 404 2.62 -17.64 -10.52
N VAL C 405 3.42 -16.60 -10.45
CA VAL C 405 4.03 -16.23 -9.21
C VAL C 405 3.62 -14.81 -8.87
N ASN C 406 3.78 -14.46 -7.61
CA ASN C 406 3.37 -13.15 -7.17
C ASN C 406 4.41 -12.08 -7.05
N ARG C 407 4.16 -10.96 -7.69
CA ARG C 407 5.08 -9.87 -7.55
C ARG C 407 4.45 -9.07 -6.40
N LEU C 408 5.26 -8.41 -5.60
CA LEU C 408 4.73 -7.65 -4.47
C LEU C 408 4.96 -6.17 -4.62
N SER C 409 3.91 -5.42 -4.98
CA SER C 409 4.06 -3.96 -5.10
C SER C 409 4.34 -3.44 -3.70
N ILE C 410 5.44 -2.70 -3.55
CA ILE C 410 5.81 -2.19 -2.25
C ILE C 410 6.33 -0.76 -2.28
N GLU C 411 5.70 0.11 -1.50
CA GLU C 411 6.14 1.49 -1.43
C GLU C 411 7.60 1.45 -1.00
N MET C 412 8.38 2.42 -1.43
CA MET C 412 9.79 2.44 -1.06
C MET C 412 10.02 3.47 0.03
N PRO C 413 10.29 3.03 1.26
CA PRO C 413 10.52 3.93 2.38
C PRO C 413 11.34 5.15 2.02
N ALA C 414 10.72 6.33 2.12
CA ALA C 414 11.35 7.61 1.83
C ALA C 414 12.87 7.48 1.72
N LEU C 415 13.38 7.69 0.51
CA LEU C 415 14.79 7.57 0.28
C LEU C 415 15.57 8.83 0.48
N THR C 416 14.90 9.93 0.81
CA THR C 416 15.65 11.18 0.99
C THR C 416 15.64 11.75 2.40
N THR C 417 16.81 12.19 2.84
CA THR C 417 16.99 12.77 4.17
C THR C 417 15.81 13.67 4.54
N GLU C 418 15.44 14.57 3.63
CA GLU C 418 14.31 15.46 3.90
C GLU C 418 12.98 14.71 3.81
N GLU C 419 12.79 14.01 2.70
CA GLU C 419 11.56 13.25 2.50
C GLU C 419 11.20 12.54 3.77
N VAL C 420 12.22 12.02 4.44
CA VAL C 420 12.05 11.30 5.68
C VAL C 420 11.70 12.25 6.82
N THR C 421 12.55 13.25 7.06
CA THR C 421 12.35 14.21 8.16
C THR C 421 11.04 15.00 8.19
N THR C 422 10.43 15.24 7.03
CA THR C 422 9.19 15.99 7.00
C THR C 422 7.94 15.13 7.08
N ASN C 423 7.98 13.93 6.51
CA ASN C 423 6.81 13.06 6.56
C ASN C 423 6.77 12.16 7.77
N VAL C 424 7.94 11.84 8.32
CA VAL C 424 8.01 11.00 9.51
C VAL C 424 8.44 11.93 10.63
N PRO C 425 7.71 11.92 11.75
CA PRO C 425 8.04 12.77 12.88
C PRO C 425 8.92 12.05 13.90
N LYS C 426 8.63 10.78 14.09
CA LYS C 426 9.37 9.97 15.04
C LYS C 426 10.73 9.52 14.52
N TYR C 427 11.37 10.36 13.70
CA TYR C 427 12.69 10.01 13.19
C TYR C 427 13.64 10.51 14.25
N GLU C 428 14.91 10.24 14.05
CA GLU C 428 15.91 10.67 15.01
C GLU C 428 17.24 10.70 14.31
N GLN C 429 17.77 11.91 14.08
CA GLN C 429 19.05 12.08 13.40
C GLN C 429 20.20 12.30 14.37
N PHE C 430 21.42 12.01 13.91
CA PHE C 430 22.60 12.18 14.76
C PHE C 430 23.91 12.32 14.01
N LEU C 431 24.88 12.91 14.70
CA LEU C 431 26.23 13.04 14.15
C LEU C 431 26.87 11.71 14.54
N CYS C 432 27.43 11.05 13.55
CA CYS C 432 28.05 9.79 13.79
C CYS C 432 29.05 9.84 14.93
N LYS C 433 29.92 10.85 14.92
CA LYS C 433 30.92 10.99 15.97
C LYS C 433 30.39 10.79 17.40
N GLU C 434 29.29 11.48 17.70
CA GLU C 434 28.61 11.45 19.00
C GLU C 434 27.78 10.22 19.20
N SER C 435 27.05 9.87 18.15
CA SER C 435 26.24 8.68 18.20
C SER C 435 27.06 7.61 17.52
N GLY C 436 27.78 6.79 18.29
CA GLY C 436 28.61 5.74 17.72
C GLY C 436 28.00 4.86 16.63
N GLY C 437 27.13 5.45 15.82
CA GLY C 437 26.48 4.73 14.76
C GLY C 437 25.00 4.98 14.87
N ALA C 438 24.20 3.99 14.49
CA ALA C 438 22.76 4.12 14.57
C ALA C 438 22.18 2.80 15.05
N TYR C 439 21.03 2.87 15.71
CA TYR C 439 20.40 1.66 16.20
C TYR C 439 18.90 1.70 16.04
N ILE C 440 18.38 1.10 14.98
CA ILE C 440 16.93 1.09 14.77
C ILE C 440 16.36 -0.20 15.29
N VAL C 441 15.13 -0.14 15.76
CA VAL C 441 14.44 -1.32 16.28
C VAL C 441 13.00 -1.29 15.78
N HIS C 442 12.68 -2.18 14.85
CA HIS C 442 11.33 -2.21 14.31
C HIS C 442 10.35 -2.68 15.37
N TYR C 443 9.12 -2.96 14.96
CA TYR C 443 8.09 -3.43 15.88
C TYR C 443 6.78 -3.65 15.15
N LYS C 444 5.97 -4.57 15.65
CA LYS C 444 4.67 -4.85 15.06
C LYS C 444 4.01 -3.49 14.88
N MET C 445 4.14 -2.90 13.68
CA MET C 445 3.57 -1.58 13.47
C MET C 445 2.26 -1.53 12.70
N ASN C 446 1.71 -2.67 12.35
CA ASN C 446 0.49 -2.67 11.58
C ASN C 446 -0.67 -3.30 12.31
N ASN C 447 -0.55 -4.60 12.56
CA ASN C 447 -1.58 -5.30 13.29
C ASN C 447 -1.35 -4.95 14.75
N PRO C 448 -2.39 -4.48 15.42
CA PRO C 448 -2.26 -4.13 16.83
C PRO C 448 -1.83 -5.38 17.58
N VAL C 449 -1.92 -6.52 16.90
CA VAL C 449 -1.50 -7.78 17.48
C VAL C 449 -0.78 -8.61 16.44
N PHE C 450 0.15 -9.44 16.91
CA PHE C 450 1.00 -10.29 16.06
C PHE C 450 0.34 -11.36 15.21
N GLU C 451 -0.29 -10.96 14.10
CA GLU C 451 -0.95 -11.88 13.19
C GLU C 451 0.16 -12.80 12.70
N MET C 452 -0.05 -13.50 11.61
CA MET C 452 1.02 -14.38 11.15
C MET C 452 1.21 -14.44 9.65
N THR C 453 2.04 -13.54 9.15
CA THR C 453 2.32 -13.54 7.73
C THR C 453 2.70 -14.96 7.33
N GLY C 454 2.28 -15.46 6.17
CA GLY C 454 2.67 -16.84 5.83
C GLY C 454 2.96 -16.98 4.36
N GLU C 455 1.99 -17.54 3.65
CA GLU C 455 2.00 -17.66 2.18
C GLU C 455 1.29 -16.41 1.73
N GLU C 456 0.50 -16.01 2.71
CA GLU C 456 -0.33 -14.83 2.70
C GLU C 456 0.23 -13.77 1.77
N ASN C 457 1.46 -13.34 2.00
CA ASN C 457 2.08 -12.31 1.17
C ASN C 457 3.55 -12.60 0.91
N PHE C 458 3.80 -13.45 -0.06
CA PHE C 458 5.14 -13.81 -0.45
C PHE C 458 5.27 -13.64 -1.94
N GLY C 459 6.44 -13.19 -2.39
CA GLY C 459 6.63 -13.02 -3.81
C GLY C 459 7.85 -12.24 -4.22
N GLY C 460 7.77 -11.62 -5.40
CA GLY C 460 8.86 -10.85 -5.93
C GLY C 460 8.77 -9.39 -5.55
N PHE C 461 9.64 -8.96 -4.66
CA PHE C 461 9.66 -7.58 -4.23
C PHE C 461 9.84 -6.68 -5.44
N GLN C 462 8.76 -6.01 -5.81
CA GLN C 462 8.80 -5.07 -6.92
C GLN C 462 8.25 -3.76 -6.32
N PHE C 463 9.16 -2.79 -6.14
CA PHE C 463 8.83 -1.50 -5.53
C PHE C 463 8.61 -0.40 -6.50
N HIS C 464 7.92 0.56 -5.98
CA HIS C 464 7.55 1.77 -6.65
C HIS C 464 7.81 2.85 -5.62
N TYR C 465 7.61 4.08 -6.01
CA TYR C 465 7.92 5.20 -5.14
C TYR C 465 7.35 6.38 -5.85
N PRO C 466 7.23 7.54 -5.20
CA PRO C 466 6.69 8.63 -6.01
C PRO C 466 7.75 8.91 -7.09
N GLY C 467 7.30 9.31 -8.27
CA GLY C 467 8.23 9.57 -9.34
C GLY C 467 8.44 8.36 -10.24
N TYR C 468 8.91 7.26 -9.65
CA TYR C 468 9.15 6.05 -10.41
C TYR C 468 7.97 5.67 -11.27
N ASP C 469 8.24 5.42 -12.54
CA ASP C 469 7.19 4.98 -13.46
C ASP C 469 7.57 3.55 -13.79
N PRO C 470 6.58 2.64 -13.75
CA PRO C 470 6.79 1.22 -14.03
C PRO C 470 7.02 0.97 -15.48
N GLU C 471 7.03 2.04 -16.27
CA GLU C 471 7.22 1.88 -17.69
C GLU C 471 8.49 1.09 -17.93
N ASN C 472 9.43 1.19 -17.01
CA ASN C 472 10.70 0.47 -17.14
C ASN C 472 10.78 -0.76 -16.23
N ASN C 473 9.65 -1.35 -15.81
CA ASN C 473 9.61 -2.56 -14.93
C ASN C 473 9.66 -3.92 -15.74
N ALA C 474 10.53 -4.86 -15.30
CA ALA C 474 10.70 -6.21 -15.94
C ALA C 474 9.35 -7.03 -16.02
N LEU C 475 9.11 -7.71 -17.11
CA LEU C 475 7.86 -8.48 -17.17
C LEU C 475 7.99 -9.81 -16.41
N GLY C 476 9.22 -10.22 -16.08
CA GLY C 476 9.44 -11.56 -15.46
C GLY C 476 9.53 -11.68 -13.93
N LEU C 477 9.62 -12.96 -13.40
CA LEU C 477 9.77 -13.17 -11.96
C LEU C 477 11.14 -12.62 -11.59
N ARG C 478 11.14 -11.40 -11.16
CA ARG C 478 12.35 -10.70 -10.78
C ARG C 478 12.26 -10.16 -9.39
N GLY C 479 13.28 -9.38 -9.04
CA GLY C 479 13.29 -8.76 -7.77
C GLY C 479 13.64 -9.72 -6.65
N ILE C 480 13.60 -9.17 -5.44
CA ILE C 480 13.87 -9.85 -4.19
C ILE C 480 12.77 -10.83 -3.79
N VAL C 481 12.98 -12.15 -3.96
CA VAL C 481 11.94 -13.16 -3.68
C VAL C 481 11.85 -13.64 -2.24
N ASP C 482 10.90 -13.06 -1.51
CA ASP C 482 10.72 -13.43 -0.12
C ASP C 482 9.30 -13.14 0.38
N THR C 483 9.14 -13.27 1.69
CA THR C 483 7.85 -13.04 2.35
C THR C 483 7.97 -11.80 3.25
N PHE C 484 7.17 -10.77 2.98
CA PHE C 484 7.20 -9.56 3.79
C PHE C 484 6.36 -9.72 5.04
N GLU C 485 6.97 -9.55 6.22
CA GLU C 485 6.27 -9.70 7.49
C GLU C 485 5.10 -8.75 7.69
N ASN C 486 4.02 -8.99 6.94
CA ASN C 486 2.81 -8.20 7.00
C ASN C 486 2.90 -7.08 8.05
N ASN C 487 2.58 -7.41 9.29
CA ASN C 487 2.60 -6.44 10.39
C ASN C 487 3.96 -6.22 11.04
N PHE C 488 4.66 -5.16 10.64
CA PHE C 488 5.96 -4.82 11.21
C PHE C 488 6.62 -3.70 10.43
N SER C 489 7.09 -2.69 11.15
CA SER C 489 7.70 -1.55 10.50
C SER C 489 8.98 -1.92 9.74
N SER C 490 9.05 -1.40 8.52
CA SER C 490 10.26 -1.49 7.74
C SER C 490 10.95 -0.12 7.90
N ALA C 491 12.24 -0.11 8.25
CA ALA C 491 12.85 1.18 8.49
C ALA C 491 13.93 1.64 7.53
N VAL C 492 14.31 2.90 7.66
CA VAL C 492 15.34 3.50 6.83
C VAL C 492 16.38 4.31 7.60
N VAL C 493 17.64 4.07 7.29
CA VAL C 493 18.71 4.78 7.96
C VAL C 493 19.62 5.38 6.92
N HIS C 494 19.65 6.70 6.88
CA HIS C 494 20.49 7.39 5.94
C HIS C 494 21.72 7.92 6.62
N PHE C 495 22.87 7.60 6.04
CA PHE C 495 24.15 8.06 6.56
C PHE C 495 24.72 8.98 5.53
N TRP C 496 24.78 10.25 5.89
CA TRP C 496 25.31 11.24 4.97
C TRP C 496 26.68 11.80 5.29
N GLY C 497 27.48 11.93 4.24
CA GLY C 497 28.82 12.46 4.40
C GLY C 497 29.64 11.57 5.30
N ILE C 498 29.75 10.31 4.92
CA ILE C 498 30.53 9.38 5.69
C ILE C 498 31.89 9.34 5.02
N SER C 499 32.94 9.11 5.80
CA SER C 499 34.27 9.06 5.23
C SER C 499 34.46 7.86 4.35
N GLN C 500 34.88 8.13 3.16
CA GLN C 500 35.19 7.13 2.20
C GLN C 500 35.74 5.98 2.98
N SER C 501 36.79 6.36 3.69
CA SER C 501 37.59 5.51 4.57
C SER C 501 36.92 4.99 5.85
N ALA C 502 35.59 5.02 5.89
CA ALA C 502 34.89 4.52 7.06
C ALA C 502 33.83 3.54 6.62
N THR C 503 33.48 2.60 7.50
CA THR C 503 32.47 1.61 7.17
C THR C 503 31.40 1.50 8.24
N ILE C 504 30.29 0.84 7.87
CA ILE C 504 29.19 0.66 8.78
C ILE C 504 29.05 -0.82 9.12
N VAL C 505 29.39 -1.16 10.35
CA VAL C 505 29.27 -2.52 10.81
C VAL C 505 27.79 -2.62 11.15
N CYS C 506 27.10 -3.62 10.62
CA CYS C 506 25.67 -3.75 10.88
C CYS C 506 25.27 -5.00 11.60
N LYS C 507 25.21 -4.96 12.94
CA LYS C 507 24.82 -6.17 13.66
C LYS C 507 23.32 -6.12 13.91
N THR C 508 22.62 -7.02 13.25
CA THR C 508 21.20 -7.08 13.37
C THR C 508 20.87 -8.25 14.26
N TYR C 509 19.91 -8.08 15.14
CA TYR C 509 19.51 -9.18 16.02
C TYR C 509 18.08 -9.54 15.63
N ASP C 510 17.89 -9.96 14.37
CA ASP C 510 16.57 -10.31 13.88
C ASP C 510 16.08 -11.69 14.32
N GLY C 511 14.79 -11.76 14.67
CA GLY C 511 14.22 -13.00 15.12
C GLY C 511 12.81 -13.21 14.61
N TRP C 512 12.46 -14.47 14.41
CA TRP C 512 11.15 -14.81 13.89
C TRP C 512 10.59 -16.09 14.51
N GLU C 513 9.29 -16.27 14.36
CA GLU C 513 8.58 -17.44 14.88
C GLU C 513 7.79 -17.98 13.69
N GLY C 514 7.94 -19.26 13.40
CA GLY C 514 7.23 -19.85 12.28
C GLY C 514 6.75 -21.27 12.53
N THR C 515 6.15 -21.86 11.52
CA THR C 515 5.66 -23.23 11.61
C THR C 515 6.27 -24.06 10.49
N THR C 516 6.50 -25.35 10.76
CA THR C 516 7.11 -26.22 9.76
C THR C 516 6.11 -27.19 9.15
N ASN C 517 6.15 -27.33 7.83
CA ASN C 517 5.24 -28.23 7.15
C ASN C 517 5.98 -29.45 6.66
N ALA C 518 7.12 -29.21 6.04
CA ALA C 518 7.93 -30.29 5.54
C ALA C 518 9.39 -29.90 5.65
N GLY C 519 10.21 -30.85 6.03
CA GLY C 519 11.62 -30.59 6.18
C GLY C 519 12.18 -31.85 6.74
N SER C 520 13.43 -31.79 7.17
CA SER C 520 14.07 -32.95 7.74
C SER C 520 14.90 -32.42 8.90
N THR C 521 15.06 -31.11 8.93
CA THR C 521 15.91 -30.55 9.96
C THR C 521 15.33 -29.54 10.90
N VAL C 522 14.54 -28.62 10.38
CA VAL C 522 14.01 -27.59 11.23
C VAL C 522 13.01 -28.06 12.28
N GLY C 523 12.04 -28.86 11.84
CA GLY C 523 11.00 -29.36 12.75
C GLY C 523 11.49 -30.13 13.95
N GLN C 524 12.74 -29.95 14.31
CA GLN C 524 13.26 -30.65 15.44
C GLN C 524 13.13 -29.79 16.68
N PHE C 525 13.56 -28.53 16.56
CA PHE C 525 13.51 -27.62 17.71
C PHE C 525 12.21 -26.86 17.73
N ALA C 526 11.23 -27.41 17.04
CA ALA C 526 9.91 -26.82 17.01
C ALA C 526 9.32 -27.19 18.36
N HIS C 527 8.88 -26.18 19.11
CA HIS C 527 8.31 -26.41 20.44
C HIS C 527 6.97 -25.72 20.59
N THR C 528 6.51 -25.55 21.82
CA THR C 528 5.24 -24.90 22.03
C THR C 528 5.36 -23.39 22.00
N GLY C 529 4.26 -22.75 21.58
CA GLY C 529 4.20 -21.30 21.49
C GLY C 529 4.43 -20.68 22.85
N ALA C 530 4.74 -19.39 22.85
CA ALA C 530 5.01 -18.70 24.10
C ALA C 530 3.76 -18.60 24.95
N GLU C 531 3.93 -18.59 26.26
CA GLU C 531 2.76 -18.48 27.11
C GLU C 531 2.17 -17.08 27.01
N GLU C 532 0.89 -17.00 26.63
CA GLU C 532 0.20 -15.72 26.51
C GLU C 532 0.35 -14.81 27.74
N GLU C 533 1.24 -13.83 27.63
CA GLU C 533 1.52 -12.88 28.72
C GLU C 533 1.18 -11.45 28.32
N ASP C 534 -0.11 -11.08 28.39
CA ASP C 534 -0.59 -9.75 28.01
C ASP C 534 0.18 -8.57 28.57
N GLU C 535 0.00 -8.32 29.86
CA GLU C 535 0.70 -7.24 30.53
C GLU C 535 2.08 -7.02 29.92
N VAL C 536 2.90 -8.06 29.92
CA VAL C 536 4.23 -7.99 29.34
C VAL C 536 4.10 -7.29 28.01
N VAL C 537 3.68 -8.05 27.02
CA VAL C 537 3.45 -7.59 25.67
C VAL C 537 2.79 -6.23 25.67
N GLN C 538 1.66 -6.17 26.38
CA GLN C 538 0.88 -4.94 26.50
C GLN C 538 1.88 -3.80 26.59
N LEU C 539 2.69 -3.86 27.64
CA LEU C 539 3.72 -2.87 27.90
C LEU C 539 4.63 -2.74 26.69
N ALA C 540 5.21 -3.84 26.26
CA ALA C 540 6.10 -3.84 25.12
C ALA C 540 5.48 -2.98 24.03
N ASN C 541 4.24 -3.26 23.71
CA ASN C 541 3.55 -2.50 22.69
C ASN C 541 3.45 -1.02 23.04
N ARG C 542 3.24 -0.74 24.32
CA ARG C 542 3.13 0.65 24.73
C ARG C 542 4.42 1.38 24.42
N LEU C 543 5.52 0.79 24.87
CA LEU C 543 6.82 1.38 24.66
C LEU C 543 7.12 1.64 23.19
N GLN C 544 6.66 0.74 22.33
CA GLN C 544 6.92 0.94 20.93
C GLN C 544 6.20 2.19 20.42
N MET C 545 4.87 2.13 20.29
CA MET C 545 4.10 3.30 19.83
C MET C 545 4.67 4.53 20.49
N GLU C 546 5.19 4.29 21.67
CA GLU C 546 5.81 5.28 22.52
C GLU C 546 7.15 5.82 22.00
N LEU C 547 8.00 4.97 21.44
CA LEU C 547 9.35 5.35 21.05
C LEU C 547 9.58 5.75 19.59
N THR C 548 10.85 5.98 19.32
CA THR C 548 11.32 6.38 18.01
C THR C 548 11.77 5.19 17.21
N GLY C 549 12.37 4.24 17.90
CA GLY C 549 12.85 3.05 17.24
C GLY C 549 14.19 3.32 16.58
N VAL C 550 14.69 4.53 16.76
CA VAL C 550 15.97 4.93 16.19
C VAL C 550 16.77 5.57 17.30
N TYR C 551 17.88 4.95 17.67
CA TYR C 551 18.69 5.49 18.76
C TYR C 551 20.17 5.51 18.49
N GLN C 552 20.88 6.29 19.29
CA GLN C 552 22.32 6.35 19.16
C GLN C 552 22.81 4.93 19.28
N ALA C 553 23.77 4.54 18.46
CA ALA C 553 24.27 3.19 18.54
C ALA C 553 24.63 2.95 20.01
N ASP C 554 25.23 3.95 20.65
CA ASP C 554 25.64 3.87 22.04
C ASP C 554 24.51 3.39 22.96
N ASP C 555 23.33 3.15 22.41
CA ASP C 555 22.19 2.72 23.21
C ASP C 555 21.75 1.31 22.95
N ASN C 556 22.45 0.58 22.10
CA ASN C 556 22.04 -0.78 21.82
C ASN C 556 22.40 -1.72 22.97
N PHE D 1 25.21 -4.14 29.07
CA PHE D 1 24.45 -3.32 30.01
C PHE D 1 24.58 -1.84 29.67
N ALA D 2 24.68 -1.58 28.38
CA ALA D 2 24.80 -0.23 27.88
C ALA D 2 23.42 0.24 27.46
N GLY D 3 22.59 -0.72 27.05
CA GLY D 3 21.25 -0.38 26.62
C GLY D 3 20.57 0.68 27.48
N THR D 4 20.25 1.84 26.89
CA THR D 4 19.48 2.87 27.56
C THR D 4 18.07 2.43 27.38
N VAL D 5 17.79 2.21 26.11
CA VAL D 5 16.49 1.74 25.67
C VAL D 5 16.09 0.58 26.53
N SER D 6 17.06 -0.27 26.83
CA SER D 6 16.81 -1.44 27.66
C SER D 6 16.48 -1.04 29.09
N ALA D 7 17.27 -0.13 29.63
CA ALA D 7 17.03 0.35 30.98
C ALA D 7 15.61 0.85 30.97
N LEU D 8 15.27 1.63 29.96
CA LEU D 8 13.92 2.18 29.81
C LEU D 8 12.86 1.10 29.77
N ALA D 9 13.28 -0.15 29.94
CA ALA D 9 12.34 -1.27 29.92
C ALA D 9 12.26 -1.81 31.33
N SER D 10 13.35 -2.44 31.76
CA SER D 10 13.43 -2.99 33.10
C SER D 10 12.91 -2.00 34.12
N ILE D 11 12.90 -0.73 33.75
CA ILE D 11 12.43 0.32 34.61
C ILE D 11 10.93 0.16 34.74
N GLY D 12 10.27 0.05 33.58
CA GLY D 12 8.82 -0.11 33.54
C GLY D 12 8.45 -1.55 33.84
N LEU D 13 9.24 -2.47 33.30
CA LEU D 13 9.01 -3.88 33.54
C LEU D 13 9.13 -3.97 35.03
N GLY D 14 10.13 -3.26 35.56
CA GLY D 14 10.35 -3.25 36.99
C GLY D 14 9.03 -2.95 37.68
N LEU D 15 8.44 -1.81 37.37
CA LEU D 15 7.18 -1.41 37.98
C LEU D 15 6.16 -2.50 37.77
N LEU D 16 5.74 -2.65 36.51
CA LEU D 16 4.76 -3.66 36.13
C LEU D 16 4.71 -4.84 37.11
N GLY D 17 5.88 -5.39 37.40
CA GLY D 17 6.02 -6.54 38.30
C GLY D 17 5.22 -6.51 39.58
N LYS D 18 4.99 -5.30 40.09
CA LYS D 18 4.23 -5.11 41.32
C LYS D 18 3.16 -4.06 41.06
N SER D 19 2.82 -3.91 39.79
CA SER D 19 1.82 -2.94 39.41
C SER D 19 0.47 -3.63 39.32
N SER D 20 -0.62 -2.90 39.53
CA SER D 20 -1.98 -3.52 39.53
C SER D 20 -2.35 -4.30 38.27
N ALA D 21 -1.49 -4.27 37.25
CA ALA D 21 -1.76 -4.98 36.04
C ALA D 21 -2.93 -4.36 35.24
N THR D 22 -3.45 -3.20 35.62
CA THR D 22 -4.52 -2.60 34.81
C THR D 22 -3.90 -2.14 33.51
N PRO D 23 -4.57 -2.33 32.40
CA PRO D 23 -3.94 -1.85 31.17
C PRO D 23 -3.95 -0.33 31.22
N SER D 24 -4.83 0.20 32.05
CA SER D 24 -4.88 1.64 32.20
C SER D 24 -3.57 1.94 32.92
N VAL D 25 -3.33 1.19 33.98
CA VAL D 25 -2.12 1.33 34.79
C VAL D 25 -0.93 1.17 33.89
N ILE D 26 -0.97 0.15 33.05
CA ILE D 26 0.13 -0.07 32.15
C ILE D 26 0.46 1.21 31.42
N LYS D 27 -0.56 1.93 30.97
CA LYS D 27 -0.28 3.19 30.31
C LYS D 27 0.58 4.00 31.26
N GLY D 28 0.12 4.14 32.50
CA GLY D 28 0.88 4.89 33.47
C GLY D 28 2.37 4.55 33.46
N ILE D 29 2.70 3.31 33.75
CA ILE D 29 4.09 2.87 33.77
C ILE D 29 4.76 3.15 32.44
N ALA D 30 4.10 2.74 31.38
CA ALA D 30 4.64 2.93 30.04
C ALA D 30 5.04 4.36 29.73
N GLN D 31 4.51 5.32 30.47
CA GLN D 31 4.85 6.71 30.23
C GLN D 31 5.96 7.09 31.19
N GLN D 32 5.87 6.54 32.37
CA GLN D 32 6.87 6.73 33.44
C GLN D 32 8.17 6.20 32.94
N ALA D 33 8.07 5.09 32.21
CA ALA D 33 9.23 4.41 31.66
C ALA D 33 9.98 5.35 30.74
N VAL D 34 9.21 6.09 29.95
CA VAL D 34 9.77 7.07 29.04
C VAL D 34 10.21 8.22 29.94
N GLY D 35 9.86 8.12 31.21
CA GLY D 35 10.22 9.14 32.16
C GLY D 35 9.40 10.38 31.95
N ALA D 36 8.13 10.22 31.59
CA ALA D 36 7.23 11.36 31.38
C ALA D 36 6.83 11.99 32.72
N VAL D 37 5.93 12.99 32.68
CA VAL D 37 5.47 13.68 33.90
C VAL D 37 4.18 14.52 33.76
N GLN D 38 3.56 14.84 34.91
CA GLN D 38 2.36 15.67 34.95
C GLN D 38 2.79 17.11 35.16
N ALA D 39 2.84 17.87 34.06
CA ALA D 39 3.29 19.27 34.09
C ALA D 39 2.47 20.26 34.94
N ASN D 40 3.12 21.39 35.25
CA ASN D 40 2.63 22.54 36.02
C ASN D 40 3.78 23.14 36.84
N GLN E 40 -7.99 14.95 36.86
CA GLN E 40 -7.56 15.49 35.54
C GLN E 40 -6.18 16.15 35.62
N ALA E 41 -5.46 16.14 34.50
CA ALA E 41 -4.14 16.74 34.44
C ALA E 41 -3.42 16.51 33.09
N THR E 42 -2.32 17.22 32.92
CA THR E 42 -1.53 17.13 31.70
C THR E 42 -0.19 16.39 31.86
N ILE E 43 0.19 15.65 30.81
CA ILE E 43 1.43 14.89 30.80
C ILE E 43 2.35 15.39 29.71
N LEU E 44 3.66 15.19 29.93
CA LEU E 44 4.68 15.65 29.01
C LEU E 44 5.92 14.73 28.96
N LYS E 45 6.10 14.01 27.85
CA LYS E 45 7.25 13.12 27.68
C LYS E 45 8.47 13.93 27.23
N PRO E 46 9.69 13.50 27.64
CA PRO E 46 10.98 14.14 27.32
C PRO E 46 11.54 13.75 25.95
N GLN E 47 12.30 14.65 25.32
CA GLN E 47 12.91 14.37 24.02
C GLN E 47 13.97 13.31 24.28
N LEU E 48 14.59 13.43 25.45
CA LEU E 48 15.64 12.52 25.87
C LEU E 48 15.09 11.47 26.83
N LEU E 49 15.24 10.21 26.44
CA LEU E 49 14.77 9.10 27.26
C LEU E 49 15.72 8.97 28.42
N PRO E 50 15.18 8.75 29.62
CA PRO E 50 16.01 8.60 30.82
C PRO E 50 17.43 8.10 30.54
N GLY E 51 18.37 9.04 30.49
CA GLY E 51 19.75 8.67 30.23
C GLY E 51 20.28 9.07 28.86
N GLU E 52 19.39 9.18 27.87
CA GLU E 52 19.80 9.55 26.51
C GLU E 52 20.66 10.81 26.57
N SER E 53 21.84 10.75 25.96
CA SER E 53 22.76 11.91 25.97
C SER E 53 22.98 12.53 24.59
N VAL E 54 22.02 13.33 24.13
CA VAL E 54 22.12 13.96 22.81
C VAL E 54 23.05 15.18 22.72
N ALA E 55 23.51 15.42 21.49
CA ALA E 55 24.38 16.53 21.17
C ALA E 55 23.56 17.82 21.08
N PRO E 56 24.20 18.94 20.71
CA PRO E 56 23.50 20.22 20.61
C PRO E 56 22.51 20.35 19.45
N SER E 57 22.39 19.31 18.62
CA SER E 57 21.44 19.38 17.52
C SER E 57 20.90 18.02 17.13
N GLY E 58 21.24 17.01 17.93
CA GLY E 58 20.77 15.67 17.65
C GLY E 58 19.31 15.43 18.01
N GLY E 59 19.05 14.24 18.54
CA GLY E 59 17.70 13.83 18.94
C GLY E 59 16.70 13.62 17.81
N ARG E 60 15.45 13.96 18.10
CA ARG E 60 14.34 13.85 17.18
C ARG E 60 13.95 15.30 16.90
N GLY E 61 12.99 15.53 16.00
CA GLY E 61 12.59 16.89 15.68
C GLY E 61 11.21 17.22 16.17
N THR E 62 10.60 16.19 16.75
CA THR E 62 9.24 16.26 17.28
C THR E 62 9.20 16.35 18.79
N MET E 63 8.02 16.63 19.31
CA MET E 63 7.80 16.77 20.74
C MET E 63 6.39 16.33 21.17
N ASP E 64 6.06 15.06 20.88
CA ASP E 64 4.76 14.50 21.21
C ASP E 64 3.90 15.54 21.91
N PRO E 65 2.94 16.11 21.17
CA PRO E 65 2.10 17.11 21.84
C PRO E 65 1.57 16.56 23.17
N PRO E 66 1.73 17.33 24.25
CA PRO E 66 1.31 17.00 25.62
C PRO E 66 0.07 16.11 25.76
N VAL E 67 -0.02 15.41 26.89
CA VAL E 67 -1.14 14.50 27.13
C VAL E 67 -2.16 15.10 28.10
N HIS E 68 -3.29 15.54 27.59
CA HIS E 68 -4.31 16.12 28.45
C HIS E 68 -5.33 15.07 28.76
N GLU E 69 -4.89 13.91 29.18
CA GLU E 69 -5.81 12.85 29.49
C GLU E 69 -6.60 13.21 30.74
N ILE E 70 -7.92 13.04 30.66
CA ILE E 70 -8.84 13.32 31.75
C ILE E 70 -8.75 12.18 32.75
N CYS E 71 -9.20 12.40 34.00
CA CYS E 71 -9.12 11.35 35.00
C CYS E 71 -10.44 10.79 35.54
N ALA E 72 -10.35 9.56 36.04
CA ALA E 72 -11.50 8.84 36.58
C ALA E 72 -11.06 7.90 37.71
N GLN E 73 -12.02 7.30 38.39
CA GLN E 73 -11.69 6.40 39.47
C GLN E 73 -10.87 5.20 38.97
N SER E 74 -11.05 4.82 37.70
CA SER E 74 -10.33 3.67 37.15
C SER E 74 -9.52 3.87 35.86
N ILE E 75 -9.81 4.94 35.12
CA ILE E 75 -9.09 5.23 33.86
C ILE E 75 -8.82 6.71 33.63
N ASP E 76 -7.93 7.00 32.68
CA ASP E 76 -7.55 8.37 32.37
C ASP E 76 -7.32 8.56 30.87
N PRO E 77 -8.36 8.38 30.05
CA PRO E 77 -8.25 8.53 28.60
C PRO E 77 -7.91 9.95 28.25
N SER E 78 -7.14 10.13 27.18
CA SER E 78 -6.76 11.45 26.71
C SER E 78 -7.91 11.98 25.86
N GLU E 79 -8.15 13.28 25.93
CA GLU E 79 -9.22 13.91 25.17
C GLU E 79 -9.34 13.37 23.74
N GLY E 80 -8.21 12.97 23.17
CA GLY E 80 -8.25 12.42 21.82
C GLY E 80 -8.85 11.05 21.91
N ALA E 81 -8.38 10.27 22.88
CA ALA E 81 -8.89 8.94 23.10
C ALA E 81 -10.38 9.08 23.29
N VAL E 82 -10.76 9.94 24.23
CA VAL E 82 -12.15 10.19 24.52
C VAL E 82 -12.92 10.71 23.31
N GLY E 83 -12.51 11.88 22.81
CA GLY E 83 -13.18 12.42 21.65
C GLY E 83 -13.41 11.32 20.64
N TRP E 84 -12.33 10.59 20.33
CA TRP E 84 -12.41 9.50 19.38
C TRP E 84 -13.56 8.58 19.74
N PHE E 85 -13.58 8.11 20.98
CA PHE E 85 -14.63 7.23 21.41
C PHE E 85 -15.98 7.73 20.92
N TYR E 86 -16.34 8.95 21.32
CA TYR E 86 -17.60 9.53 20.90
C TYR E 86 -17.70 9.63 19.39
N LYS E 87 -16.64 10.15 18.75
CA LYS E 87 -16.62 10.28 17.30
C LYS E 87 -16.83 8.93 16.63
N TYR E 88 -16.08 7.93 17.08
CA TYR E 88 -16.18 6.59 16.53
C TYR E 88 -17.60 6.09 16.73
N MET E 89 -18.20 6.53 17.83
CA MET E 89 -19.56 6.11 18.18
C MET E 89 -20.65 6.89 17.50
N ASP E 90 -20.66 8.19 17.75
CA ASP E 90 -21.64 9.11 17.19
C ASP E 90 -20.92 10.24 16.48
N PRO E 91 -20.06 9.89 15.51
CA PRO E 91 -19.33 10.94 14.79
C PRO E 91 -20.07 12.27 14.67
N ALA E 92 -20.97 12.37 13.71
CA ALA E 92 -21.72 13.61 13.50
C ALA E 92 -22.28 14.23 14.79
N GLY E 93 -22.91 13.41 15.63
CA GLY E 93 -23.48 13.95 16.85
C GLY E 93 -22.46 14.47 17.84
N ALA E 94 -21.59 13.57 18.33
CA ALA E 94 -20.54 13.87 19.29
C ALA E 94 -19.83 15.20 19.04
N VAL E 95 -19.82 15.65 17.77
CA VAL E 95 -19.18 16.92 17.41
C VAL E 95 -20.09 18.05 17.83
N GLU E 96 -21.29 18.08 17.24
CA GLU E 96 -22.26 19.10 17.56
C GLU E 96 -22.77 18.80 18.96
N SER E 97 -22.36 17.64 19.47
CA SER E 97 -22.75 17.19 20.79
C SER E 97 -21.76 17.80 21.80
N GLY E 98 -20.65 18.31 21.28
CA GLY E 98 -19.66 18.93 22.14
C GLY E 98 -18.72 17.93 22.77
N LYS E 99 -19.06 16.66 22.64
CA LYS E 99 -18.27 15.58 23.22
C LYS E 99 -17.03 15.25 22.40
N ALA E 100 -16.88 15.85 21.22
CA ALA E 100 -15.72 15.59 20.37
C ALA E 100 -14.54 16.37 20.90
N LEU E 101 -13.33 15.90 20.64
CA LEU E 101 -12.15 16.63 21.13
C LEU E 101 -10.83 15.90 20.95
N GLY E 102 -9.75 16.66 21.09
CA GLY E 102 -8.43 16.08 20.94
C GLY E 102 -8.34 15.34 19.62
N GLU E 103 -7.32 14.51 19.49
CA GLU E 103 -7.09 13.74 18.28
C GLU E 103 -8.16 12.69 18.01
N PHE E 104 -9.42 13.12 17.97
CA PHE E 104 -10.49 12.16 17.75
C PHE E 104 -10.35 11.42 16.44
N SER E 105 -9.57 11.95 15.50
CA SER E 105 -9.40 11.26 14.22
C SER E 105 -8.29 10.22 14.30
N LYS E 106 -7.79 10.00 15.51
CA LYS E 106 -6.76 9.01 15.75
C LYS E 106 -7.33 7.94 16.63
N VAL E 107 -6.95 6.69 16.38
CA VAL E 107 -7.44 5.59 17.19
C VAL E 107 -6.52 5.37 18.38
N PRO E 108 -7.11 5.32 19.58
CA PRO E 108 -6.45 5.13 20.87
C PRO E 108 -6.03 3.73 21.22
N ASP E 109 -5.34 3.05 20.31
CA ASP E 109 -4.85 1.71 20.59
C ASP E 109 -3.32 1.68 20.45
N GLY E 110 -2.69 2.75 20.94
CA GLY E 110 -1.25 2.92 20.92
C GLY E 110 -0.51 1.97 20.01
N LEU E 111 -0.91 1.92 18.74
CA LEU E 111 -0.28 1.03 17.79
C LEU E 111 0.80 1.69 16.98
N LEU E 112 0.45 2.81 16.36
CA LEU E 112 1.35 3.55 15.51
C LEU E 112 2.27 4.42 16.34
N ARG E 113 3.55 4.39 15.99
CA ARG E 113 4.58 5.16 16.68
C ARG E 113 4.41 6.61 16.24
N TYR E 114 3.88 6.75 15.04
CA TYR E 114 3.63 8.06 14.43
C TYR E 114 2.53 7.87 13.41
N SER E 115 1.65 8.86 13.29
CA SER E 115 0.58 8.74 12.33
C SER E 115 -0.06 10.07 12.10
N VAL E 116 -0.51 10.27 10.87
CA VAL E 116 -1.20 11.48 10.52
C VAL E 116 -2.63 11.04 10.59
N ASP E 117 -3.56 12.00 10.58
CA ASP E 117 -4.95 11.62 10.71
C ASP E 117 -5.80 12.85 10.56
N ALA E 118 -7.09 12.63 10.38
CA ALA E 118 -8.02 13.73 10.25
C ALA E 118 -9.40 13.20 9.95
N GLU E 119 -10.28 14.11 9.58
CA GLU E 119 -11.65 13.81 9.24
C GLU E 119 -12.05 14.67 8.06
N GLN E 120 -12.81 14.09 7.16
CA GLN E 120 -13.28 14.84 6.02
C GLN E 120 -14.77 14.87 6.25
N ARG E 121 -15.37 16.06 6.30
CA ARG E 121 -16.81 16.13 6.53
C ARG E 121 -17.62 16.52 5.29
N PRO E 122 -17.18 16.08 4.09
CA PRO E 122 -17.93 16.46 2.90
C PRO E 122 -19.41 16.30 3.04
N ILE E 123 -20.15 17.30 2.60
CA ILE E 123 -21.60 17.28 2.64
C ILE E 123 -22.14 17.38 1.22
N VAL E 124 -22.78 16.30 0.76
CA VAL E 124 -23.29 16.27 -0.59
C VAL E 124 -24.79 16.33 -0.54
N THR E 125 -25.39 16.88 -1.59
CA THR E 125 -26.84 16.99 -1.69
C THR E 125 -27.34 16.10 -2.80
N ILE E 126 -27.75 14.89 -2.46
CA ILE E 126 -28.25 14.01 -3.50
C ILE E 126 -29.71 14.39 -3.77
N GLU E 127 -30.07 14.40 -5.04
CA GLU E 127 -31.40 14.75 -5.45
C GLU E 127 -31.68 14.14 -6.81
N CYS E 128 -32.95 13.85 -7.07
CA CYS E 128 -33.38 13.24 -8.31
C CYS E 128 -32.70 13.77 -9.56
N PRO E 129 -32.30 12.85 -10.47
CA PRO E 129 -31.62 13.12 -11.75
C PRO E 129 -32.46 13.65 -12.91
N THR E 130 -33.65 13.10 -13.11
CA THR E 130 -34.49 13.55 -14.22
C THR E 130 -35.34 14.74 -13.88
N VAL E 131 -35.32 15.71 -14.77
CA VAL E 131 -36.14 16.89 -14.57
C VAL E 131 -37.49 16.51 -15.19
N SER E 132 -38.04 15.42 -14.65
CA SER E 132 -39.33 14.87 -15.06
C SER E 132 -40.37 15.98 -15.22
N GLU E 133 -40.53 16.49 -16.44
CA GLU E 133 -41.48 17.58 -16.65
C GLU E 133 -42.93 17.17 -16.48
N SER E 134 -43.62 17.85 -15.56
CA SER E 134 -45.03 17.59 -15.29
C SER E 134 -45.87 18.83 -15.60
N ASP E 135 -47.10 18.61 -16.04
CA ASP E 135 -48.02 19.70 -16.35
C ASP E 135 -48.88 20.07 -15.15
N LEU E 136 -49.25 19.09 -14.33
CA LEU E 136 -50.08 19.36 -13.18
C LEU E 136 -49.36 20.26 -12.18
N PRO E 137 -50.11 20.85 -11.23
CA PRO E 137 -49.51 21.73 -10.21
C PRO E 137 -48.90 20.82 -9.14
N LEU E 138 -49.27 19.55 -9.20
CA LEU E 138 -48.76 18.55 -8.27
C LEU E 138 -48.32 17.25 -8.94
N ASP E 139 -47.06 17.24 -9.34
CA ASP E 139 -46.39 16.11 -9.98
C ASP E 139 -46.08 15.10 -8.87
N GLY E 140 -47.12 14.48 -8.32
CA GLY E 140 -46.96 13.53 -7.24
C GLY E 140 -45.95 12.42 -7.49
N LYS E 141 -44.91 12.73 -8.26
CA LYS E 141 -43.90 11.74 -8.58
C LYS E 141 -43.06 11.45 -7.38
N LEU E 142 -42.54 10.22 -7.38
CA LEU E 142 -41.68 9.70 -6.32
C LEU E 142 -40.50 9.06 -6.97
N TRP E 143 -39.41 8.97 -6.24
CA TRP E 143 -38.24 8.31 -6.76
C TRP E 143 -37.56 7.51 -5.67
N ARG E 144 -36.80 6.54 -6.10
CA ARG E 144 -36.07 5.66 -5.21
C ARG E 144 -34.64 6.11 -5.33
N VAL E 145 -33.85 5.77 -4.33
CA VAL E 145 -32.44 6.12 -4.35
C VAL E 145 -31.79 5.33 -3.24
N SER E 146 -30.55 4.90 -3.46
CA SER E 146 -29.85 4.12 -2.48
C SER E 146 -28.39 4.48 -2.48
N PHE E 147 -27.78 4.30 -1.31
CA PHE E 147 -26.37 4.62 -1.15
C PHE E 147 -25.60 3.47 -0.57
N ILE E 148 -24.42 3.27 -1.14
CA ILE E 148 -23.53 2.23 -0.71
C ILE E 148 -22.36 2.99 -0.08
N SER E 149 -22.03 2.63 1.16
CA SER E 149 -20.93 3.28 1.83
C SER E 149 -19.77 2.33 1.92
N PHE E 150 -18.64 2.77 1.43
CA PHE E 150 -17.47 1.94 1.47
C PHE E 150 -16.40 2.61 2.27
N PRO E 151 -15.96 1.96 3.35
CA PRO E 151 -14.91 2.55 4.17
C PRO E 151 -13.66 2.52 3.31
N ALA E 152 -13.64 3.36 2.29
CA ALA E 152 -12.53 3.44 1.37
C ALA E 152 -11.84 4.75 1.58
N PHE E 153 -10.54 4.74 1.36
CA PHE E 153 -9.68 5.90 1.54
C PHE E 153 -10.11 7.18 0.85
N ARG E 154 -10.28 7.10 -0.46
CA ARG E 154 -10.68 8.25 -1.26
C ARG E 154 -12.17 8.28 -1.51
N LEU E 155 -12.80 7.10 -1.50
CA LEU E 155 -14.23 7.04 -1.73
C LEU E 155 -15.07 7.28 -0.51
N ASN E 156 -16.17 8.00 -0.69
CA ASN E 156 -17.13 8.28 0.40
C ASN E 156 -18.18 7.20 0.35
N PHE E 157 -19.07 7.32 -0.62
CA PHE E 157 -20.16 6.38 -0.82
C PHE E 157 -20.64 6.44 -2.25
N ILE E 158 -21.49 5.50 -2.61
CA ILE E 158 -22.01 5.48 -3.95
C ILE E 158 -23.48 5.69 -3.80
N ALA E 159 -24.12 6.07 -4.90
CA ALA E 159 -25.54 6.32 -4.88
C ALA E 159 -26.12 6.16 -6.27
N LEU E 160 -27.33 5.62 -6.31
CA LEU E 160 -28.04 5.38 -7.55
C LEU E 160 -29.52 5.56 -7.26
N ALA E 161 -30.22 6.28 -8.13
CA ALA E 161 -31.62 6.48 -7.92
C ALA E 161 -32.39 6.07 -9.17
N ASN E 162 -33.69 6.01 -9.05
CA ASN E 162 -34.58 5.64 -10.13
C ASN E 162 -35.59 6.76 -10.15
N ILE E 163 -35.66 7.53 -11.25
CA ILE E 163 -36.60 8.65 -11.36
C ILE E 163 -37.98 8.18 -11.01
N ASN E 164 -38.31 7.01 -11.52
CA ASN E 164 -39.59 6.41 -11.19
C ASN E 164 -39.28 5.67 -9.93
N ASN E 165 -40.24 5.58 -9.03
CA ASN E 165 -39.97 4.91 -7.79
C ASN E 165 -39.83 3.41 -7.97
N GLU E 166 -39.68 2.97 -9.22
CA GLU E 166 -39.56 1.56 -9.49
C GLU E 166 -38.35 0.96 -8.79
N ALA E 167 -38.48 -0.29 -8.38
CA ALA E 167 -37.39 -0.96 -7.71
C ALA E 167 -36.38 -1.40 -8.77
N LEU E 168 -35.31 -2.07 -8.36
CA LEU E 168 -34.28 -2.52 -9.28
C LEU E 168 -34.52 -3.95 -9.76
N THR E 169 -34.33 -4.19 -11.06
CA THR E 169 -34.50 -5.52 -11.62
C THR E 169 -33.16 -6.21 -11.63
N LEU E 170 -33.17 -7.52 -11.84
CA LEU E 170 -31.92 -8.25 -11.87
C LEU E 170 -31.07 -7.59 -12.94
N GLU E 171 -31.43 -7.81 -14.20
CA GLU E 171 -30.67 -7.21 -15.26
C GLU E 171 -30.54 -5.72 -15.05
N THR E 172 -31.54 -5.10 -14.42
CA THR E 172 -31.46 -3.67 -14.14
C THR E 172 -30.22 -3.49 -13.31
N ARG E 173 -30.25 -4.15 -12.16
CA ARG E 173 -29.18 -4.16 -11.17
C ARG E 173 -27.86 -4.49 -11.85
N ASN E 174 -27.84 -5.61 -12.54
CA ASN E 174 -26.64 -6.03 -13.25
C ASN E 174 -26.01 -4.89 -14.05
N THR E 175 -26.74 -4.32 -15.00
CA THR E 175 -26.17 -3.21 -15.78
C THR E 175 -25.53 -2.25 -14.82
N PHE E 176 -26.28 -1.87 -13.81
CA PHE E 176 -25.75 -0.97 -12.81
C PHE E 176 -24.34 -1.45 -12.48
N ILE E 177 -24.27 -2.60 -11.82
CA ILE E 177 -23.01 -3.22 -11.43
C ILE E 177 -21.96 -3.09 -12.52
N GLN E 178 -22.14 -3.90 -13.56
CA GLN E 178 -21.21 -3.92 -14.66
C GLN E 178 -20.80 -2.51 -15.08
N THR E 179 -21.63 -1.50 -14.77
CA THR E 179 -21.28 -0.12 -15.11
C THR E 179 -20.17 0.37 -14.18
N LEU E 180 -20.37 0.17 -12.87
CA LEU E 180 -19.39 0.59 -11.89
C LEU E 180 -18.09 -0.15 -12.04
N ASN E 181 -18.13 -1.24 -12.79
CA ASN E 181 -16.91 -1.98 -12.97
C ASN E 181 -16.27 -1.44 -14.22
N ASN E 182 -17.11 -1.05 -15.16
CA ASN E 182 -16.66 -0.53 -16.43
C ASN E 182 -16.32 0.94 -16.41
N ILE E 183 -16.73 1.66 -15.38
CA ILE E 183 -16.38 3.07 -15.30
C ILE E 183 -14.91 3.07 -15.61
N THR E 184 -14.48 3.90 -16.54
CA THR E 184 -13.06 3.92 -16.91
C THR E 184 -12.25 4.94 -16.12
N ASN E 185 -12.19 6.17 -16.62
CA ASN E 185 -11.44 7.20 -15.92
C ASN E 185 -12.29 7.68 -14.75
N TRP E 186 -12.64 6.73 -13.88
CA TRP E 186 -13.51 7.00 -12.75
C TRP E 186 -13.27 8.34 -12.06
N ARG E 187 -12.01 8.71 -11.93
CA ARG E 187 -11.74 9.95 -11.26
C ARG E 187 -12.61 11.06 -11.86
N ASP E 188 -12.81 11.03 -13.17
CA ASP E 188 -13.63 12.08 -13.74
C ASP E 188 -15.12 11.79 -13.53
N LEU E 189 -15.48 11.65 -12.26
CA LEU E 189 -16.86 11.39 -11.89
C LEU E 189 -17.10 11.88 -10.43
N GLY E 190 -16.00 12.05 -9.71
CA GLY E 190 -16.02 12.48 -8.33
C GLY E 190 -16.74 13.79 -8.09
N THR E 191 -16.90 14.55 -9.18
CA THR E 191 -17.58 15.84 -9.15
C THR E 191 -18.95 15.65 -8.52
N GLY E 192 -19.30 14.39 -8.29
CA GLY E 192 -20.58 14.03 -7.70
C GLY E 192 -21.69 14.05 -8.72
N GLN E 193 -21.32 14.34 -9.97
CA GLN E 193 -22.24 14.43 -11.10
C GLN E 193 -23.08 13.17 -11.26
N TRP E 194 -24.34 13.33 -11.69
CA TRP E 194 -25.25 12.21 -11.90
C TRP E 194 -24.86 11.52 -13.20
N ALA E 195 -25.15 10.22 -13.32
CA ALA E 195 -24.79 9.46 -14.53
C ALA E 195 -25.80 8.36 -14.88
N GLN E 196 -26.37 8.41 -16.09
CA GLN E 196 -27.35 7.40 -16.47
C GLN E 196 -26.65 6.13 -16.86
N PHE E 197 -27.21 4.99 -16.46
CA PHE E 197 -26.62 3.70 -16.79
C PHE E 197 -27.77 2.78 -17.20
N ALA E 198 -28.93 3.10 -16.65
CA ALA E 198 -30.15 2.36 -16.90
C ALA E 198 -31.17 3.35 -17.42
N PRO E 199 -32.40 2.89 -17.74
CA PRO E 199 -33.43 3.80 -18.25
C PRO E 199 -33.82 4.82 -17.18
N GLY E 200 -34.62 4.38 -16.21
CA GLY E 200 -35.02 5.30 -15.17
C GLY E 200 -33.94 5.39 -14.10
N TRP E 201 -32.74 4.91 -14.40
CA TRP E 201 -31.68 4.94 -13.41
C TRP E 201 -30.45 5.73 -13.75
N TYR E 202 -29.96 6.42 -12.73
CA TYR E 202 -28.76 7.21 -12.83
C TYR E 202 -27.99 6.81 -11.60
N TYR E 203 -26.76 7.32 -11.46
CA TYR E 203 -25.94 6.97 -10.31
C TYR E 203 -24.76 7.92 -10.31
N SER E 204 -24.25 8.22 -9.12
CA SER E 204 -23.10 9.08 -9.02
C SER E 204 -22.23 8.56 -7.89
N ILE E 205 -20.98 9.00 -7.87
CA ILE E 205 -20.05 8.59 -6.84
C ILE E 205 -19.44 9.82 -6.18
N TYR E 206 -19.28 9.75 -4.86
CA TYR E 206 -18.74 10.89 -4.16
C TYR E 206 -17.50 10.52 -3.43
N VAL E 207 -16.48 11.29 -3.73
CA VAL E 207 -15.20 11.09 -3.12
C VAL E 207 -15.21 11.84 -1.80
N LEU E 208 -14.05 11.81 -1.21
CA LEU E 208 -13.74 12.55 -0.01
C LEU E 208 -12.77 13.61 -0.47
N PRO E 209 -13.27 14.85 -0.54
CA PRO E 209 -12.58 16.07 -0.98
C PRO E 209 -11.05 16.07 -1.11
N ASN E 210 -10.36 15.69 -0.05
CA ASN E 210 -8.91 15.69 -0.02
C ASN E 210 -8.22 14.40 -0.41
N THR E 211 -8.54 13.31 0.29
CA THR E 211 -7.92 12.03 -0.03
C THR E 211 -8.07 11.78 -1.53
N TYR E 212 -9.21 12.21 -2.06
CA TYR E 212 -9.49 12.08 -3.47
C TYR E 212 -8.58 13.06 -4.16
N ALA E 213 -8.30 14.15 -3.44
CA ALA E 213 -7.44 15.20 -3.93
C ALA E 213 -5.98 14.75 -3.89
N MET E 214 -5.77 13.45 -3.71
CA MET E 214 -4.43 12.90 -3.72
C MET E 214 -4.39 11.91 -4.86
N ALA E 215 -3.77 12.36 -5.94
CA ALA E 215 -3.64 11.61 -7.19
C ALA E 215 -2.98 10.21 -7.07
N GLU E 216 -3.14 9.42 -8.14
CA GLU E 216 -2.56 8.07 -8.20
C GLU E 216 -1.61 7.89 -9.39
N ILE E 217 -0.88 8.96 -9.72
CA ILE E 217 0.10 8.97 -10.79
C ILE E 217 1.51 8.97 -10.19
N GLY E 218 2.47 8.45 -10.97
CA GLY E 218 3.84 8.37 -10.50
C GLY E 218 4.56 9.70 -10.36
N ASP E 219 4.06 10.74 -11.04
CA ASP E 219 4.69 12.08 -11.03
C ASP E 219 4.67 12.90 -9.70
N ARG E 220 3.49 13.42 -9.35
CA ARG E 220 3.31 14.27 -8.17
C ARG E 220 2.71 13.69 -6.87
N THR E 221 1.55 13.04 -6.96
CA THR E 221 0.87 12.54 -5.72
C THR E 221 0.67 10.98 -5.69
N ASP E 222 1.04 10.41 -4.53
CA ASP E 222 0.89 8.99 -4.25
C ASP E 222 0.44 8.93 -2.78
N SER E 223 -0.45 7.98 -2.48
CA SER E 223 -0.95 7.79 -1.13
C SER E 223 0.15 7.62 -0.05
N VAL E 224 -0.32 7.21 1.12
CA VAL E 224 0.53 6.96 2.27
C VAL E 224 0.70 5.45 2.41
N THR E 225 1.70 5.04 3.19
CA THR E 225 1.97 3.63 3.36
C THR E 225 0.80 2.77 3.82
N GLN E 226 -0.19 3.38 4.45
CA GLN E 226 -1.34 2.61 4.90
C GLN E 226 -2.22 3.40 5.83
N PHE E 227 -3.29 2.78 6.30
CA PHE E 227 -4.18 3.48 7.19
C PHE E 227 -5.27 2.60 7.78
N ARG E 228 -6.17 3.27 8.48
CA ARG E 228 -7.31 2.65 9.12
C ARG E 228 -8.43 3.68 9.07
N LYS E 229 -9.62 3.18 8.86
CA LYS E 229 -10.79 4.03 8.91
C LYS E 229 -11.07 4.18 10.39
N VAL E 230 -10.66 5.30 10.96
CA VAL E 230 -10.80 5.48 12.39
C VAL E 230 -12.24 5.52 12.89
N TYR E 231 -13.18 5.82 11.99
CA TYR E 231 -14.60 5.90 12.30
C TYR E 231 -15.22 6.61 11.12
N LYS E 232 -16.44 6.24 10.75
CA LYS E 232 -17.09 6.89 9.62
C LYS E 232 -18.60 6.88 9.78
N GLY E 233 -19.20 8.06 9.66
CA GLY E 233 -20.63 8.13 9.81
C GLY E 233 -21.18 9.04 8.76
N ILE E 234 -22.48 8.90 8.51
CA ILE E 234 -23.14 9.74 7.54
C ILE E 234 -24.57 9.96 7.95
N THR E 235 -25.04 11.17 7.75
CA THR E 235 -26.40 11.48 8.06
C THR E 235 -27.00 11.73 6.68
N PHE E 236 -28.17 11.16 6.44
CA PHE E 236 -28.81 11.36 5.16
C PHE E 236 -30.05 12.18 5.43
N GLU E 237 -29.82 13.45 5.72
CA GLU E 237 -30.89 14.37 6.02
C GLU E 237 -31.99 14.33 4.99
N PHE E 238 -33.19 14.14 5.48
CA PHE E 238 -34.36 14.10 4.61
C PHE E 238 -34.81 15.54 4.35
N ASN E 239 -34.19 16.17 3.35
CA ASN E 239 -34.55 17.54 3.00
C ASN E 239 -35.75 17.42 2.12
N ALA E 240 -36.93 17.60 2.70
CA ALA E 240 -38.13 17.51 1.90
C ALA E 240 -39.07 18.62 2.30
N PRO E 241 -39.91 19.06 1.35
CA PRO E 241 -40.83 20.14 1.68
C PRO E 241 -41.76 19.55 2.73
N THR E 242 -41.87 20.22 3.87
CA THR E 242 -42.72 19.70 4.93
C THR E 242 -44.14 19.72 4.45
N LEU E 243 -44.34 19.25 3.23
CA LEU E 243 -45.66 19.21 2.62
C LEU E 243 -45.84 17.80 2.13
N ILE E 244 -44.88 17.35 1.34
CA ILE E 244 -44.89 16.00 0.84
C ILE E 244 -43.57 15.41 1.31
N ASP E 245 -43.60 14.99 2.57
CA ASP E 245 -42.46 14.40 3.28
C ASP E 245 -42.60 12.87 3.29
N GLN E 246 -43.44 12.37 2.40
CA GLN E 246 -43.66 10.94 2.28
C GLN E 246 -42.31 10.26 2.12
N GLY E 247 -42.31 8.95 2.20
CA GLY E 247 -41.08 8.20 2.04
C GLY E 247 -40.56 7.57 3.32
N TRP E 248 -39.76 6.54 3.15
CA TRP E 248 -39.15 5.79 4.25
C TRP E 248 -37.83 5.27 3.72
N TRP E 249 -36.94 4.88 4.62
CA TRP E 249 -35.64 4.39 4.19
C TRP E 249 -35.18 3.31 5.13
N VAL E 250 -34.37 2.40 4.60
CA VAL E 250 -33.85 1.31 5.40
C VAL E 250 -32.34 1.39 5.38
N GLY E 251 -31.73 1.28 6.55
CA GLY E 251 -30.29 1.33 6.60
C GLY E 251 -29.81 0.07 7.26
N ALA E 252 -28.60 -0.35 6.91
CA ALA E 252 -28.03 -1.55 7.48
C ALA E 252 -26.56 -1.66 7.08
N HIS E 253 -25.72 -2.05 8.03
CA HIS E 253 -24.30 -2.22 7.76
C HIS E 253 -24.03 -3.63 7.26
N ILE E 254 -23.16 -3.74 6.28
CA ILE E 254 -22.77 -5.02 5.72
C ILE E 254 -21.27 -4.95 5.53
N PRO E 255 -20.54 -5.94 6.03
CA PRO E 255 -19.09 -5.92 5.89
C PRO E 255 -18.74 -6.54 4.57
N VAL E 256 -17.67 -6.04 3.97
CA VAL E 256 -17.20 -6.59 2.72
C VAL E 256 -15.70 -6.52 2.70
N LYS E 257 -15.08 -7.62 2.29
CA LYS E 257 -13.64 -7.63 2.18
C LYS E 257 -13.35 -7.78 0.68
N PRO E 258 -12.40 -7.00 0.16
CA PRO E 258 -12.04 -7.05 -1.25
C PRO E 258 -11.15 -8.22 -1.59
N GLN E 259 -11.14 -8.58 -2.87
CA GLN E 259 -10.32 -9.68 -3.36
C GLN E 259 -9.49 -9.14 -4.52
N SER E 260 -8.18 -9.06 -4.33
CA SER E 260 -7.32 -8.52 -5.38
C SER E 260 -7.18 -9.40 -6.63
N GLU E 261 -8.24 -9.52 -7.43
CA GLU E 261 -8.17 -10.29 -8.68
C GLU E 261 -7.38 -9.43 -9.69
N THR E 262 -6.05 -9.45 -9.53
CA THR E 262 -5.08 -8.64 -10.29
C THR E 262 -4.98 -8.78 -11.81
N ILE E 263 -4.62 -7.67 -12.45
CA ILE E 263 -4.41 -7.55 -13.90
C ILE E 263 -2.92 -7.80 -14.16
N PRO E 264 -2.60 -8.53 -15.23
CA PRO E 264 -1.24 -8.86 -15.65
C PRO E 264 -0.47 -7.63 -16.09
N ALA E 265 0.85 -7.67 -15.95
CA ALA E 265 1.67 -6.56 -16.39
C ALA E 265 2.08 -6.93 -17.81
N ALA E 266 1.60 -6.19 -18.79
CA ALA E 266 1.94 -6.50 -20.18
C ALA E 266 3.18 -5.74 -20.65
N GLU E 267 3.77 -6.19 -21.74
CA GLU E 267 4.95 -5.53 -22.26
C GLU E 267 4.74 -4.88 -23.62
N ARG E 268 5.08 -5.61 -24.69
CA ARG E 268 4.95 -5.06 -26.03
C ARG E 268 3.52 -4.63 -26.29
N PHE E 269 2.61 -5.61 -26.21
CA PHE E 269 1.19 -5.38 -26.43
C PHE E 269 0.46 -5.67 -25.13
N SER E 270 -0.77 -5.22 -25.05
CA SER E 270 -1.57 -5.46 -23.86
C SER E 270 -3.01 -5.68 -24.30
N ALA E 271 -3.72 -6.53 -23.56
CA ALA E 271 -5.12 -6.82 -23.86
C ALA E 271 -5.94 -5.66 -23.35
N GLY E 272 -7.05 -5.38 -24.02
CA GLY E 272 -7.87 -4.28 -23.62
C GLY E 272 -9.30 -4.55 -23.99
N SER E 273 -10.18 -3.64 -23.62
CA SER E 273 -11.58 -3.79 -23.92
C SER E 273 -12.16 -2.48 -24.43
N MET E 274 -12.77 -2.52 -25.61
CA MET E 274 -13.36 -1.31 -26.11
C MET E 274 -14.80 -1.28 -25.63
N THR E 275 -15.11 -0.24 -24.85
CA THR E 275 -16.44 -0.06 -24.28
C THR E 275 -17.30 1.02 -24.92
N VAL E 276 -18.52 0.64 -25.23
CA VAL E 276 -19.49 1.55 -25.81
C VAL E 276 -20.80 1.29 -25.09
N SER E 277 -20.99 2.02 -24.01
CA SER E 277 -22.21 1.91 -23.23
C SER E 277 -23.15 2.89 -23.88
N ALA E 278 -24.12 2.37 -24.61
CA ALA E 278 -25.08 3.23 -25.29
C ALA E 278 -26.06 3.76 -24.25
N SER E 279 -26.44 5.01 -24.40
CA SER E 279 -27.37 5.63 -23.46
C SER E 279 -28.25 6.64 -24.18
N ASN E 280 -29.11 7.31 -23.42
CA ASN E 280 -30.01 8.29 -23.99
C ASN E 280 -29.81 9.73 -23.55
N ALA E 281 -30.02 10.65 -24.49
CA ALA E 281 -29.89 12.09 -24.25
C ALA E 281 -30.96 12.46 -23.24
N ILE E 282 -30.52 12.86 -22.04
CA ILE E 282 -31.44 13.20 -20.95
C ILE E 282 -32.63 14.08 -21.41
N PHE E 283 -32.45 14.79 -22.53
CA PHE E 283 -33.48 15.67 -23.10
C PHE E 283 -33.97 15.26 -24.50
N GLN E 284 -33.04 15.16 -25.45
CA GLN E 284 -33.31 14.81 -26.87
C GLN E 284 -33.98 13.45 -27.16
N PRO E 285 -34.66 13.34 -28.34
CA PRO E 285 -35.41 12.18 -28.88
C PRO E 285 -34.66 10.87 -29.05
N SER E 286 -35.01 9.90 -28.22
CA SER E 286 -34.37 8.59 -28.26
C SER E 286 -34.25 8.04 -29.68
N ASN E 287 -35.39 7.97 -30.36
CA ASN E 287 -35.49 7.46 -31.72
C ASN E 287 -34.69 8.30 -32.72
N THR E 288 -33.91 9.24 -32.20
CA THR E 288 -33.14 10.12 -33.08
C THR E 288 -31.69 10.25 -32.63
N VAL E 289 -31.54 10.56 -31.34
CA VAL E 289 -30.25 10.79 -30.72
C VAL E 289 -29.92 9.79 -29.59
N ALA E 290 -28.65 9.42 -29.50
CA ALA E 290 -28.17 8.52 -28.45
C ALA E 290 -27.10 9.24 -27.61
N ARG E 291 -26.69 8.65 -26.49
CA ARG E 291 -25.70 9.33 -25.64
C ARG E 291 -24.67 8.34 -25.12
N ILE E 292 -24.13 7.52 -26.00
CA ILE E 292 -23.15 6.55 -25.56
C ILE E 292 -21.86 7.12 -24.99
N VAL E 293 -21.27 6.34 -24.09
CA VAL E 293 -20.00 6.68 -23.46
C VAL E 293 -19.08 5.69 -24.10
N TRP E 294 -17.98 6.18 -24.65
CA TRP E 294 -17.09 5.27 -25.32
C TRP E 294 -15.66 5.40 -24.86
N SER E 295 -15.21 4.37 -24.17
CA SER E 295 -13.86 4.33 -23.64
C SER E 295 -13.15 3.08 -24.14
N ILE E 296 -11.85 3.02 -23.90
CA ILE E 296 -11.08 1.86 -24.33
C ILE E 296 -9.96 1.55 -23.34
N THR E 297 -10.23 0.49 -22.57
CA THR E 297 -9.45 -0.09 -21.46
C THR E 297 -7.97 0.25 -21.28
N PRO E 298 -7.05 -0.11 -22.20
CA PRO E 298 -5.63 0.20 -21.92
C PRO E 298 -5.10 1.29 -22.84
N LEU E 299 -5.90 1.69 -23.82
CA LEU E 299 -5.51 2.71 -24.80
C LEU E 299 -5.45 4.08 -24.13
N PRO E 300 -4.37 4.84 -24.39
CA PRO E 300 -4.13 6.18 -23.85
C PRO E 300 -5.15 7.25 -24.22
N VAL E 301 -5.52 8.04 -23.22
CA VAL E 301 -6.47 9.12 -23.40
C VAL E 301 -6.02 9.99 -24.56
N ALA E 302 -6.89 10.16 -25.55
CA ALA E 302 -6.59 10.99 -26.71
C ALA E 302 -7.84 11.78 -27.08
N THR E 303 -7.71 13.09 -27.20
CA THR E 303 -8.86 13.95 -27.51
C THR E 303 -9.73 13.60 -28.72
N VAL E 304 -10.98 13.32 -28.40
CA VAL E 304 -11.97 12.98 -29.38
C VAL E 304 -12.70 14.24 -29.77
N ALA E 305 -12.52 14.68 -31.00
CA ALA E 305 -13.22 15.86 -31.44
C ALA E 305 -14.23 15.36 -32.47
N LEU E 306 -15.47 15.85 -32.39
CA LEU E 306 -16.46 15.42 -33.36
C LEU E 306 -16.12 16.18 -34.63
N THR E 307 -15.87 15.45 -35.72
CA THR E 307 -15.51 16.07 -37.00
C THR E 307 -16.59 16.13 -38.06
N THR E 308 -17.12 14.95 -38.41
CA THR E 308 -18.12 14.84 -39.44
C THR E 308 -19.55 15.18 -39.02
N GLY E 309 -19.93 14.86 -37.80
CA GLY E 309 -21.30 15.03 -37.35
C GLY E 309 -21.81 16.41 -36.87
N THR E 310 -23.00 16.31 -36.27
CA THR E 310 -23.77 17.40 -35.69
C THR E 310 -23.11 18.06 -34.47
N GLY E 311 -22.55 17.24 -33.58
CA GLY E 311 -21.87 17.76 -32.39
C GLY E 311 -22.35 17.25 -31.05
N GLY E 312 -21.58 17.50 -30.00
CA GLY E 312 -21.99 17.05 -28.68
C GLY E 312 -21.11 15.98 -28.05
N THR E 313 -19.90 16.38 -27.64
CA THR E 313 -18.93 15.48 -27.02
C THR E 313 -18.38 16.08 -25.73
N ASN E 314 -17.72 15.24 -24.91
CA ASN E 314 -17.15 15.63 -23.63
C ASN E 314 -16.12 14.60 -23.20
N ASN E 315 -14.88 14.70 -23.70
CA ASN E 315 -13.85 13.71 -23.34
C ASN E 315 -13.18 13.87 -21.97
N THR E 316 -12.79 12.75 -21.38
CA THR E 316 -12.16 12.77 -20.05
C THR E 316 -10.82 13.48 -20.04
N SER E 317 -10.09 13.20 -18.97
CA SER E 317 -8.77 13.76 -18.74
C SER E 317 -7.99 12.64 -18.07
N GLY E 318 -8.66 11.50 -17.88
CA GLY E 318 -8.01 10.37 -17.24
C GLY E 318 -6.83 9.88 -18.05
N LYS E 319 -6.08 8.95 -17.49
CA LYS E 319 -4.92 8.45 -18.22
C LYS E 319 -5.33 7.59 -19.40
N PHE E 320 -6.40 6.82 -19.26
CA PHE E 320 -6.83 5.97 -20.35
C PHE E 320 -7.87 6.68 -21.19
N PHE E 321 -8.04 6.24 -22.44
CA PHE E 321 -8.98 6.87 -23.37
C PHE E 321 -10.46 6.58 -23.22
N SER E 322 -11.23 7.63 -22.91
CA SER E 322 -12.67 7.51 -22.75
C SER E 322 -13.35 8.75 -23.26
N VAL E 323 -14.63 8.61 -23.64
CA VAL E 323 -15.40 9.75 -24.16
C VAL E 323 -16.85 9.78 -23.69
N GLU E 324 -17.37 11.00 -23.61
CA GLU E 324 -18.75 11.28 -23.21
C GLU E 324 -19.30 12.00 -24.43
N ILE E 325 -20.17 11.33 -25.18
CA ILE E 325 -20.69 11.96 -26.36
C ILE E 325 -22.12 11.57 -26.74
N ASP E 326 -22.88 12.58 -27.16
CA ASP E 326 -24.28 12.44 -27.58
C ASP E 326 -24.39 12.97 -29.02
N GLY E 327 -25.21 12.31 -29.83
CA GLY E 327 -25.37 12.75 -31.19
C GLY E 327 -26.32 11.92 -32.00
N ASN E 328 -26.52 12.35 -33.24
CA ASN E 328 -27.42 11.69 -34.18
C ASN E 328 -26.63 10.71 -35.04
N VAL E 329 -27.33 10.03 -35.94
CA VAL E 329 -26.68 9.05 -36.78
C VAL E 329 -25.45 9.54 -37.55
N ASN E 330 -25.70 10.29 -38.63
CA ASN E 330 -24.66 10.86 -39.50
C ASN E 330 -23.39 11.33 -38.78
N SER E 331 -23.56 11.89 -37.57
CA SER E 331 -22.46 12.40 -36.78
C SER E 331 -21.32 11.42 -36.66
N VAL E 332 -20.10 11.94 -36.52
CA VAL E 332 -18.89 11.12 -36.40
C VAL E 332 -17.80 11.84 -35.61
N TRP E 333 -17.30 11.22 -34.54
CA TRP E 333 -16.22 11.84 -33.77
C TRP E 333 -14.91 11.26 -34.25
N THR E 334 -13.80 11.92 -33.90
CA THR E 334 -12.50 11.42 -34.33
C THR E 334 -11.39 11.63 -33.31
N PHE E 335 -10.25 10.99 -33.58
CA PHE E 335 -9.09 11.11 -32.72
C PHE E 335 -7.93 10.25 -33.22
N THR E 336 -6.72 10.74 -32.95
CA THR E 336 -5.52 10.05 -33.35
C THR E 336 -5.15 8.99 -32.34
N ALA E 337 -5.28 7.74 -32.76
CA ALA E 337 -4.98 6.58 -31.93
C ALA E 337 -3.59 6.60 -31.32
N PRO E 338 -3.49 6.84 -30.01
CA PRO E 338 -2.22 6.90 -29.29
C PRO E 338 -1.32 5.70 -29.52
N ALA E 339 -1.91 4.54 -29.75
CA ALA E 339 -1.10 3.36 -29.96
C ALA E 339 -1.75 2.29 -30.82
N SER E 340 -0.95 1.32 -31.24
CA SER E 340 -1.42 0.22 -32.07
C SER E 340 -2.66 -0.40 -31.44
N ILE E 341 -3.54 -0.93 -32.27
CA ILE E 341 -4.75 -1.54 -31.74
C ILE E 341 -5.20 -2.70 -32.59
N LEU E 342 -5.43 -3.84 -31.96
CA LEU E 342 -5.87 -4.99 -32.70
C LEU E 342 -7.34 -5.14 -32.40
N ALA E 343 -7.97 -6.16 -32.97
CA ALA E 343 -9.39 -6.38 -32.74
C ALA E 343 -9.90 -7.41 -33.71
N GLU E 344 -10.70 -8.35 -33.20
CA GLU E 344 -11.24 -9.38 -34.05
C GLU E 344 -10.03 -9.90 -34.82
N GLY E 345 -8.97 -10.18 -34.06
CA GLY E 345 -7.73 -10.70 -34.62
C GLY E 345 -6.89 -9.73 -35.43
N GLU E 346 -7.43 -9.32 -36.56
CA GLU E 346 -6.76 -8.41 -37.48
C GLU E 346 -6.44 -7.05 -36.84
N PRO E 347 -5.27 -6.47 -37.16
CA PRO E 347 -4.91 -5.18 -36.59
C PRO E 347 -5.88 -4.10 -37.09
N PHE E 348 -6.17 -3.14 -36.23
CA PHE E 348 -7.08 -2.07 -36.59
C PHE E 348 -6.33 -0.76 -36.74
N ALA E 349 -5.61 -0.35 -35.71
CA ALA E 349 -4.89 0.91 -35.79
C ALA E 349 -3.41 0.86 -35.41
N GLU E 350 -2.72 1.98 -35.68
CA GLU E 350 -1.31 2.14 -35.37
C GLU E 350 -1.15 3.52 -34.76
N GLU E 351 -0.06 3.72 -34.03
CA GLU E 351 0.21 4.99 -33.39
C GLU E 351 -0.36 6.16 -34.21
N GLY E 352 0.17 6.36 -35.41
CA GLY E 352 -0.27 7.47 -36.22
C GLY E 352 -1.62 7.37 -36.90
N ASP E 353 -2.40 6.36 -36.57
CA ASP E 353 -3.70 6.23 -37.21
C ASP E 353 -4.74 7.13 -36.57
N THR E 354 -5.90 7.23 -37.22
CA THR E 354 -7.01 8.07 -36.78
C THR E 354 -8.33 7.31 -36.79
N THR E 355 -8.80 7.02 -35.59
CA THR E 355 -10.04 6.30 -35.45
C THR E 355 -11.23 7.22 -35.50
N SER E 356 -12.26 6.73 -36.19
CA SER E 356 -13.48 7.46 -36.38
C SER E 356 -14.64 6.60 -35.93
N PHE E 357 -15.34 7.07 -34.91
CA PHE E 357 -16.48 6.37 -34.37
C PHE E 357 -17.79 7.05 -34.75
N SER E 358 -18.73 6.25 -35.26
CA SER E 358 -20.05 6.75 -35.63
C SER E 358 -21.12 5.75 -35.26
N MET E 359 -22.38 6.12 -35.53
CA MET E 359 -23.51 5.26 -35.23
C MET E 359 -24.44 5.20 -36.44
N THR E 360 -24.67 3.98 -36.93
CA THR E 360 -25.50 3.75 -38.09
C THR E 360 -26.96 3.94 -37.77
N THR E 361 -27.40 3.21 -36.77
CA THR E 361 -28.80 3.24 -36.39
C THR E 361 -29.00 3.65 -34.93
N ILE E 362 -30.09 4.36 -34.69
CA ILE E 362 -30.46 4.80 -33.37
C ILE E 362 -31.97 4.63 -33.19
N THR E 363 -32.36 3.44 -32.74
CA THR E 363 -33.73 3.16 -32.41
C THR E 363 -33.93 3.92 -31.15
N ALA E 364 -35.17 4.12 -30.75
CA ALA E 364 -35.40 4.85 -29.51
C ALA E 364 -34.78 4.10 -28.29
N ASP E 365 -34.22 2.92 -28.54
CA ASP E 365 -33.64 2.12 -27.46
C ASP E 365 -32.40 1.27 -27.80
N THR E 366 -32.21 0.99 -29.09
CA THR E 366 -31.05 0.22 -29.52
C THR E 366 -30.10 1.14 -30.26
N VAL E 367 -28.86 0.70 -30.39
CA VAL E 367 -27.87 1.51 -31.11
C VAL E 367 -26.85 0.63 -31.82
N VAL E 368 -26.56 0.99 -33.06
CA VAL E 368 -25.58 0.28 -33.86
C VAL E 368 -24.50 1.32 -34.14
N TYR E 369 -23.25 0.91 -34.09
CA TYR E 369 -22.16 1.86 -34.31
C TYR E 369 -21.01 1.33 -35.17
N SER E 370 -20.11 2.23 -35.55
CA SER E 370 -18.96 1.85 -36.36
C SER E 370 -17.68 2.52 -35.89
N VAL E 371 -16.60 1.75 -35.96
CA VAL E 371 -15.28 2.22 -35.58
C VAL E 371 -14.39 2.09 -36.84
N SER E 372 -13.74 3.20 -37.23
CA SER E 372 -12.94 3.18 -38.46
C SER E 372 -11.50 3.68 -38.41
N SER E 373 -10.60 2.82 -38.87
CA SER E 373 -9.17 3.10 -38.90
C SER E 373 -8.62 3.71 -40.19
N SER E 374 -7.59 4.54 -40.03
CA SER E 374 -6.93 5.16 -41.15
C SER E 374 -6.31 3.96 -41.85
N LEU E 375 -5.34 3.36 -41.17
CA LEU E 375 -4.61 2.18 -41.64
C LEU E 375 -5.37 1.38 -42.67
N THR E 376 -4.96 1.53 -43.93
CA THR E 376 -5.59 0.82 -45.01
C THR E 376 -5.35 -0.66 -44.81
N GLY E 377 -6.31 -1.46 -45.25
CA GLY E 377 -6.20 -2.90 -45.12
C GLY E 377 -6.93 -3.42 -43.89
N SER E 378 -7.33 -2.47 -43.05
CA SER E 378 -8.05 -2.80 -41.85
C SER E 378 -9.51 -2.75 -42.25
N SER E 379 -10.36 -3.44 -41.48
CA SER E 379 -11.78 -3.42 -41.74
C SER E 379 -12.49 -2.70 -40.60
N VAL E 380 -13.72 -2.24 -40.86
CA VAL E 380 -14.49 -1.51 -39.87
C VAL E 380 -15.11 -2.39 -38.82
N ILE E 381 -15.32 -1.79 -37.65
CA ILE E 381 -15.92 -2.45 -36.52
C ILE E 381 -17.32 -1.93 -36.34
N VAL E 382 -18.23 -2.85 -36.07
CA VAL E 382 -19.62 -2.53 -35.86
C VAL E 382 -20.07 -3.43 -34.71
N ARG E 383 -21.13 -3.01 -34.03
CA ARG E 383 -21.66 -3.81 -32.92
C ARG E 383 -23.02 -3.31 -32.48
N GLY E 384 -23.80 -4.25 -31.95
CA GLY E 384 -25.14 -3.95 -31.46
C GLY E 384 -25.12 -3.72 -29.96
N VAL E 385 -25.76 -2.63 -29.53
CA VAL E 385 -25.84 -2.27 -28.12
C VAL E 385 -27.31 -1.98 -27.86
N THR E 386 -27.59 -1.50 -26.65
CA THR E 386 -28.95 -1.15 -26.27
C THR E 386 -28.78 -0.05 -25.24
N LYS E 387 -29.00 1.20 -25.64
CA LYS E 387 -28.81 2.28 -24.69
C LYS E 387 -29.50 1.96 -23.39
N GLY E 388 -28.94 2.50 -22.29
CA GLY E 388 -29.48 2.26 -20.97
C GLY E 388 -29.32 0.82 -20.53
N SER E 389 -28.64 0.03 -21.35
CA SER E 389 -28.41 -1.39 -21.05
C SER E 389 -26.92 -1.70 -20.98
N GLY E 390 -26.63 -2.99 -20.95
CA GLY E 390 -25.25 -3.45 -20.87
C GLY E 390 -24.39 -2.78 -21.92
N VAL E 391 -23.07 -2.88 -21.73
CA VAL E 391 -22.12 -2.28 -22.66
C VAL E 391 -21.83 -3.28 -23.77
N SER E 392 -21.23 -2.81 -24.87
CA SER E 392 -20.85 -3.71 -25.95
C SER E 392 -19.33 -3.77 -25.85
N ILE E 393 -18.81 -4.98 -25.64
CA ILE E 393 -17.38 -5.17 -25.49
C ILE E 393 -16.69 -5.51 -26.78
N THR E 394 -15.41 -5.17 -26.86
CA THR E 394 -14.67 -5.42 -28.07
C THR E 394 -13.20 -5.81 -27.91
N PRO E 395 -12.94 -6.90 -27.19
CA PRO E 395 -11.58 -7.43 -26.99
C PRO E 395 -10.57 -6.80 -27.94
N VAL E 396 -9.97 -5.73 -27.43
CA VAL E 396 -8.98 -4.96 -28.15
C VAL E 396 -7.62 -5.36 -27.65
N THR E 397 -6.60 -4.87 -28.32
CA THR E 397 -5.23 -5.15 -27.93
C THR E 397 -4.52 -3.86 -28.24
N VAL E 398 -3.79 -3.35 -27.27
CA VAL E 398 -3.09 -2.10 -27.46
C VAL E 398 -1.58 -2.19 -27.36
N GLY E 399 -0.91 -1.74 -28.42
CA GLY E 399 0.54 -1.76 -28.44
C GLY E 399 1.02 -0.75 -27.44
N ILE E 400 0.94 -1.12 -26.16
CA ILE E 400 1.35 -0.24 -25.06
C ILE E 400 1.81 -1.06 -23.87
N ASP E 401 2.96 -0.75 -23.31
CA ASP E 401 3.41 -1.50 -22.15
C ASP E 401 2.33 -1.34 -21.07
N THR E 402 2.01 -2.42 -20.38
CA THR E 402 0.96 -2.38 -19.37
C THR E 402 1.31 -2.71 -17.93
N GLU E 403 1.42 -1.65 -17.12
CA GLU E 403 1.71 -1.80 -15.70
C GLU E 403 0.67 -2.77 -15.13
N ALA E 404 1.07 -3.68 -14.26
CA ALA E 404 0.09 -4.58 -13.67
C ALA E 404 -0.46 -3.86 -12.47
N VAL E 405 -1.75 -4.08 -12.22
CA VAL E 405 -2.45 -3.45 -11.12
C VAL E 405 -3.62 -4.37 -10.77
N ASN E 406 -3.87 -4.60 -9.48
CA ASN E 406 -4.97 -5.47 -9.14
C ASN E 406 -6.31 -4.78 -9.28
N ARG E 407 -7.30 -5.59 -9.52
CA ARG E 407 -8.69 -5.20 -9.57
C ARG E 407 -9.25 -5.76 -8.28
N LEU E 408 -10.14 -5.07 -7.58
CA LEU E 408 -10.66 -5.60 -6.33
C LEU E 408 -12.05 -6.19 -6.43
N SER E 409 -12.15 -7.52 -6.34
CA SER E 409 -13.45 -8.18 -6.43
C SER E 409 -14.20 -8.01 -5.12
N ILE E 410 -15.13 -7.05 -5.12
CA ILE E 410 -15.90 -6.72 -3.94
C ILE E 410 -17.39 -7.02 -4.12
N GLU E 411 -17.95 -7.83 -3.23
CA GLU E 411 -19.36 -8.15 -3.34
C GLU E 411 -20.23 -6.94 -3.08
N MET E 412 -20.94 -6.50 -4.11
CA MET E 412 -21.84 -5.36 -3.92
C MET E 412 -22.81 -5.70 -2.81
N PRO E 413 -22.82 -4.90 -1.73
CA PRO E 413 -23.72 -5.14 -0.60
C PRO E 413 -25.18 -5.19 -1.03
N ALA E 414 -25.97 -5.97 -0.31
CA ALA E 414 -27.38 -6.07 -0.61
C ALA E 414 -27.92 -4.72 -1.05
N LEU E 415 -28.28 -4.65 -2.33
CA LEU E 415 -28.81 -3.44 -2.93
C LEU E 415 -30.31 -3.63 -3.06
N THR E 416 -30.76 -4.84 -2.78
CA THR E 416 -32.18 -5.17 -2.92
C THR E 416 -33.13 -4.55 -1.95
N THR E 417 -34.10 -3.85 -2.56
CA THR E 417 -35.18 -3.17 -1.89
C THR E 417 -35.41 -3.90 -0.57
N GLU E 418 -35.43 -5.23 -0.67
CA GLU E 418 -35.72 -6.07 0.47
C GLU E 418 -34.74 -7.19 0.78
N GLU E 419 -33.56 -7.17 0.15
CA GLU E 419 -32.61 -8.24 0.45
C GLU E 419 -32.01 -7.88 1.80
N VAL E 420 -31.54 -6.64 1.88
CA VAL E 420 -30.95 -6.08 3.09
C VAL E 420 -31.83 -6.48 4.27
N THR E 421 -33.10 -6.15 4.11
CA THR E 421 -34.13 -6.41 5.10
C THR E 421 -34.05 -7.82 5.61
N THR E 422 -33.47 -8.70 4.80
CA THR E 422 -33.38 -10.10 5.15
C THR E 422 -32.06 -10.60 5.71
N ASN E 423 -30.99 -10.41 4.97
CA ASN E 423 -29.67 -10.88 5.41
C ASN E 423 -29.11 -10.05 6.56
N VAL E 424 -29.85 -9.04 6.99
CA VAL E 424 -29.42 -8.17 8.07
C VAL E 424 -30.48 -7.97 9.15
N PRO E 425 -30.18 -8.37 10.38
CA PRO E 425 -31.14 -8.22 11.46
C PRO E 425 -30.95 -6.87 12.16
N LYS E 426 -29.69 -6.43 12.18
CA LYS E 426 -29.31 -5.18 12.80
C LYS E 426 -29.61 -3.98 11.91
N TYR E 427 -30.58 -4.12 11.02
CA TYR E 427 -30.91 -3.00 10.16
C TYR E 427 -32.05 -2.24 10.79
N GLU E 428 -32.08 -0.95 10.56
CA GLU E 428 -33.17 -0.15 11.09
C GLU E 428 -33.88 0.46 9.90
N GLN E 429 -35.00 1.12 10.17
CA GLN E 429 -35.76 1.74 9.10
C GLN E 429 -36.99 2.47 9.62
N PHE E 430 -37.22 3.68 9.12
CA PHE E 430 -38.39 4.48 9.49
C PHE E 430 -38.74 5.28 8.27
N LEU E 431 -39.81 6.05 8.35
CA LEU E 431 -40.16 6.86 7.23
C LEU E 431 -39.24 8.05 7.29
N CYS E 432 -38.97 8.63 6.14
CA CYS E 432 -38.11 9.80 6.07
C CYS E 432 -38.78 10.89 6.88
N LYS E 433 -40.10 10.97 6.79
CA LYS E 433 -40.86 11.97 7.56
C LYS E 433 -40.45 11.96 9.04
N GLU E 434 -40.57 10.80 9.68
CA GLU E 434 -40.19 10.66 11.08
C GLU E 434 -38.73 10.93 11.20
N SER E 435 -37.93 9.91 10.97
CA SER E 435 -36.48 10.06 11.03
C SER E 435 -36.12 11.07 9.95
N GLY E 436 -35.91 12.32 10.33
CA GLY E 436 -35.57 13.37 9.38
C GLY E 436 -34.45 13.00 8.43
N GLY E 437 -34.20 11.70 8.31
CA GLY E 437 -33.17 11.17 7.45
C GLY E 437 -32.58 9.96 8.14
N ALA E 438 -31.43 9.52 7.67
CA ALA E 438 -30.80 8.37 8.26
C ALA E 438 -29.42 8.70 8.78
N TYR E 439 -29.09 8.08 9.91
CA TYR E 439 -27.78 8.29 10.50
C TYR E 439 -27.12 6.94 10.46
N ILE E 440 -25.92 6.91 9.90
CA ILE E 440 -25.21 5.66 9.82
C ILE E 440 -23.81 5.79 10.37
N VAL E 441 -23.46 4.84 11.24
CA VAL E 441 -22.15 4.82 11.88
C VAL E 441 -21.47 3.49 11.59
N HIS E 442 -20.39 3.55 10.82
CA HIS E 442 -19.64 2.36 10.49
C HIS E 442 -18.83 1.93 11.69
N TYR E 443 -18.27 0.72 11.64
CA TYR E 443 -17.44 0.25 12.73
C TYR E 443 -16.46 -0.84 12.34
N LYS E 444 -15.41 -0.99 13.15
CA LYS E 444 -14.39 -2.02 12.96
C LYS E 444 -15.18 -3.30 12.91
N MET E 445 -15.62 -3.66 11.71
CA MET E 445 -16.45 -4.82 11.51
C MET E 445 -15.77 -6.15 11.28
N ASN E 446 -14.83 -6.16 10.36
CA ASN E 446 -14.14 -7.38 9.99
C ASN E 446 -13.10 -7.89 10.95
N ASN E 447 -12.20 -7.03 11.40
CA ASN E 447 -11.16 -7.47 12.33
C ASN E 447 -11.59 -7.10 13.75
N PRO E 448 -11.34 -7.98 14.72
CA PRO E 448 -11.74 -7.64 16.09
C PRO E 448 -10.99 -6.42 16.54
N VAL E 449 -9.75 -6.32 16.07
CA VAL E 449 -8.91 -5.18 16.40
C VAL E 449 -8.65 -4.32 15.18
N PHE E 450 -8.04 -3.16 15.40
CA PHE E 450 -7.78 -2.23 14.30
C PHE E 450 -6.49 -2.41 13.52
N GLU E 451 -6.49 -3.30 12.51
CA GLU E 451 -5.29 -3.49 11.70
C GLU E 451 -5.04 -2.17 10.97
N MET E 452 -4.10 -2.20 10.02
CA MET E 452 -3.77 -1.00 9.27
C MET E 452 -3.99 -1.21 7.78
N THR E 453 -5.23 -1.30 7.32
CA THR E 453 -5.41 -1.51 5.89
C THR E 453 -4.45 -0.66 5.09
N GLY E 454 -3.52 -1.35 4.45
CA GLY E 454 -2.54 -0.66 3.64
C GLY E 454 -2.70 -1.02 2.17
N GLU E 455 -1.70 -0.64 1.36
CA GLU E 455 -1.72 -0.90 -0.06
C GLU E 455 -2.21 -2.29 -0.47
N GLU E 456 -2.13 -3.26 0.45
CA GLU E 456 -2.54 -4.64 0.16
C GLU E 456 -3.80 -4.64 -0.67
N ASN E 457 -4.90 -4.22 -0.06
CA ASN E 457 -6.13 -4.15 -0.81
C ASN E 457 -6.35 -2.72 -1.32
N PHE E 458 -5.83 -2.50 -2.49
CA PHE E 458 -5.93 -1.23 -3.21
C PHE E 458 -6.15 -1.66 -4.65
N GLY E 459 -6.84 -0.83 -5.44
CA GLY E 459 -7.04 -1.24 -6.82
C GLY E 459 -8.37 -0.92 -7.45
N GLY E 460 -8.64 -1.58 -8.57
CA GLY E 460 -9.87 -1.34 -9.28
C GLY E 460 -11.08 -2.06 -8.73
N PHE E 461 -11.95 -1.33 -8.04
CA PHE E 461 -13.15 -1.93 -7.51
C PHE E 461 -13.95 -2.52 -8.65
N GLN E 462 -14.31 -3.76 -8.46
CA GLN E 462 -15.08 -4.54 -9.39
C GLN E 462 -16.07 -5.36 -8.61
N PHE E 463 -17.31 -4.89 -8.56
CA PHE E 463 -18.35 -5.55 -7.79
C PHE E 463 -19.05 -6.73 -8.39
N HIS E 464 -19.09 -7.80 -7.62
CA HIS E 464 -19.75 -9.01 -8.05
C HIS E 464 -20.97 -9.11 -7.15
N TYR E 465 -21.92 -9.94 -7.56
CA TYR E 465 -23.17 -10.08 -6.85
C TYR E 465 -23.82 -11.36 -7.34
N PRO E 466 -24.95 -11.75 -6.74
CA PRO E 466 -25.60 -12.98 -7.22
C PRO E 466 -26.31 -12.67 -8.51
N GLY E 467 -26.61 -13.72 -9.29
CA GLY E 467 -27.28 -13.52 -10.56
C GLY E 467 -26.46 -12.69 -11.55
N TYR E 468 -25.44 -11.98 -11.05
CA TYR E 468 -24.60 -11.15 -11.91
C TYR E 468 -23.53 -11.88 -12.70
N ASP E 469 -23.51 -11.62 -14.01
CA ASP E 469 -22.55 -12.23 -14.91
C ASP E 469 -21.37 -11.31 -15.14
N PRO E 470 -20.14 -11.79 -14.89
CA PRO E 470 -18.89 -11.04 -15.06
C PRO E 470 -18.45 -10.91 -16.50
N GLU E 471 -18.95 -11.81 -17.34
CA GLU E 471 -18.60 -11.78 -18.75
C GLU E 471 -18.81 -10.33 -19.20
N ASN E 472 -19.72 -9.66 -18.53
CA ASN E 472 -20.04 -8.29 -18.82
C ASN E 472 -19.10 -7.33 -18.14
N ASN E 473 -17.98 -7.82 -17.62
CA ASN E 473 -17.01 -6.96 -16.96
C ASN E 473 -15.91 -6.49 -17.89
N ALA E 474 -15.69 -5.18 -17.94
CA ALA E 474 -14.66 -4.59 -18.79
C ALA E 474 -13.27 -4.99 -18.36
N LEU E 475 -12.35 -5.11 -19.33
CA LEU E 475 -10.98 -5.54 -19.04
C LEU E 475 -10.10 -4.68 -18.14
N GLY E 476 -9.20 -3.91 -18.74
CA GLY E 476 -8.20 -3.06 -18.10
C GLY E 476 -8.56 -2.46 -16.75
N LEU E 477 -7.61 -1.63 -16.27
CA LEU E 477 -7.75 -0.98 -14.98
C LEU E 477 -8.78 0.13 -15.01
N ARG E 478 -10.04 -0.23 -14.80
CA ARG E 478 -11.11 0.74 -14.77
C ARG E 478 -12.02 0.45 -13.58
N GLY E 479 -12.94 1.38 -13.30
CA GLY E 479 -13.82 1.21 -12.16
C GLY E 479 -13.21 2.13 -11.12
N ILE E 480 -13.70 2.05 -9.90
CA ILE E 480 -13.14 2.90 -8.85
C ILE E 480 -11.74 2.40 -8.51
N VAL E 481 -10.89 3.28 -8.00
CA VAL E 481 -9.56 2.85 -7.63
C VAL E 481 -9.25 3.45 -6.27
N ASP E 482 -9.07 2.59 -5.27
CA ASP E 482 -8.82 3.11 -3.94
C ASP E 482 -8.39 2.04 -2.94
N THR E 483 -7.82 2.49 -1.84
CA THR E 483 -7.37 1.61 -0.78
C THR E 483 -8.64 1.42 0.07
N PHE E 484 -9.06 0.17 0.22
CA PHE E 484 -10.28 -0.16 0.94
C PHE E 484 -10.03 -0.59 2.40
N GLU E 485 -10.47 0.23 3.37
CA GLU E 485 -10.27 -0.11 4.78
C GLU E 485 -10.94 -1.44 5.09
N ASN E 486 -10.18 -2.51 4.93
CA ASN E 486 -10.70 -3.85 5.13
C ASN E 486 -11.22 -4.14 6.53
N ASN E 487 -11.01 -3.23 7.46
CA ASN E 487 -11.48 -3.48 8.81
C ASN E 487 -12.90 -3.04 9.03
N PHE E 488 -13.21 -1.84 8.54
CA PHE E 488 -14.52 -1.29 8.72
C PHE E 488 -15.69 -1.92 8.00
N SER E 489 -16.85 -1.61 8.54
CA SER E 489 -18.10 -2.11 8.01
C SER E 489 -18.59 -1.32 6.84
N SER E 490 -18.67 -2.01 5.70
CA SER E 490 -19.28 -1.39 4.58
C SER E 490 -20.74 -1.23 4.95
N ALA E 491 -21.54 -0.45 4.23
CA ALA E 491 -22.96 -0.32 4.58
C ALA E 491 -23.77 0.46 3.58
N VAL E 492 -25.04 0.09 3.45
CA VAL E 492 -25.92 0.75 2.51
C VAL E 492 -27.20 1.27 3.14
N VAL E 493 -27.89 2.10 2.38
CA VAL E 493 -29.15 2.66 2.84
C VAL E 493 -29.92 3.07 1.60
N HIS E 494 -31.09 2.49 1.46
CA HIS E 494 -31.95 2.77 0.33
C HIS E 494 -33.09 3.65 0.80
N PHE E 495 -33.42 4.68 0.04
CA PHE E 495 -34.55 5.49 0.41
C PHE E 495 -35.60 5.03 -0.55
N TRP E 496 -36.85 5.15 -0.14
CA TRP E 496 -37.93 4.67 -0.98
C TRP E 496 -39.19 5.50 -0.82
N GLY E 497 -39.90 5.68 -1.93
CA GLY E 497 -41.15 6.41 -1.90
C GLY E 497 -41.11 7.88 -1.53
N ILE E 498 -40.01 8.55 -1.85
CA ILE E 498 -39.88 9.97 -1.53
C ILE E 498 -40.34 10.79 -2.72
N SER E 499 -40.21 12.11 -2.62
CA SER E 499 -40.63 12.99 -3.70
C SER E 499 -39.50 13.59 -4.51
N GLN E 500 -39.78 13.82 -5.79
CA GLN E 500 -38.80 14.41 -6.72
C GLN E 500 -38.25 15.64 -6.05
N SER E 501 -39.14 16.31 -5.32
CA SER E 501 -38.87 17.55 -4.58
C SER E 501 -37.95 17.32 -3.38
N ALA E 502 -38.16 16.20 -2.69
CA ALA E 502 -37.35 15.86 -1.54
C ALA E 502 -35.91 15.52 -1.99
N THR E 503 -34.93 16.15 -1.34
CA THR E 503 -33.54 15.90 -1.66
C THR E 503 -32.78 15.47 -0.41
N ILE E 504 -31.71 14.73 -0.60
CA ILE E 504 -30.96 14.27 0.54
C ILE E 504 -29.60 14.88 0.75
N VAL E 505 -29.47 15.59 1.87
CA VAL E 505 -28.22 16.22 2.24
C VAL E 505 -27.45 15.19 3.05
N CYS E 506 -26.38 14.69 2.48
CA CYS E 506 -25.59 13.67 3.13
C CYS E 506 -24.40 14.25 3.84
N LYS E 507 -24.60 14.53 5.12
CA LYS E 507 -23.53 15.05 5.94
C LYS E 507 -22.71 13.83 6.39
N THR E 508 -21.51 13.71 5.87
CA THR E 508 -20.64 12.59 6.20
C THR E 508 -19.45 13.06 7.04
N TYR E 509 -19.00 12.20 7.94
CA TYR E 509 -17.87 12.49 8.80
C TYR E 509 -16.96 11.30 8.68
N ASP E 510 -15.94 11.44 7.85
CA ASP E 510 -14.99 10.36 7.65
C ASP E 510 -13.72 10.64 8.43
N GLY E 511 -13.33 9.68 9.26
CA GLY E 511 -12.13 9.81 10.08
C GLY E 511 -11.13 8.74 9.74
N TRP E 512 -10.07 9.14 9.05
CA TRP E 512 -9.04 8.22 8.66
C TRP E 512 -7.71 8.60 9.31
N GLU E 513 -6.86 7.60 9.51
CA GLU E 513 -5.56 7.81 10.12
C GLU E 513 -4.63 6.85 9.44
N GLY E 514 -3.46 7.33 9.06
CA GLY E 514 -2.50 6.48 8.38
C GLY E 514 -1.11 7.04 8.47
N THR E 515 -0.14 6.25 8.02
CA THR E 515 1.25 6.64 8.05
C THR E 515 1.73 7.15 6.70
N THR E 516 2.27 8.36 6.71
CA THR E 516 2.77 9.00 5.50
C THR E 516 4.18 8.56 5.17
N ASN E 517 4.50 8.44 3.88
CA ASN E 517 5.84 8.03 3.47
C ASN E 517 6.65 9.15 2.83
N ALA E 518 6.50 9.30 1.52
CA ALA E 518 7.24 10.34 0.84
C ALA E 518 6.33 11.09 -0.09
N GLY E 519 6.75 12.28 -0.46
CA GLY E 519 5.97 13.10 -1.34
C GLY E 519 4.64 13.37 -0.71
N SER E 520 4.34 12.67 0.37
CA SER E 520 3.06 12.86 1.04
C SER E 520 2.87 14.33 1.35
N THR E 521 1.83 14.91 0.77
CA THR E 521 1.48 16.30 0.97
C THR E 521 0.90 16.47 2.37
N VAL E 522 0.98 15.41 3.16
CA VAL E 522 0.42 15.40 4.48
C VAL E 522 1.39 15.02 5.59
N GLY E 523 2.39 14.22 5.26
CA GLY E 523 3.36 13.79 6.25
C GLY E 523 3.71 14.86 7.27
N GLN E 524 3.59 16.11 6.85
CA GLN E 524 3.90 17.25 7.71
C GLN E 524 2.83 17.46 8.76
N PHE E 525 1.89 16.53 8.88
CA PHE E 525 0.85 16.69 9.88
C PHE E 525 0.89 15.57 10.89
N ALA E 526 1.61 14.52 10.55
CA ALA E 526 1.70 13.38 11.46
C ALA E 526 2.46 13.68 12.75
N HIS E 527 1.99 13.06 13.83
CA HIS E 527 2.58 13.20 15.16
C HIS E 527 2.56 11.80 15.74
N THR E 528 2.69 11.69 17.05
CA THR E 528 2.66 10.40 17.71
C THR E 528 1.29 9.83 17.52
N GLY E 529 1.21 8.50 17.48
CA GLY E 529 -0.09 7.86 17.30
C GLY E 529 -0.80 7.81 18.63
N ALA E 530 -2.13 7.77 18.60
CA ALA E 530 -2.91 7.75 19.83
C ALA E 530 -2.37 6.69 20.78
N GLU E 531 -2.49 6.94 22.07
CA GLU E 531 -2.03 6.00 23.08
C GLU E 531 -3.09 4.93 23.28
N GLU E 532 -2.67 3.71 23.57
CA GLU E 532 -3.64 2.64 23.76
C GLU E 532 -4.47 2.75 25.00
N GLU E 533 -5.74 3.09 24.86
CA GLU E 533 -6.61 3.16 26.02
C GLU E 533 -7.77 2.18 25.84
N ASP E 534 -7.39 0.98 25.44
CA ASP E 534 -8.26 -0.16 25.22
C ASP E 534 -9.44 -0.20 26.17
N GLU E 535 -9.19 0.27 27.39
CA GLU E 535 -10.22 0.31 28.42
C GLU E 535 -11.45 0.76 27.67
N VAL E 536 -11.35 1.97 27.14
CA VAL E 536 -12.41 2.57 26.37
C VAL E 536 -12.67 1.70 25.16
N VAL E 537 -11.77 1.80 24.20
CA VAL E 537 -11.84 1.06 22.94
C VAL E 537 -12.79 -0.11 23.04
N GLN E 538 -12.46 -1.06 23.91
CA GLN E 538 -13.30 -2.23 24.10
C GLN E 538 -14.74 -1.80 24.25
N LEU E 539 -15.02 -1.01 25.28
CA LEU E 539 -16.37 -0.51 25.51
C LEU E 539 -16.98 -0.20 24.15
N ALA E 540 -16.38 0.76 23.45
CA ALA E 540 -16.83 1.15 22.13
C ALA E 540 -17.23 -0.09 21.36
N ASN E 541 -16.23 -0.91 21.05
CA ASN E 541 -16.43 -2.14 20.32
C ASN E 541 -17.69 -2.85 20.78
N ARG E 542 -17.88 -2.92 22.09
CA ARG E 542 -19.06 -3.60 22.61
C ARG E 542 -20.28 -2.84 22.11
N LEU E 543 -20.38 -1.57 22.48
CA LEU E 543 -21.51 -0.74 22.07
C LEU E 543 -21.80 -1.04 20.62
N GLN E 544 -20.90 -0.63 19.76
CA GLN E 544 -21.01 -0.87 18.33
C GLN E 544 -21.64 -2.23 18.05
N MET E 545 -20.94 -3.28 18.44
CA MET E 545 -21.41 -4.64 18.24
C MET E 545 -22.85 -4.73 18.74
N GLU E 546 -23.01 -4.38 20.00
CA GLU E 546 -24.26 -4.36 20.72
C GLU E 546 -25.32 -3.56 19.99
N LEU E 547 -24.83 -2.59 19.22
CA LEU E 547 -25.67 -1.68 18.47
C LEU E 547 -25.79 -1.92 16.98
N THR E 548 -26.71 -1.16 16.39
CA THR E 548 -27.02 -1.18 14.97
C THR E 548 -26.35 0.07 14.45
N GLY E 549 -25.50 -0.06 13.45
CA GLY E 549 -24.83 1.11 12.95
C GLY E 549 -25.77 2.07 12.24
N VAL E 550 -27.08 1.87 12.43
CA VAL E 550 -28.07 2.75 11.81
C VAL E 550 -28.95 3.47 12.81
N TYR E 551 -29.26 4.72 12.53
CA TYR E 551 -30.11 5.51 13.41
C TYR E 551 -30.80 6.61 12.60
N GLN E 552 -31.56 7.47 13.27
CA GLN E 552 -32.29 8.55 12.59
C GLN E 552 -31.57 9.88 12.55
N ALA E 553 -31.78 10.61 11.47
CA ALA E 553 -31.14 11.89 11.30
C ALA E 553 -31.67 12.90 12.29
N ASP E 554 -32.36 12.40 13.32
CA ASP E 554 -32.93 13.24 14.36
C ASP E 554 -32.21 12.89 15.64
N ASP E 555 -31.52 11.75 15.57
CA ASP E 555 -30.68 11.26 16.64
C ASP E 555 -29.29 11.53 16.11
N ASN E 556 -29.26 12.00 14.86
CA ASN E 556 -28.03 12.34 14.14
C ASN E 556 -26.79 11.93 14.92
N PHE F 1 -32.94 13.08 19.03
CA PHE F 1 -32.19 13.81 20.04
C PHE F 1 -30.72 14.01 19.62
N ALA F 2 -30.39 15.19 19.08
CA ALA F 2 -29.04 15.49 18.63
C ALA F 2 -27.97 14.76 19.43
N GLY F 3 -27.35 13.78 18.78
CA GLY F 3 -26.32 12.99 19.44
C GLY F 3 -26.85 12.06 20.51
N THR F 4 -28.02 11.48 20.29
CA THR F 4 -28.60 10.57 21.28
C THR F 4 -27.60 9.45 21.46
N VAL F 5 -26.83 9.25 20.39
CA VAL F 5 -25.82 8.22 20.37
C VAL F 5 -24.71 8.47 21.36
N SER F 6 -23.88 9.46 21.07
CA SER F 6 -22.76 9.82 21.93
C SER F 6 -23.27 9.98 23.36
N ALA F 7 -24.47 10.52 23.51
CA ALA F 7 -25.08 10.71 24.83
C ALA F 7 -25.20 9.35 25.49
N LEU F 8 -25.70 8.40 24.73
CA LEU F 8 -25.85 7.04 25.19
C LEU F 8 -24.46 6.56 25.57
N ALA F 9 -23.57 6.52 24.58
CA ALA F 9 -22.20 6.09 24.80
C ALA F 9 -21.59 6.88 25.95
N SER F 10 -21.89 8.16 25.98
CA SER F 10 -21.40 9.06 27.02
C SER F 10 -21.68 8.47 28.40
N ILE F 11 -22.94 8.14 28.64
CA ILE F 11 -23.29 7.58 29.93
C ILE F 11 -22.45 6.34 30.24
N GLY F 12 -22.46 5.37 29.33
CA GLY F 12 -21.68 4.16 29.52
C GLY F 12 -20.24 4.44 29.86
N LEU F 13 -19.64 5.36 29.14
CA LEU F 13 -18.26 5.75 29.40
C LEU F 13 -18.26 6.24 30.84
N GLY F 14 -19.28 7.01 31.18
CA GLY F 14 -19.37 7.54 32.53
C GLY F 14 -19.15 6.43 33.55
N LEU F 15 -20.00 5.40 33.49
CA LEU F 15 -19.91 4.26 34.39
C LEU F 15 -18.50 3.70 34.38
N LEU F 16 -18.00 3.47 33.17
CA LEU F 16 -16.65 2.96 33.04
C LEU F 16 -15.74 3.88 33.86
N GLY F 17 -16.14 5.14 33.98
CA GLY F 17 -15.37 6.11 34.75
C GLY F 17 -14.86 5.53 36.06
N LYS F 18 -15.78 5.09 36.90
CA LYS F 18 -15.41 4.51 38.19
C LYS F 18 -15.08 3.05 38.03
N SER F 19 -16.02 2.30 37.48
CA SER F 19 -15.86 0.88 37.26
C SER F 19 -14.52 0.42 36.70
N SER F 20 -13.75 -0.32 37.50
CA SER F 20 -12.47 -0.84 37.05
C SER F 20 -12.76 -1.64 35.78
N ALA F 21 -12.33 -1.09 34.66
CA ALA F 21 -12.56 -1.72 33.38
C ALA F 21 -12.16 -3.19 33.24
N THR F 22 -13.00 -4.08 33.75
CA THR F 22 -12.74 -5.49 33.60
C THR F 22 -13.57 -5.86 32.42
N PRO F 23 -12.98 -6.52 31.42
CA PRO F 23 -13.86 -6.86 30.30
C PRO F 23 -15.20 -7.36 30.82
N SER F 24 -15.18 -8.03 31.96
CA SER F 24 -16.41 -8.54 32.54
C SER F 24 -17.34 -7.39 32.90
N VAL F 25 -16.82 -6.42 33.64
CA VAL F 25 -17.60 -5.27 34.02
C VAL F 25 -18.00 -4.50 32.78
N ILE F 26 -17.01 -4.18 31.95
CA ILE F 26 -17.23 -3.44 30.71
C ILE F 26 -18.46 -3.98 30.03
N LYS F 27 -18.53 -5.30 29.97
CA LYS F 27 -19.66 -5.98 29.35
C LYS F 27 -20.90 -5.38 30.01
N GLY F 28 -21.07 -5.68 31.29
CA GLY F 28 -22.21 -5.14 32.01
C GLY F 28 -22.45 -3.68 31.70
N ILE F 29 -21.41 -2.88 31.85
CA ILE F 29 -21.51 -1.46 31.58
C ILE F 29 -22.07 -1.23 30.18
N ALA F 30 -21.55 -1.94 29.19
CA ALA F 30 -22.04 -1.81 27.82
C ALA F 30 -23.52 -2.16 27.83
N GLN F 31 -23.82 -3.40 28.18
CA GLN F 31 -25.19 -3.92 28.24
C GLN F 31 -26.11 -2.90 28.85
N GLN F 32 -25.61 -2.30 29.92
CA GLN F 32 -26.32 -1.29 30.67
C GLN F 32 -26.58 -0.04 29.85
N ALA F 33 -25.51 0.62 29.43
CA ALA F 33 -25.55 1.86 28.65
C ALA F 33 -26.65 1.87 27.59
N VAL F 34 -26.75 0.76 26.87
CA VAL F 34 -27.77 0.62 25.83
C VAL F 34 -29.16 0.73 26.45
N GLY F 35 -29.30 0.21 27.66
CA GLY F 35 -30.57 0.25 28.37
C GLY F 35 -31.08 -1.15 28.51
N ALA F 36 -30.28 -2.09 28.05
CA ALA F 36 -30.62 -3.50 28.10
C ALA F 36 -30.75 -4.05 29.50
N VAL F 37 -29.85 -3.65 30.38
CA VAL F 37 -29.92 -4.16 31.74
C VAL F 37 -29.47 -3.15 32.77
N GLN F 38 -30.00 -3.32 33.97
CA GLN F 38 -29.61 -2.48 35.09
C GLN F 38 -29.85 -1.01 34.86
N ALA F 39 -30.93 -0.64 34.20
CA ALA F 39 -31.14 0.77 33.96
C ALA F 39 -32.16 1.40 34.89
N ASN F 40 -32.05 2.71 35.06
CA ASN F 40 -32.97 3.50 35.89
C ASN F 40 -33.37 4.70 35.01
N PRO F 41 -33.82 5.81 35.62
CA PRO F 41 -34.17 6.94 34.73
C PRO F 41 -33.02 7.38 33.82
N GLY F 42 -31.83 6.81 34.05
CA GLY F 42 -30.72 7.09 33.20
C GLY F 42 -31.12 6.47 31.86
N ILE F 43 -32.14 7.11 31.28
CA ILE F 43 -32.80 6.72 30.05
C ILE F 43 -33.62 7.93 29.50
N LEU F 44 -33.76 7.99 28.17
CA LEU F 44 -34.52 9.02 27.44
C LEU F 44 -34.80 8.66 25.96
N GLU F 45 -35.89 9.21 25.41
CA GLU F 45 -36.35 8.92 24.03
C GLU F 45 -37.03 10.10 23.25
N GLY F 46 -37.59 9.75 22.08
CA GLY F 46 -38.25 10.71 21.21
C GLY F 46 -38.88 11.98 21.78
N ALA F 47 -38.07 13.04 21.88
CA ALA F 47 -38.50 14.33 22.42
C ALA F 47 -39.20 15.21 21.36
N VAL F 48 -38.83 15.00 20.10
CA VAL F 48 -39.41 15.74 18.96
C VAL F 48 -40.84 15.30 18.71
N LYS F 49 -41.45 15.87 17.68
CA LYS F 49 -42.83 15.52 17.37
C LYS F 49 -43.12 15.35 15.88
N ALA F 50 -44.12 14.53 15.57
CA ALA F 50 -44.51 14.30 14.17
C ALA F 50 -45.28 15.55 13.80
N ILE F 51 -44.89 16.18 12.69
CA ILE F 51 -45.53 17.42 12.28
C ILE F 51 -47.04 17.44 12.28
N GLY F 52 -47.63 16.28 12.02
CA GLY F 52 -49.08 16.19 12.02
C GLY F 52 -49.67 17.13 13.04
N SER F 53 -49.42 16.86 14.32
CA SER F 53 -49.95 17.71 15.39
C SER F 53 -49.10 18.94 15.64
N VAL F 54 -47.81 18.84 15.40
CA VAL F 54 -46.99 20.01 15.60
C VAL F 54 -47.73 21.06 14.75
N GLY F 55 -47.90 20.76 13.46
CA GLY F 55 -48.58 21.68 12.57
C GLY F 55 -50.00 22.02 13.02
N ALA F 56 -50.84 20.99 13.10
CA ALA F 56 -52.24 21.10 13.51
C ALA F 56 -52.42 21.97 14.71
N ARG F 57 -51.56 21.82 15.71
CA ARG F 57 -51.67 22.63 16.92
C ARG F 57 -51.62 24.12 16.65
N LEU F 58 -50.47 24.58 16.17
CA LEU F 58 -50.30 26.00 15.90
C LEU F 58 -51.38 26.53 14.99
N VAL F 59 -52.11 25.62 14.37
CA VAL F 59 -53.23 25.99 13.52
C VAL F 59 -54.41 26.19 14.45
N GLY F 60 -54.55 25.29 15.42
CA GLY F 60 -55.64 25.39 16.37
C GLY F 60 -55.56 26.67 17.17
N SER F 61 -54.35 27.05 17.54
CA SER F 61 -54.04 28.21 18.44
C SER F 61 -54.21 29.64 17.90
N ILE F 62 -53.64 29.92 16.69
CA ILE F 62 -53.64 31.27 16.09
C ILE F 62 -54.66 32.24 16.78
N LYS F 63 -55.95 31.89 16.79
CA LYS F 63 -56.99 32.75 17.35
C LYS F 63 -57.61 32.28 18.68
N ALA F 64 -57.50 30.99 18.96
CA ALA F 64 -58.08 30.42 20.18
C ALA F 64 -57.47 30.86 21.52
N ARG F 65 -56.84 32.04 21.56
CA ARG F 65 -56.21 32.54 22.78
C ARG F 65 -57.19 32.97 23.90
N ARG F 66 -58.50 32.75 23.71
CA ARG F 66 -59.51 33.17 24.72
C ARG F 66 -59.20 32.67 26.14
N ALA F 67 -58.67 31.45 26.24
CA ALA F 67 -58.30 30.91 27.54
C ALA F 67 -57.05 31.65 28.01
N GLU G 39 -0.97 28.01 36.54
CA GLU G 39 -2.02 26.98 36.83
C GLU G 39 -2.69 26.47 35.52
N GLN G 40 -3.27 25.26 35.58
CA GLN G 40 -3.92 24.68 34.40
C GLN G 40 -5.37 25.13 34.23
N ALA G 41 -5.89 24.99 33.01
CA ALA G 41 -7.27 25.36 32.66
C ALA G 41 -7.58 24.74 31.30
N THR G 42 -8.86 24.47 31.07
CA THR G 42 -9.27 23.91 29.79
C THR G 42 -10.60 24.53 29.41
N ILE G 43 -10.60 25.35 28.37
CA ILE G 43 -11.84 25.99 27.96
C ILE G 43 -12.49 25.29 26.80
N LEU G 44 -13.81 25.41 26.75
CA LEU G 44 -14.57 24.78 25.70
C LEU G 44 -15.59 25.73 25.11
N LYS G 45 -15.36 26.08 23.86
CA LYS G 45 -16.27 26.95 23.13
C LYS G 45 -17.43 26.06 22.71
N PRO G 46 -18.64 26.34 23.22
CA PRO G 46 -19.79 25.50 22.84
C PRO G 46 -19.87 25.41 21.33
N GLN G 47 -20.53 24.35 20.85
CA GLN G 47 -20.68 24.19 19.41
C GLN G 47 -21.76 25.15 18.93
N LEU G 48 -22.54 25.69 19.86
CA LEU G 48 -23.59 26.63 19.51
C LEU G 48 -23.32 28.00 20.07
N LEU G 49 -24.19 28.93 19.70
CA LEU G 49 -24.07 30.27 20.18
C LEU G 49 -25.21 30.47 21.13
N PRO G 50 -25.02 31.34 22.12
CA PRO G 50 -26.04 31.62 23.11
C PRO G 50 -27.38 31.95 22.42
N GLY G 51 -28.38 31.12 22.62
CA GLY G 51 -29.66 31.40 22.02
C GLY G 51 -29.98 30.66 20.74
N GLU G 52 -28.96 30.20 20.04
CA GLU G 52 -29.20 29.46 18.81
C GLU G 52 -29.99 28.18 19.08
N SER G 53 -31.09 28.00 18.34
CA SER G 53 -31.88 26.77 18.50
C SER G 53 -31.41 25.95 17.32
N VAL G 54 -30.75 24.83 17.58
CA VAL G 54 -30.25 24.07 16.45
C VAL G 54 -30.82 22.67 16.21
N ALA G 55 -31.19 22.42 14.96
CA ALA G 55 -31.73 21.15 14.53
C ALA G 55 -30.72 20.07 14.87
N PRO G 56 -31.14 18.81 14.93
CA PRO G 56 -30.09 17.84 15.25
C PRO G 56 -29.12 17.87 14.08
N SER G 57 -29.47 17.09 13.06
CA SER G 57 -28.70 16.99 11.84
C SER G 57 -27.68 18.09 11.54
N GLY G 58 -28.17 19.33 11.53
CA GLY G 58 -27.32 20.46 11.13
C GLY G 58 -26.67 21.33 12.22
N GLY G 59 -26.15 22.45 11.74
CA GLY G 59 -25.46 23.39 12.59
C GLY G 59 -24.04 23.50 12.10
N ARG G 60 -23.10 23.48 13.04
CA ARG G 60 -21.70 23.55 12.68
C ARG G 60 -21.23 22.11 12.54
N GLY G 61 -20.38 21.84 11.56
CA GLY G 61 -19.89 20.49 11.36
C GLY G 61 -18.62 20.25 12.14
N THR G 62 -17.82 21.31 12.28
CA THR G 62 -16.57 21.19 13.00
C THR G 62 -16.80 21.56 14.45
N MET G 63 -16.05 20.91 15.32
CA MET G 63 -16.12 21.21 16.73
C MET G 63 -14.84 21.99 16.99
N ASP G 64 -14.74 22.66 18.13
CA ASP G 64 -13.51 23.40 18.39
C ASP G 64 -12.57 22.67 19.31
N PRO G 65 -11.34 22.40 18.82
CA PRO G 65 -10.40 21.70 19.68
C PRO G 65 -10.28 22.52 20.98
N PRO G 66 -10.43 21.84 22.13
CA PRO G 66 -10.36 22.49 23.44
C PRO G 66 -9.07 23.28 23.67
N VAL G 67 -9.25 24.49 24.20
CA VAL G 67 -8.14 25.37 24.49
C VAL G 67 -7.65 25.06 25.87
N HIS G 68 -6.35 24.83 25.97
CA HIS G 68 -5.70 24.53 27.25
C HIS G 68 -4.84 25.72 27.57
N GLU G 69 -5.12 26.38 28.69
CA GLU G 69 -4.33 27.55 29.04
C GLU G 69 -3.51 27.38 30.28
N ILE G 70 -2.35 28.00 30.25
CA ILE G 70 -1.42 27.98 31.37
C ILE G 70 -1.67 29.25 32.14
N CYS G 71 -2.58 29.17 33.10
CA CYS G 71 -2.91 30.34 33.89
C CYS G 71 -1.65 30.89 34.52
N ALA G 72 -1.41 32.17 34.25
CA ALA G 72 -0.27 32.88 34.81
C ALA G 72 -0.81 34.10 35.56
N GLN G 73 -0.04 34.58 36.52
CA GLN G 73 -0.44 35.71 37.32
C GLN G 73 -0.78 36.94 36.48
N SER G 74 -0.65 36.82 35.16
CA SER G 74 -0.93 37.97 34.32
C SER G 74 -1.56 37.61 32.99
N ILE G 75 -1.47 36.34 32.61
CA ILE G 75 -2.03 35.88 31.34
C ILE G 75 -2.20 34.35 31.34
N ASP G 76 -2.95 33.85 30.38
CA ASP G 76 -3.15 32.41 30.33
C ASP G 76 -3.22 31.97 28.90
N PRO G 77 -2.09 32.01 28.21
CA PRO G 77 -2.02 31.61 26.81
C PRO G 77 -2.31 30.12 26.71
N SER G 78 -2.49 29.64 25.49
CA SER G 78 -2.74 28.22 25.29
C SER G 78 -1.41 27.69 24.79
N GLU G 79 -1.21 26.40 24.92
CA GLU G 79 0.05 25.84 24.47
C GLU G 79 0.30 26.20 23.01
N GLY G 80 -0.75 26.20 22.21
CA GLY G 80 -0.62 26.55 20.80
C GLY G 80 0.01 27.93 20.64
N ALA G 81 0.10 28.62 21.77
CA ALA G 81 0.70 29.94 21.81
C ALA G 81 2.11 29.66 22.21
N VAL G 82 2.32 29.48 23.50
CA VAL G 82 3.64 29.19 24.04
C VAL G 82 4.42 28.36 23.04
N GLY G 83 3.91 27.17 22.77
CA GLY G 83 4.54 26.28 21.82
C GLY G 83 5.04 27.20 20.72
N TRP G 84 4.10 27.83 20.03
CA TRP G 84 4.47 28.75 18.97
C TRP G 84 5.56 29.65 19.51
N PHE G 85 5.17 30.58 20.38
CA PHE G 85 6.12 31.51 20.97
C PHE G 85 7.50 30.93 20.85
N TYR G 86 7.74 29.90 21.64
CA TYR G 86 9.02 29.24 21.63
C TYR G 86 9.46 28.88 20.23
N LYS G 87 8.70 28.07 19.52
CA LYS G 87 9.08 27.74 18.15
C LYS G 87 9.51 29.01 17.43
N TYR G 88 8.59 29.95 17.29
CA TYR G 88 8.88 31.21 16.61
C TYR G 88 10.21 31.79 17.02
N MET G 89 10.50 31.70 18.32
CA MET G 89 11.71 32.23 18.94
C MET G 89 13.00 31.41 18.77
N ASP G 90 12.92 30.10 19.00
CA ASP G 90 14.04 29.19 18.88
C ASP G 90 13.43 27.92 18.32
N PRO G 91 12.97 27.98 17.07
CA PRO G 91 12.32 26.88 16.34
C PRO G 91 12.95 25.50 16.45
N ALA G 92 14.14 25.43 17.04
CA ALA G 92 14.81 24.14 17.18
C ALA G 92 15.04 23.79 18.64
N GLY G 93 15.73 24.68 19.33
CA GLY G 93 16.00 24.45 20.75
C GLY G 93 14.73 24.43 21.57
N ALA G 94 13.66 25.00 21.02
CA ALA G 94 12.36 25.05 21.67
C ALA G 94 11.78 23.65 21.65
N VAL G 95 12.11 22.92 20.59
CA VAL G 95 11.66 21.55 20.42
C VAL G 95 12.63 20.60 21.10
N GLU G 96 13.92 20.83 20.89
CA GLU G 96 14.91 19.99 21.53
C GLU G 96 14.72 20.12 23.02
N SER G 97 14.42 21.35 23.46
CA SER G 97 14.23 21.66 24.86
C SER G 97 12.98 21.07 25.50
N GLY G 98 11.84 21.21 24.85
CA GLY G 98 10.63 20.67 25.43
C GLY G 98 9.66 21.80 25.71
N LYS G 99 9.67 22.79 24.83
CA LYS G 99 8.81 23.95 24.97
C LYS G 99 7.80 24.02 23.83
N ALA G 100 8.00 23.19 22.80
CA ALA G 100 7.11 23.15 21.61
C ALA G 100 5.76 22.52 21.93
N LEU G 101 4.86 23.31 22.51
CA LEU G 101 3.55 22.82 22.92
C LEU G 101 2.35 23.07 22.00
N GLY G 102 1.56 22.01 21.84
CA GLY G 102 0.35 22.04 21.03
C GLY G 102 0.50 22.43 19.58
N GLU G 103 -0.50 23.13 19.07
CA GLU G 103 -0.47 23.57 17.70
C GLU G 103 0.33 24.87 17.67
N PHE G 104 1.63 24.71 17.86
CA PHE G 104 2.58 25.83 17.89
C PHE G 104 2.77 26.45 16.51
N SER G 105 2.29 25.75 15.49
CA SER G 105 2.39 26.22 14.12
C SER G 105 1.18 27.10 13.79
N LYS G 106 0.80 27.92 14.76
CA LYS G 106 -0.32 28.86 14.63
C LYS G 106 -0.06 30.13 15.46
N VAL G 107 0.20 31.24 14.76
CA VAL G 107 0.48 32.51 15.40
C VAL G 107 -0.71 32.96 16.21
N PRO G 108 -0.58 32.96 17.53
CA PRO G 108 -1.66 33.37 18.43
C PRO G 108 -1.98 34.85 18.34
N ASP G 109 -2.91 35.19 17.42
CA ASP G 109 -3.35 36.58 17.21
C ASP G 109 -4.79 36.58 16.70
N GLY G 110 -5.61 35.71 17.28
CA GLY G 110 -7.01 35.59 16.91
C GLY G 110 -7.40 36.24 15.60
N LEU G 111 -6.65 35.97 14.55
CA LEU G 111 -6.97 36.55 13.25
C LEU G 111 -7.79 35.64 12.37
N LEU G 112 -7.44 34.36 12.32
CA LEU G 112 -8.18 33.45 11.48
C LEU G 112 -9.23 32.72 12.26
N ARG G 113 -10.35 32.44 11.61
CA ARG G 113 -11.44 31.70 12.23
C ARG G 113 -10.96 30.26 12.13
N TYR G 114 -10.64 29.87 10.91
CA TYR G 114 -10.14 28.53 10.68
C TYR G 114 -8.76 28.72 10.11
N SER G 115 -7.94 27.70 10.29
CA SER G 115 -6.56 27.75 9.83
C SER G 115 -5.92 26.37 9.78
N VAL G 116 -4.86 26.29 8.98
CA VAL G 116 -4.10 25.06 8.85
C VAL G 116 -2.70 25.40 9.30
N ASP G 117 -2.18 24.61 10.20
CA ASP G 117 -0.86 24.81 10.76
C ASP G 117 -0.06 23.56 10.44
N ALA G 118 1.26 23.67 10.45
CA ALA G 118 2.11 22.52 10.18
C ALA G 118 3.58 22.87 10.11
N GLU G 119 4.41 22.03 10.71
CA GLU G 119 5.84 22.24 10.69
C GLU G 119 6.43 21.34 9.61
N GLN G 120 7.60 21.72 9.12
CA GLN G 120 8.30 20.93 8.11
C GLN G 120 9.73 20.95 8.61
N ARG G 121 10.31 19.78 8.79
CA ARG G 121 11.68 19.71 9.30
C ARG G 121 12.63 19.01 8.34
N PRO G 122 12.59 19.38 7.06
CA PRO G 122 13.48 18.74 6.10
C PRO G 122 14.92 18.91 6.53
N ILE G 123 15.74 17.91 6.25
CA ILE G 123 17.14 18.00 6.63
C ILE G 123 17.99 17.49 5.50
N VAL G 124 18.59 18.40 4.73
CA VAL G 124 19.46 18.02 3.62
C VAL G 124 20.89 18.20 4.07
N THR G 125 21.79 17.39 3.52
CA THR G 125 23.19 17.46 3.91
C THR G 125 24.11 18.03 2.85
N ILE G 126 23.76 19.19 2.33
CA ILE G 126 24.59 19.86 1.33
C ILE G 126 26.05 19.40 1.40
N GLU G 127 26.52 18.83 0.29
CA GLU G 127 27.88 18.33 0.19
C GLU G 127 28.68 19.04 -0.86
N CYS G 128 29.98 18.83 -0.83
CA CYS G 128 30.81 19.42 -1.82
C CYS G 128 30.37 18.73 -3.10
N PRO G 129 30.46 19.44 -4.22
CA PRO G 129 30.09 18.93 -5.54
C PRO G 129 31.16 17.99 -6.11
N THR G 130 30.91 17.48 -7.31
CA THR G 130 31.85 16.56 -7.95
C THR G 130 32.51 17.04 -9.19
N VAL G 131 33.82 17.04 -9.13
CA VAL G 131 34.57 17.34 -10.31
C VAL G 131 34.84 15.97 -10.89
N SER G 132 35.44 15.12 -10.09
CA SER G 132 35.71 13.78 -10.48
C SER G 132 36.24 12.99 -9.29
N GLU G 133 36.18 11.68 -9.45
CA GLU G 133 36.77 10.83 -8.43
C GLU G 133 38.20 11.32 -8.26
N SER G 134 38.47 12.44 -8.93
CA SER G 134 39.75 13.11 -8.84
C SER G 134 40.12 12.99 -7.39
N ASP G 135 41.07 12.13 -7.09
CA ASP G 135 41.44 11.88 -5.70
C ASP G 135 41.39 13.08 -4.76
N LEU G 136 41.36 12.77 -3.47
CA LEU G 136 41.29 13.82 -2.48
C LEU G 136 42.16 13.65 -1.23
N PRO G 137 43.13 14.57 -1.05
CA PRO G 137 44.02 14.58 0.10
C PRO G 137 43.38 15.46 1.18
N LEU G 138 43.48 15.02 2.42
CA LEU G 138 42.91 15.76 3.54
C LEU G 138 43.60 17.12 3.62
N ASP G 139 44.93 17.10 3.55
CA ASP G 139 45.77 18.31 3.60
C ASP G 139 45.53 19.16 2.35
N GLY G 140 44.50 18.81 1.59
CA GLY G 140 44.21 19.55 0.39
C GLY G 140 42.90 20.33 0.30
N LYS G 141 42.19 20.04 -0.78
CA LYS G 141 40.93 20.67 -1.15
C LYS G 141 39.93 20.91 -0.04
N LEU G 142 39.04 21.87 -0.31
CA LEU G 142 37.96 22.27 0.56
C LEU G 142 37.04 23.17 -0.28
N TRP G 143 35.87 23.51 0.26
CA TRP G 143 34.92 24.33 -0.48
C TRP G 143 34.29 25.50 0.28
N ARG G 144 33.60 26.33 -0.49
CA ARG G 144 32.91 27.48 0.03
C ARG G 144 31.48 27.15 -0.32
N VAL G 145 30.56 27.36 0.61
CA VAL G 145 29.16 27.07 0.30
C VAL G 145 28.29 28.05 1.03
N SER G 146 27.36 28.64 0.31
CA SER G 146 26.50 29.59 0.96
C SER G 146 25.07 29.22 0.81
N PHE G 147 24.28 29.73 1.76
CA PHE G 147 22.87 29.48 1.80
C PHE G 147 22.11 30.77 1.87
N ILE G 148 20.99 30.74 1.19
CA ILE G 148 20.11 31.86 1.15
C ILE G 148 18.79 31.23 1.48
N SER G 149 18.18 31.71 2.54
CA SER G 149 16.91 31.17 2.97
C SER G 149 15.87 32.23 2.84
N PHE G 150 14.79 31.88 2.15
CA PHE G 150 13.70 32.80 1.97
C PHE G 150 12.44 32.24 2.55
N PRO G 151 11.65 33.10 3.18
CA PRO G 151 10.40 32.65 3.77
C PRO G 151 9.45 32.42 2.61
N ALA G 152 9.83 31.52 1.72
CA ALA G 152 8.98 31.21 0.59
C ALA G 152 8.22 29.98 1.01
N PHE G 153 6.95 29.94 0.63
CA PHE G 153 6.07 28.85 0.96
C PHE G 153 6.61 27.47 0.66
N ARG G 154 6.73 27.15 -0.63
CA ARG G 154 7.22 25.85 -1.03
C ARG G 154 8.73 25.75 -0.87
N LEU G 155 9.48 26.58 -1.60
CA LEU G 155 10.93 26.56 -1.51
C LEU G 155 11.48 26.68 -0.09
N ASN G 156 12.55 25.95 0.20
CA ASN G 156 13.18 26.02 1.51
C ASN G 156 14.34 27.01 1.47
N PHE G 157 15.46 26.57 0.90
CA PHE G 157 16.61 27.45 0.77
C PHE G 157 17.43 27.14 -0.45
N ILE G 158 18.22 28.12 -0.86
CA ILE G 158 19.06 27.97 -2.04
C ILE G 158 20.49 27.80 -1.63
N ALA G 159 21.11 26.77 -2.18
CA ALA G 159 22.49 26.47 -1.90
C ALA G 159 23.29 27.18 -2.93
N LEU G 160 24.59 26.97 -2.85
CA LEU G 160 25.55 27.55 -3.76
C LEU G 160 26.89 27.25 -3.17
N ALA G 161 27.78 26.70 -3.98
CA ALA G 161 29.09 26.39 -3.49
C ALA G 161 30.10 26.44 -4.61
N ASN G 162 31.35 26.63 -4.24
CA ASN G 162 32.41 26.65 -5.22
C ASN G 162 33.51 25.73 -4.76
N ILE G 163 33.68 24.66 -5.52
CA ILE G 163 34.67 23.65 -5.20
C ILE G 163 36.07 24.19 -4.89
N ASN G 164 36.77 24.63 -5.91
CA ASN G 164 38.11 25.15 -5.73
C ASN G 164 38.13 26.34 -4.76
N ASN G 165 36.98 26.67 -4.20
CA ASN G 165 36.85 27.80 -3.26
C ASN G 165 37.15 29.08 -4.02
N GLU G 166 36.08 29.77 -4.40
CA GLU G 166 36.21 30.97 -5.19
C GLU G 166 35.61 32.20 -4.55
N ALA G 167 36.09 33.34 -5.03
CA ALA G 167 35.58 34.62 -4.63
C ALA G 167 34.49 34.88 -5.66
N LEU G 168 33.34 35.31 -5.19
CA LEU G 168 32.27 35.55 -6.14
C LEU G 168 32.66 36.78 -6.95
N THR G 169 33.08 36.53 -8.18
CA THR G 169 33.46 37.62 -9.06
C THR G 169 32.15 38.15 -9.60
N LEU G 170 32.13 39.37 -10.13
CA LEU G 170 30.89 39.88 -10.68
C LEU G 170 30.34 38.87 -11.67
N GLU G 171 31.11 38.58 -12.72
CA GLU G 171 30.67 37.61 -13.72
C GLU G 171 30.08 36.38 -13.04
N THR G 172 30.83 35.79 -12.12
CA THR G 172 30.36 34.61 -11.41
C THR G 172 28.95 34.84 -10.92
N ARG G 173 28.74 35.93 -10.18
CA ARG G 173 27.42 36.28 -9.67
C ARG G 173 26.37 36.23 -10.76
N ASN G 174 26.46 37.16 -11.69
CA ASN G 174 25.49 37.22 -12.76
C ASN G 174 25.27 35.84 -13.34
N THR G 175 26.33 35.19 -13.79
CA THR G 175 26.21 33.84 -14.35
C THR G 175 25.27 33.02 -13.46
N PHE G 176 25.40 33.22 -12.15
CA PHE G 176 24.58 32.51 -11.19
C PHE G 176 23.17 33.00 -11.28
N ILE G 177 22.95 34.22 -10.83
CA ILE G 177 21.62 34.81 -10.86
C ILE G 177 20.94 34.53 -12.19
N GLN G 178 21.52 35.03 -13.29
CA GLN G 178 20.95 34.79 -14.60
C GLN G 178 20.42 33.35 -14.60
N THR G 179 21.20 32.44 -14.05
CA THR G 179 20.81 31.04 -14.00
C THR G 179 19.54 30.78 -13.22
N LEU G 180 19.60 30.97 -11.91
CA LEU G 180 18.42 30.74 -11.08
C LEU G 180 17.21 31.19 -11.84
N ASN G 181 17.30 32.39 -12.40
CA ASN G 181 16.19 32.97 -13.14
C ASN G 181 15.79 32.10 -14.33
N ASN G 182 16.71 31.93 -15.25
CA ASN G 182 16.42 31.16 -16.44
C ASN G 182 16.10 29.68 -16.23
N ILE G 183 15.77 29.28 -15.01
CA ILE G 183 15.43 27.87 -14.76
C ILE G 183 14.06 27.64 -15.35
N THR G 184 13.92 26.62 -16.18
CA THR G 184 12.64 26.34 -16.83
C THR G 184 11.64 25.61 -15.91
N ASN G 185 11.77 24.32 -15.80
CA ASN G 185 10.88 23.56 -14.93
C ASN G 185 11.55 23.44 -13.59
N TRP G 186 11.63 24.58 -12.91
CA TRP G 186 12.30 24.67 -11.63
C TRP G 186 12.14 23.44 -10.76
N ARG G 187 11.01 22.75 -10.90
CA ARG G 187 10.82 21.56 -10.09
C ARG G 187 11.85 20.50 -10.47
N ASP G 188 12.31 20.55 -11.71
CA ASP G 188 13.27 19.60 -12.24
C ASP G 188 14.43 19.32 -11.28
N LEU G 189 14.82 20.32 -10.50
CA LEU G 189 15.93 20.14 -9.53
C LEU G 189 15.53 20.21 -8.05
N GLY G 190 14.22 20.22 -7.82
CA GLY G 190 13.70 20.27 -6.47
C GLY G 190 14.22 19.10 -5.68
N THR G 191 14.88 18.19 -6.39
CA THR G 191 15.44 17.02 -5.75
C THR G 191 16.57 17.41 -4.81
N GLY G 192 16.87 18.71 -4.77
CA GLY G 192 17.93 19.21 -3.91
C GLY G 192 19.28 18.74 -4.38
N GLN G 193 19.35 18.50 -5.69
CA GLN G 193 20.55 18.00 -6.36
C GLN G 193 21.46 19.14 -6.79
N TRP G 194 22.76 18.95 -6.64
CA TRP G 194 23.71 19.98 -7.03
C TRP G 194 23.50 20.37 -8.48
N ALA G 195 23.92 21.58 -8.83
CA ALA G 195 23.75 22.09 -10.19
C ALA G 195 24.87 23.07 -10.53
N GLN G 196 25.62 22.77 -11.58
CA GLN G 196 26.71 23.65 -11.96
C GLN G 196 26.15 24.82 -12.74
N PHE G 197 27.02 25.76 -13.06
CA PHE G 197 26.64 26.92 -13.84
C PHE G 197 27.93 27.61 -14.24
N ALA G 198 28.70 28.02 -13.24
CA ALA G 198 29.98 28.67 -13.49
C ALA G 198 31.02 27.57 -13.38
N PRO G 199 32.19 27.78 -13.99
CA PRO G 199 33.21 26.73 -13.90
C PRO G 199 33.63 26.51 -12.43
N GLY G 200 33.45 25.28 -11.95
CA GLY G 200 33.80 25.00 -10.57
C GLY G 200 32.75 25.53 -9.59
N TRP G 201 31.68 26.10 -10.13
CA TRP G 201 30.57 26.65 -9.34
C TRP G 201 29.26 25.87 -9.51
N TYR G 202 28.68 25.49 -8.37
CA TYR G 202 27.45 24.72 -8.34
C TYR G 202 26.52 25.25 -7.25
N TYR G 203 25.24 25.12 -7.51
CA TYR G 203 24.21 25.57 -6.59
C TYR G 203 23.15 24.49 -6.59
N SER G 204 22.14 24.66 -5.75
CA SER G 204 21.07 23.70 -5.71
C SER G 204 19.90 24.29 -4.96
N ILE G 205 18.74 23.67 -5.14
CA ILE G 205 17.56 24.15 -4.48
C ILE G 205 16.93 23.09 -3.62
N TYR G 206 16.58 23.47 -2.41
CA TYR G 206 15.96 22.55 -1.48
C TYR G 206 14.62 23.13 -1.13
N VAL G 207 13.61 22.30 -1.23
CA VAL G 207 12.27 22.74 -0.97
C VAL G 207 11.73 22.11 0.27
N LEU G 208 10.58 22.62 0.70
CA LEU G 208 9.87 22.08 1.86
C LEU G 208 9.14 20.86 1.31
N PRO G 209 9.82 19.70 1.38
CA PRO G 209 9.40 18.38 0.94
C PRO G 209 7.92 18.11 0.91
N ASN G 210 7.19 18.74 1.82
CA ASN G 210 5.76 18.49 1.86
C ASN G 210 4.97 19.54 1.10
N THR G 211 5.46 20.77 1.16
CA THR G 211 4.81 21.86 0.46
C THR G 211 5.20 21.85 -1.00
N TYR G 212 6.46 21.50 -1.26
CA TYR G 212 6.93 21.41 -2.62
C TYR G 212 6.01 20.37 -3.23
N ALA G 213 5.70 19.37 -2.40
CA ALA G 213 4.86 18.25 -2.77
C ALA G 213 3.50 18.66 -3.29
N MET G 214 3.09 19.89 -2.96
CA MET G 214 1.80 20.37 -3.40
C MET G 214 1.90 21.15 -4.73
N ALA G 215 1.60 20.44 -5.79
CA ALA G 215 1.63 20.91 -7.16
C ALA G 215 0.90 22.23 -7.49
N GLU G 216 1.50 23.03 -8.39
CA GLU G 216 0.94 24.32 -8.79
C GLU G 216 0.49 24.38 -10.23
N ILE G 217 -0.67 25.02 -10.40
CA ILE G 217 -1.35 25.22 -11.67
C ILE G 217 -1.49 23.91 -12.48
N GLY G 218 -1.20 22.79 -11.81
CA GLY G 218 -1.33 21.49 -12.45
C GLY G 218 -2.72 21.35 -13.06
N ASP G 219 -2.95 20.22 -13.73
CA ASP G 219 -4.25 19.97 -14.37
C ASP G 219 -5.38 20.35 -13.39
N ARG G 220 -5.56 19.48 -12.40
CA ARG G 220 -6.58 19.62 -11.37
C ARG G 220 -6.00 20.04 -10.02
N THR G 221 -4.69 20.33 -10.01
CA THR G 221 -3.98 20.70 -8.77
C THR G 221 -3.75 22.20 -8.51
N ASP G 222 -3.92 22.58 -7.23
CA ASP G 222 -3.69 23.94 -6.74
C ASP G 222 -3.53 23.94 -5.20
N SER G 223 -3.33 25.12 -4.59
CA SER G 223 -3.06 25.07 -3.16
C SER G 223 -4.05 25.74 -2.19
N VAL G 224 -3.49 26.43 -1.20
CA VAL G 224 -4.18 27.14 -0.13
C VAL G 224 -4.52 28.54 -0.60
N THR G 225 -5.26 29.27 0.23
CA THR G 225 -5.68 30.63 -0.09
C THR G 225 -4.63 31.66 0.25
N GLN G 226 -4.23 31.67 1.51
CA GLN G 226 -3.21 32.60 1.97
C GLN G 226 -2.27 31.72 2.73
N PHE G 227 -1.37 32.33 3.46
CA PHE G 227 -0.46 31.56 4.26
C PHE G 227 0.45 32.54 4.91
N ARG G 228 1.24 32.06 5.86
CA ARG G 228 2.15 32.94 6.55
C ARG G 228 3.07 32.09 7.39
N LYS G 229 4.37 32.29 7.19
CA LYS G 229 5.33 31.53 7.97
C LYS G 229 5.03 31.90 9.40
N VAL G 230 4.92 30.87 10.23
CA VAL G 230 4.62 31.03 11.63
C VAL G 230 5.93 31.08 12.40
N TYR G 231 7.01 30.71 11.71
CA TYR G 231 8.37 30.70 12.26
C TYR G 231 9.18 29.83 11.32
N LYS G 232 10.48 30.01 11.33
CA LYS G 232 11.33 29.19 10.48
C LYS G 232 12.78 29.43 10.83
N GLY G 233 13.46 28.35 11.18
CA GLY G 233 14.85 28.44 11.52
C GLY G 233 15.53 27.28 10.84
N ILE G 234 16.85 27.38 10.73
CA ILE G 234 17.62 26.31 10.12
C ILE G 234 18.93 26.19 10.85
N THR G 235 19.32 24.95 11.09
CA THR G 235 20.56 24.66 11.77
C THR G 235 21.45 23.91 10.78
N PHE G 236 22.48 24.60 10.30
CA PHE G 236 23.42 24.02 9.34
C PHE G 236 24.50 23.29 10.12
N GLU G 237 24.12 22.20 10.76
CA GLU G 237 25.05 21.42 11.56
C GLU G 237 26.33 21.27 10.75
N PHE G 238 27.48 21.45 11.40
CA PHE G 238 28.78 21.32 10.74
C PHE G 238 29.22 19.87 10.82
N ASN G 239 28.88 19.10 9.79
CA ASN G 239 29.25 17.68 9.70
C ASN G 239 30.71 17.54 9.28
N ALA G 240 31.61 17.73 10.24
CA ALA G 240 33.03 17.68 9.93
C ALA G 240 33.83 16.75 10.79
N PRO G 241 34.88 16.16 10.21
CA PRO G 241 35.71 15.25 10.99
C PRO G 241 36.15 16.01 12.22
N THR G 242 36.25 15.30 13.32
CA THR G 242 36.64 15.90 14.57
C THR G 242 37.83 16.83 14.43
N LEU G 243 38.77 16.48 13.57
CA LEU G 243 39.95 17.30 13.41
C LEU G 243 40.04 18.22 12.20
N ILE G 244 39.59 17.76 11.05
CA ILE G 244 39.66 18.60 9.88
C ILE G 244 38.53 19.62 10.01
N ASP G 245 38.28 20.02 11.27
CA ASP G 245 37.22 20.96 11.67
C ASP G 245 37.36 22.38 11.09
N GLN G 246 38.28 22.50 10.14
CA GLN G 246 38.55 23.75 9.45
C GLN G 246 37.31 24.34 8.79
N GLY G 247 37.10 25.63 9.00
CA GLY G 247 35.95 26.26 8.40
C GLY G 247 35.45 27.44 9.17
N TRP G 248 34.84 28.38 8.44
CA TRP G 248 34.30 29.58 9.02
C TRP G 248 33.04 30.01 8.28
N TRP G 249 32.03 30.41 9.04
CA TRP G 249 30.79 30.81 8.45
C TRP G 249 30.28 32.11 9.01
N VAL G 250 29.43 32.75 8.23
CA VAL G 250 28.82 34.00 8.63
C VAL G 250 27.33 33.90 8.31
N GLY G 251 26.53 34.54 9.13
CA GLY G 251 25.10 34.50 8.93
C GLY G 251 24.50 35.83 9.28
N ALA G 252 23.42 36.17 8.61
CA ALA G 252 22.74 37.43 8.85
C ALA G 252 21.36 37.44 8.23
N HIS G 253 20.44 38.15 8.87
CA HIS G 253 19.10 38.26 8.36
C HIS G 253 18.98 39.53 7.56
N ILE G 254 18.48 39.39 6.34
CA ILE G 254 18.32 40.53 5.47
C ILE G 254 16.97 40.31 4.86
N PRO G 255 16.09 41.33 4.93
CA PRO G 255 14.75 41.22 4.37
C PRO G 255 14.78 41.43 2.87
N VAL G 256 13.78 40.89 2.20
CA VAL G 256 13.67 41.01 0.75
C VAL G 256 12.21 40.83 0.42
N LYS G 257 11.66 41.76 -0.34
CA LYS G 257 10.26 41.63 -0.68
C LYS G 257 10.16 41.59 -2.19
N PRO G 258 9.30 40.71 -2.71
CA PRO G 258 9.08 40.53 -4.14
C PRO G 258 8.08 41.51 -4.71
N GLN G 259 8.54 42.40 -5.52
CA GLN G 259 7.73 43.34 -6.23
C GLN G 259 7.54 42.67 -7.55
N SER G 260 6.31 42.33 -7.90
CA SER G 260 6.07 41.59 -9.13
C SER G 260 6.09 42.32 -10.48
N GLU G 261 6.58 41.60 -11.49
CA GLU G 261 6.65 42.07 -12.86
C GLU G 261 5.89 40.99 -13.60
N THR G 262 5.15 41.34 -14.66
CA THR G 262 4.35 40.34 -15.39
C THR G 262 4.83 39.80 -16.73
N ILE G 263 4.45 38.57 -16.93
CA ILE G 263 4.63 37.83 -18.16
C ILE G 263 3.24 37.78 -18.78
N PRO G 264 2.98 38.77 -19.65
CA PRO G 264 1.70 38.98 -20.36
C PRO G 264 1.19 37.74 -21.08
N ALA G 265 -0.13 37.56 -21.08
CA ALA G 265 -0.70 36.39 -21.75
C ALA G 265 -0.84 36.71 -23.24
N ALA G 266 -1.10 35.69 -24.06
CA ALA G 266 -1.26 35.92 -25.50
C ALA G 266 -1.94 34.74 -26.16
N GLU G 267 -2.15 34.81 -27.47
CA GLU G 267 -2.79 33.69 -28.16
C GLU G 267 -2.13 33.15 -29.44
N ARG G 268 -2.42 33.71 -30.61
CA ARG G 268 -1.81 33.20 -31.85
C ARG G 268 -0.42 32.67 -31.54
N PHE G 269 0.42 33.52 -30.97
CA PHE G 269 1.76 33.12 -30.55
C PHE G 269 2.10 33.95 -29.33
N SER G 270 2.84 33.32 -28.43
CA SER G 270 3.29 33.96 -27.21
C SER G 270 4.80 34.05 -27.37
N ALA G 271 5.33 35.27 -27.39
CA ALA G 271 6.78 35.41 -27.51
C ALA G 271 7.46 34.87 -26.26
N GLY G 272 8.69 34.43 -26.42
CA GLY G 272 9.45 33.88 -25.31
C GLY G 272 10.87 33.77 -25.80
N SER G 273 11.60 32.78 -25.31
CA SER G 273 12.99 32.61 -25.73
C SER G 273 13.55 31.26 -25.32
N MET G 274 14.54 30.78 -26.06
CA MET G 274 15.15 29.49 -25.74
C MET G 274 16.59 29.72 -25.33
N THR G 275 16.88 29.25 -24.13
CA THR G 275 18.21 29.39 -23.57
C THR G 275 18.99 28.10 -23.79
N VAL G 276 20.31 28.20 -23.69
CA VAL G 276 21.15 27.04 -23.84
C VAL G 276 22.44 27.36 -23.13
N SER G 277 22.59 26.84 -21.91
CA SER G 277 23.80 27.06 -21.13
C SER G 277 24.76 25.91 -21.42
N ALA G 278 26.03 26.11 -21.12
CA ALA G 278 26.99 25.05 -21.37
C ALA G 278 27.77 24.68 -20.13
N SER G 279 28.44 23.52 -20.19
CA SER G 279 29.27 23.02 -19.10
C SER G 279 29.92 21.71 -19.50
N ASN G 280 30.72 21.15 -18.60
CA ASN G 280 31.39 19.89 -18.87
C ASN G 280 30.92 18.92 -17.82
N ALA G 281 30.25 17.85 -18.26
CA ALA G 281 29.75 16.83 -17.33
C ALA G 281 30.91 16.30 -16.49
N ILE G 282 30.58 15.57 -15.43
CA ILE G 282 31.62 15.05 -14.55
C ILE G 282 32.21 13.79 -15.14
N PHE G 283 33.53 13.66 -14.98
CA PHE G 283 34.27 12.52 -15.51
C PHE G 283 34.16 12.60 -17.01
N GLN G 284 33.91 13.80 -17.49
CA GLN G 284 33.76 14.05 -18.91
C GLN G 284 34.84 14.95 -19.49
N PRO G 285 35.44 14.51 -20.61
CA PRO G 285 36.50 15.22 -21.35
C PRO G 285 36.06 16.64 -21.68
N SER G 286 36.07 17.48 -20.65
CA SER G 286 35.66 18.88 -20.75
C SER G 286 35.97 19.50 -22.11
N ASN G 287 37.10 19.12 -22.70
CA ASN G 287 37.50 19.66 -23.97
C ASN G 287 36.68 19.19 -25.18
N THR G 288 35.85 18.14 -25.01
CA THR G 288 35.04 17.68 -26.13
C THR G 288 33.83 16.83 -25.75
N VAL G 289 33.16 17.25 -24.70
CA VAL G 289 31.96 16.58 -24.24
C VAL G 289 31.33 17.58 -23.32
N ALA G 290 30.44 18.39 -23.88
CA ALA G 290 29.78 19.41 -23.09
C ALA G 290 28.33 19.08 -22.80
N ARG G 291 27.85 19.52 -21.64
CA ARG G 291 26.46 19.32 -21.24
C ARG G 291 25.76 20.66 -21.41
N ILE G 292 24.49 20.62 -21.79
CA ILE G 292 23.75 21.85 -21.98
C ILE G 292 22.36 21.80 -21.39
N VAL G 293 21.89 22.95 -20.93
CA VAL G 293 20.56 23.07 -20.35
C VAL G 293 19.76 23.82 -21.38
N TRP G 294 19.60 23.19 -22.53
CA TRP G 294 18.86 23.77 -23.61
C TRP G 294 17.38 23.72 -23.30
N SER G 295 16.71 24.85 -23.50
CA SER G 295 15.28 24.95 -23.26
C SER G 295 14.61 26.16 -23.92
N ILE G 296 13.37 25.97 -24.34
CA ILE G 296 12.58 27.03 -24.96
C ILE G 296 11.52 27.34 -23.95
N THR G 297 11.12 28.61 -23.82
CA THR G 297 10.16 29.02 -22.80
C THR G 297 8.69 28.80 -23.06
N PRO G 298 7.95 29.62 -23.83
CA PRO G 298 6.52 29.31 -23.90
C PRO G 298 6.23 27.90 -24.46
N LEU G 299 7.23 27.32 -25.11
CA LEU G 299 7.15 25.99 -25.72
C LEU G 299 6.91 24.82 -24.77
N PRO G 300 5.93 23.96 -25.12
CA PRO G 300 5.54 22.77 -24.34
C PRO G 300 6.64 21.72 -24.31
N VAL G 301 6.81 21.13 -23.14
CA VAL G 301 7.78 20.09 -22.97
C VAL G 301 7.56 19.10 -24.11
N ALA G 302 8.60 18.81 -24.87
CA ALA G 302 8.46 17.83 -25.95
C ALA G 302 9.58 16.84 -25.76
N THR G 303 9.22 15.58 -25.59
CA THR G 303 10.19 14.53 -25.32
C THR G 303 11.41 14.54 -26.21
N VAL G 304 12.51 15.03 -25.64
CA VAL G 304 13.77 15.10 -26.33
C VAL G 304 14.35 13.70 -26.38
N ALA G 305 14.89 13.35 -27.55
CA ALA G 305 15.48 12.04 -27.75
C ALA G 305 16.75 12.15 -28.56
N LEU G 306 17.82 11.47 -28.13
CA LEU G 306 19.08 11.51 -28.87
C LEU G 306 18.93 10.79 -30.21
N THR G 307 19.16 11.52 -31.29
CA THR G 307 19.03 10.98 -32.63
C THR G 307 20.28 10.29 -33.16
N THR G 308 21.45 10.88 -32.89
CA THR G 308 22.71 10.33 -33.41
C THR G 308 23.94 10.47 -32.52
N GLY G 309 24.73 9.41 -32.45
CA GLY G 309 25.94 9.45 -31.65
C GLY G 309 25.79 9.21 -30.16
N THR G 310 26.88 9.42 -29.43
CA THR G 310 26.89 9.23 -27.99
C THR G 310 25.67 9.88 -27.36
N GLY G 311 25.24 9.31 -26.24
CA GLY G 311 24.08 9.84 -25.54
C GLY G 311 24.35 11.13 -24.77
N GLY G 312 24.02 11.09 -23.47
CA GLY G 312 24.20 12.26 -22.63
C GLY G 312 22.98 13.14 -22.83
N THR G 313 21.84 12.71 -22.31
CA THR G 313 20.60 13.44 -22.46
C THR G 313 19.58 13.13 -21.36
N ASN G 314 19.18 14.15 -20.61
CA ASN G 314 18.19 14.06 -19.51
C ASN G 314 16.93 14.89 -19.79
N ASN G 315 15.76 14.35 -19.48
CA ASN G 315 14.53 15.09 -19.76
C ASN G 315 13.85 15.70 -18.55
N THR G 316 13.09 16.75 -18.82
CA THR G 316 12.39 17.51 -17.78
C THR G 316 10.92 17.16 -17.65
N SER G 317 10.48 16.99 -16.42
CA SER G 317 9.10 16.63 -16.15
C SER G 317 8.18 17.83 -16.32
N GLY G 318 8.69 19.02 -15.95
CA GLY G 318 7.90 20.24 -16.05
C GLY G 318 7.13 20.38 -17.35
N LYS G 319 6.18 21.30 -17.37
CA LYS G 319 5.34 21.53 -18.55
C LYS G 319 5.97 22.31 -19.72
N PHE G 320 7.18 22.82 -19.53
CA PHE G 320 7.86 23.58 -20.58
C PHE G 320 9.03 22.84 -21.15
N PHE G 321 9.27 23.05 -22.44
CA PHE G 321 10.38 22.37 -23.07
C PHE G 321 11.73 22.73 -22.46
N SER G 322 12.33 21.75 -21.81
CA SER G 322 13.63 21.92 -21.22
C SER G 322 14.22 20.54 -21.30
N VAL G 323 15.53 20.48 -21.42
CA VAL G 323 16.22 19.22 -21.51
C VAL G 323 17.67 19.43 -21.17
N GLU G 324 18.33 18.38 -20.72
CA GLU G 324 19.73 18.46 -20.36
C GLU G 324 20.45 17.39 -21.14
N ILE G 325 21.38 17.81 -21.96
CA ILE G 325 22.13 16.86 -22.75
C ILE G 325 23.57 17.24 -22.66
N ASP G 326 24.42 16.31 -23.04
CA ASP G 326 25.85 16.52 -23.04
C ASP G 326 26.36 15.67 -24.17
N GLY G 327 27.67 15.70 -24.41
CA GLY G 327 28.19 14.84 -25.44
C GLY G 327 29.28 15.33 -26.37
N ASN G 328 29.68 14.39 -27.24
CA ASN G 328 30.68 14.66 -28.23
C ASN G 328 30.07 15.73 -29.12
N VAL G 329 30.94 16.47 -29.79
CA VAL G 329 30.48 17.54 -30.64
C VAL G 329 29.34 17.13 -31.56
N ASN G 330 29.69 16.41 -32.60
CA ASN G 330 28.73 15.98 -33.61
C ASN G 330 27.68 14.91 -33.26
N SER G 331 27.01 15.08 -32.13
CA SER G 331 25.96 14.13 -31.74
C SER G 331 24.68 14.90 -32.01
N VAL G 332 23.56 14.22 -32.22
CA VAL G 332 22.30 14.90 -32.49
C VAL G 332 21.11 14.49 -31.60
N TRP G 333 20.31 15.48 -31.21
CA TRP G 333 19.13 15.27 -30.39
C TRP G 333 17.91 15.75 -31.14
N THR G 334 16.75 15.65 -30.50
CA THR G 334 15.51 16.07 -31.15
C THR G 334 14.21 15.74 -30.42
N PHE G 335 13.12 16.11 -31.08
CA PHE G 335 11.77 15.87 -30.60
C PHE G 335 10.82 16.48 -31.62
N THR G 336 9.52 16.27 -31.43
CA THR G 336 8.55 16.83 -32.35
C THR G 336 8.04 18.16 -31.82
N ALA G 337 8.56 19.24 -32.40
CA ALA G 337 8.17 20.58 -32.03
C ALA G 337 6.66 20.64 -31.85
N PRO G 338 6.19 20.74 -30.60
CA PRO G 338 4.76 20.80 -30.27
C PRO G 338 4.00 22.00 -30.82
N ALA G 339 4.64 23.16 -30.85
CA ALA G 339 3.98 24.37 -31.35
C ALA G 339 4.75 25.20 -32.38
N SER G 340 4.01 25.93 -33.20
CA SER G 340 4.58 26.77 -34.24
C SER G 340 5.69 27.61 -33.65
N ILE G 341 6.92 27.43 -34.09
CA ILE G 341 7.98 28.25 -33.55
C ILE G 341 8.56 29.21 -34.56
N LEU G 342 8.82 30.43 -34.08
CA LEU G 342 9.35 31.49 -34.92
C LEU G 342 10.49 32.16 -34.20
N ALA G 343 11.68 32.06 -34.75
CA ALA G 343 12.84 32.69 -34.15
C ALA G 343 13.65 33.39 -35.22
N GLU G 344 14.47 34.35 -34.80
CA GLU G 344 15.29 35.13 -35.72
C GLU G 344 14.39 35.86 -36.72
N GLY G 345 13.13 36.05 -36.31
CA GLY G 345 12.15 36.74 -37.13
C GLY G 345 11.63 35.86 -38.25
N GLU G 346 12.16 34.66 -38.31
CA GLU G 346 11.78 33.73 -39.33
C GLU G 346 10.93 32.59 -38.80
N PRO G 347 10.07 32.01 -39.67
CA PRO G 347 9.27 30.89 -39.16
C PRO G 347 10.32 29.80 -38.97
N PHE G 348 10.27 29.12 -37.83
CA PHE G 348 11.25 28.09 -37.57
C PHE G 348 10.62 26.71 -37.62
N ALA G 349 9.48 26.57 -36.95
CA ALA G 349 8.80 25.29 -36.93
C ALA G 349 7.29 25.36 -36.98
N GLU G 350 6.68 24.18 -36.95
CA GLU G 350 5.23 24.04 -36.97
C GLU G 350 4.86 22.97 -35.95
N GLU G 351 3.56 22.78 -35.77
CA GLU G 351 3.06 21.81 -34.82
C GLU G 351 3.70 20.42 -34.97
N GLY G 352 4.14 20.07 -36.16
CA GLY G 352 4.70 18.73 -36.32
C GLY G 352 6.17 18.52 -36.64
N ASP G 353 6.80 19.55 -37.21
CA ASP G 353 8.20 19.49 -37.58
C ASP G 353 9.04 18.91 -36.44
N THR G 354 10.17 18.31 -36.77
CA THR G 354 11.06 17.73 -35.77
C THR G 354 12.37 18.50 -35.72
N THR G 355 12.52 19.33 -34.71
CA THR G 355 13.72 20.11 -34.58
C THR G 355 14.79 19.29 -33.88
N SER G 356 16.03 19.47 -34.32
CA SER G 356 17.15 18.75 -33.74
C SER G 356 18.24 19.74 -33.39
N PHE G 357 19.04 19.36 -32.41
CA PHE G 357 20.11 20.20 -31.91
C PHE G 357 21.44 19.44 -31.90
N SER G 358 22.43 19.99 -32.58
CA SER G 358 23.75 19.36 -32.65
C SER G 358 24.76 20.43 -32.26
N MET G 359 25.97 20.01 -31.93
CA MET G 359 26.97 20.99 -31.56
C MET G 359 28.01 21.11 -32.64
N THR G 360 28.10 22.30 -33.22
CA THR G 360 29.07 22.58 -34.28
C THR G 360 30.47 22.30 -33.76
N THR G 361 30.90 23.11 -32.78
CA THR G 361 32.23 22.97 -32.20
C THR G 361 32.21 23.12 -30.69
N ILE G 362 32.73 22.12 -29.99
CA ILE G 362 32.75 22.21 -28.55
C ILE G 362 34.17 22.11 -27.98
N THR G 363 34.58 23.19 -27.31
CA THR G 363 35.89 23.29 -26.69
C THR G 363 35.71 23.02 -25.22
N ALA G 364 36.80 23.02 -24.48
CA ALA G 364 36.75 22.77 -23.05
C ALA G 364 36.29 24.02 -22.33
N ASP G 365 35.81 25.01 -23.08
CA ASP G 365 35.40 26.25 -22.44
C ASP G 365 34.22 26.88 -23.13
N THR G 366 34.25 26.88 -24.46
CA THR G 366 33.21 27.48 -25.25
C THR G 366 32.57 26.42 -26.14
N VAL G 367 31.38 26.69 -26.64
CA VAL G 367 30.71 25.73 -27.49
C VAL G 367 29.75 26.38 -28.46
N VAL G 368 29.80 25.92 -29.71
CA VAL G 368 28.92 26.41 -30.77
C VAL G 368 27.86 25.35 -31.05
N TYR G 369 26.59 25.74 -31.02
CA TYR G 369 25.52 24.78 -31.26
C TYR G 369 24.72 25.13 -32.48
N SER G 370 23.80 24.23 -32.83
CA SER G 370 22.96 24.42 -34.02
C SER G 370 21.65 23.68 -33.92
N VAL G 371 20.58 24.46 -33.99
CA VAL G 371 19.25 23.90 -33.94
C VAL G 371 18.66 23.97 -35.34
N SER G 372 18.29 22.80 -35.87
CA SER G 372 17.75 22.67 -37.22
C SER G 372 16.26 22.30 -37.26
N SER G 373 15.49 22.97 -38.11
CA SER G 373 14.07 22.68 -38.22
C SER G 373 13.82 21.70 -39.34
N SER G 374 12.83 20.84 -39.14
CA SER G 374 12.51 19.89 -40.18
C SER G 374 11.58 20.70 -41.08
N LEU G 375 11.60 22.00 -40.86
CA LEU G 375 10.75 22.89 -41.62
C LEU G 375 11.29 23.17 -43.01
N THR G 376 10.38 23.13 -43.96
CA THR G 376 10.70 23.38 -45.36
C THR G 376 11.43 24.69 -45.50
N GLY G 377 12.70 24.61 -45.83
CA GLY G 377 13.50 25.80 -46.02
C GLY G 377 13.61 26.75 -44.86
N SER G 378 13.49 26.24 -43.63
CA SER G 378 13.60 27.11 -42.49
C SER G 378 15.02 27.65 -42.52
N SER G 379 15.39 28.39 -41.50
CA SER G 379 16.75 28.90 -41.40
C SER G 379 17.42 27.94 -40.42
N VAL G 380 18.64 28.27 -39.99
CA VAL G 380 19.30 27.42 -39.00
C VAL G 380 19.89 28.31 -37.93
N ILE G 381 20.01 27.76 -36.74
CA ILE G 381 20.54 28.57 -35.69
C ILE G 381 21.89 28.15 -35.18
N VAL G 382 22.86 28.91 -35.67
CA VAL G 382 24.22 28.78 -35.25
C VAL G 382 24.31 29.70 -34.04
N ARG G 383 24.77 29.21 -32.94
CA ARG G 383 24.90 30.02 -31.74
C ARG G 383 26.06 29.43 -30.94
N GLY G 384 26.69 30.26 -30.13
CA GLY G 384 27.81 29.77 -29.33
C GLY G 384 27.72 30.35 -27.95
N VAL G 385 28.13 29.57 -26.95
CA VAL G 385 28.09 30.07 -25.60
C VAL G 385 29.32 29.61 -24.88
N THR G 386 29.68 30.36 -23.85
CA THR G 386 30.83 30.05 -23.04
C THR G 386 30.37 29.14 -21.92
N LYS G 387 30.85 27.89 -21.93
CA LYS G 387 30.45 26.93 -20.92
C LYS G 387 30.20 27.53 -19.56
N GLY G 388 31.28 27.68 -18.80
CA GLY G 388 31.16 28.20 -17.45
C GLY G 388 30.42 29.50 -17.23
N SER G 389 29.91 30.13 -18.28
CA SER G 389 29.22 31.39 -18.04
C SER G 389 28.23 31.86 -19.07
N GLY G 390 27.20 32.52 -18.55
CA GLY G 390 26.14 33.04 -19.40
C GLY G 390 25.39 31.90 -20.05
N VAL G 391 24.34 32.27 -20.77
CA VAL G 391 23.50 31.31 -21.48
C VAL G 391 22.92 32.02 -22.69
N SER G 392 23.01 31.41 -23.87
CA SER G 392 22.48 32.02 -25.09
C SER G 392 20.95 32.01 -25.19
N ILE G 393 20.40 33.21 -25.17
CA ILE G 393 18.96 33.38 -25.27
C ILE G 393 18.61 33.66 -26.71
N THR G 394 18.04 32.68 -27.39
CA THR G 394 17.66 32.91 -28.76
C THR G 394 16.19 33.29 -28.68
N PRO G 395 15.90 34.59 -28.82
CA PRO G 395 14.53 35.11 -28.76
C PRO G 395 13.56 34.38 -29.69
N VAL G 396 12.44 33.93 -29.14
CA VAL G 396 11.45 33.22 -29.93
C VAL G 396 10.01 33.67 -29.73
N THR G 397 9.13 33.04 -30.50
CA THR G 397 7.68 33.28 -30.46
C THR G 397 7.00 31.95 -30.77
N VAL G 398 6.35 31.38 -29.78
CA VAL G 398 5.70 30.09 -29.95
C VAL G 398 4.22 30.19 -30.29
N GLY G 399 3.80 29.42 -31.28
CA GLY G 399 2.40 29.42 -31.70
C GLY G 399 1.53 28.81 -30.64
N ILE G 400 1.67 29.29 -29.41
CA ILE G 400 0.90 28.78 -28.29
C ILE G 400 0.41 29.93 -27.44
N ASP G 401 -0.78 29.74 -26.87
CA ASP G 401 -1.40 30.72 -26.00
C ASP G 401 -0.63 30.70 -24.70
N THR G 402 -0.65 31.82 -23.98
CA THR G 402 0.05 31.90 -22.72
C THR G 402 -0.80 32.42 -21.59
N GLU G 403 -0.55 31.90 -20.40
CA GLU G 403 -1.24 32.33 -19.21
C GLU G 403 -0.43 33.49 -18.67
N ALA G 404 -1.08 34.64 -18.50
CA ALA G 404 -0.33 35.74 -17.96
C ALA G 404 -0.01 35.27 -16.56
N VAL G 405 1.26 35.35 -16.21
CA VAL G 405 1.76 34.99 -14.89
C VAL G 405 2.97 35.86 -14.68
N ASN G 406 2.96 36.62 -13.60
CA ASN G 406 4.05 37.52 -13.29
C ASN G 406 5.14 36.83 -12.49
N ARG G 407 6.36 37.33 -12.66
CA ARG G 407 7.50 36.81 -11.96
C ARG G 407 7.80 37.80 -10.84
N LEU G 408 8.36 37.33 -9.74
CA LEU G 408 8.63 38.22 -8.63
C LEU G 408 10.03 38.81 -8.64
N SER G 409 10.08 40.14 -8.61
CA SER G 409 11.35 40.87 -8.61
C SER G 409 11.87 40.88 -7.19
N ILE G 410 12.46 39.76 -6.81
CA ILE G 410 13.00 39.60 -5.47
C ILE G 410 14.47 39.95 -5.48
N GLU G 411 14.82 41.08 -4.88
CA GLU G 411 16.21 41.47 -4.83
C GLU G 411 16.99 40.43 -4.03
N MET G 412 17.76 39.62 -4.75
CA MET G 412 18.59 38.60 -4.14
C MET G 412 19.40 39.20 -3.02
N PRO G 413 19.54 38.50 -1.88
CA PRO G 413 20.33 39.07 -0.78
C PRO G 413 21.83 38.96 -1.01
N ALA G 414 22.58 39.17 0.07
CA ALA G 414 24.04 39.12 0.02
C ALA G 414 24.61 37.79 -0.44
N LEU G 415 25.78 37.87 -1.09
CA LEU G 415 26.47 36.71 -1.60
C LEU G 415 27.91 37.01 -1.25
N THR G 416 28.19 38.30 -1.18
CA THR G 416 29.53 38.78 -0.86
C THR G 416 29.69 38.66 0.65
N THR G 417 30.49 37.68 1.05
CA THR G 417 30.74 37.45 2.46
C THR G 417 30.93 38.78 3.21
N GLU G 418 31.81 39.64 2.68
CA GLU G 418 32.09 40.93 3.30
C GLU G 418 31.00 41.95 3.03
N GLU G 419 30.17 41.72 2.02
CA GLU G 419 29.11 42.69 1.74
C GLU G 419 28.13 42.65 2.89
N VAL G 420 27.93 41.47 3.44
CA VAL G 420 27.05 41.31 4.57
C VAL G 420 27.65 42.09 5.71
N THR G 421 28.63 41.45 6.35
CA THR G 421 29.36 41.99 7.49
C THR G 421 29.29 43.50 7.59
N THR G 422 29.57 44.17 6.48
CA THR G 422 29.55 45.61 6.45
C THR G 422 28.16 46.18 6.48
N ASN G 423 27.33 45.74 5.54
CA ASN G 423 25.98 46.28 5.40
C ASN G 423 24.96 45.77 6.39
N VAL G 424 25.17 44.58 6.95
CA VAL G 424 24.22 44.10 7.94
C VAL G 424 24.94 44.01 9.26
N PRO G 425 24.58 44.87 10.20
CA PRO G 425 25.19 44.91 11.53
C PRO G 425 24.88 43.69 12.39
N LYS G 426 23.59 43.41 12.54
CA LYS G 426 23.13 42.26 13.33
C LYS G 426 23.44 40.94 12.65
N TYR G 427 24.71 40.57 12.63
CA TYR G 427 25.10 39.32 12.03
C TYR G 427 26.01 38.71 13.04
N GLU G 428 26.50 37.51 12.75
CA GLU G 428 27.43 36.85 13.67
C GLU G 428 28.31 35.90 12.85
N GLN G 429 29.61 35.99 13.01
CA GLN G 429 30.47 35.11 12.27
C GLN G 429 31.10 34.14 13.26
N PHE G 430 31.42 32.92 12.81
CA PHE G 430 32.02 31.91 13.69
C PHE G 430 32.92 30.95 12.97
N LEU G 431 33.84 30.40 13.71
CA LEU G 431 34.64 29.34 13.17
C LEU G 431 33.88 28.07 13.52
N CYS G 432 33.72 27.21 12.53
CA CYS G 432 32.99 25.97 12.76
C CYS G 432 33.66 25.17 13.85
N LYS G 433 34.99 25.29 13.89
CA LYS G 433 35.80 24.62 14.89
C LYS G 433 35.22 24.93 16.26
N GLU G 434 34.92 26.20 16.49
CA GLU G 434 34.38 26.65 17.76
C GLU G 434 32.87 26.91 17.80
N SER G 435 32.17 26.21 16.91
CA SER G 435 30.71 26.28 16.82
C SER G 435 30.26 25.28 15.79
N GLY G 436 29.56 24.25 16.27
CA GLY G 436 29.06 23.16 15.44
C GLY G 436 28.38 23.58 14.16
N GLY G 437 28.38 24.88 13.92
CA GLY G 437 27.77 25.41 12.72
C GLY G 437 27.03 26.70 12.99
N ALA G 438 25.98 26.94 12.20
CA ALA G 438 25.17 28.13 12.33
C ALA G 438 23.75 27.70 12.55
N TYR G 439 22.96 28.59 13.13
CA TYR G 439 21.57 28.32 13.38
C TYR G 439 20.91 29.67 13.27
N ILE G 440 20.13 29.86 12.22
CA ILE G 440 19.45 31.13 12.06
C ILE G 440 17.99 30.95 12.38
N VAL G 441 17.33 32.07 12.66
CA VAL G 441 15.92 32.06 12.96
C VAL G 441 15.35 33.36 12.44
N HIS G 442 14.38 33.26 11.53
CA HIS G 442 13.76 34.45 10.94
C HIS G 442 12.70 35.08 11.85
N TYR G 443 11.86 35.93 11.27
CA TYR G 443 10.77 36.59 11.99
C TYR G 443 10.17 37.68 11.12
N LYS G 444 8.86 37.89 11.25
CA LYS G 444 8.21 38.91 10.46
C LYS G 444 9.06 40.14 10.72
N MET G 445 9.73 40.59 9.67
CA MET G 445 10.59 41.75 9.76
C MET G 445 9.96 42.87 8.92
N ASN G 446 9.40 42.47 7.79
CA ASN G 446 8.78 43.40 6.84
C ASN G 446 7.51 44.08 7.42
N ASN G 447 6.91 43.49 8.44
CA ASN G 447 5.70 44.05 9.04
C ASN G 447 5.58 43.68 10.51
N PRO G 448 5.40 44.69 11.39
CA PRO G 448 5.27 44.51 12.85
C PRO G 448 4.08 43.64 13.26
N VAL G 449 3.21 43.34 12.31
CA VAL G 449 2.06 42.49 12.54
C VAL G 449 2.28 41.25 11.67
N PHE G 450 1.31 40.32 11.65
CA PHE G 450 1.47 39.10 10.86
C PHE G 450 0.47 38.97 9.74
N GLU G 451 0.34 40.05 8.98
CA GLU G 451 -0.58 40.14 7.85
C GLU G 451 -0.46 38.95 6.88
N MET G 452 -1.46 38.07 6.87
CA MET G 452 -1.44 36.90 5.97
C MET G 452 -0.93 37.29 4.60
N THR G 453 0.16 36.69 4.15
CA THR G 453 0.71 37.04 2.86
C THR G 453 0.22 36.17 1.71
N GLY G 454 -1.08 36.22 1.48
CA GLY G 454 -1.71 35.44 0.43
C GLY G 454 -1.10 35.47 -0.96
N GLU G 455 -1.88 35.02 -1.94
CA GLU G 455 -1.44 34.96 -3.33
C GLU G 455 -0.87 36.26 -3.84
N GLU G 456 -1.26 37.36 -3.19
CA GLU G 456 -0.81 38.71 -3.55
C GLU G 456 0.62 38.80 -4.15
N ASN G 457 1.52 37.92 -3.70
CA ASN G 457 2.88 37.90 -4.23
C ASN G 457 3.39 36.48 -4.49
N PHE G 458 2.85 35.88 -5.54
CA PHE G 458 3.20 34.54 -5.99
C PHE G 458 3.98 34.73 -7.29
N GLY G 459 4.97 33.90 -7.56
CA GLY G 459 5.70 34.07 -8.79
C GLY G 459 6.97 33.25 -8.96
N GLY G 460 7.44 33.17 -10.19
CA GLY G 460 8.65 32.43 -10.48
C GLY G 460 9.82 33.36 -10.32
N PHE G 461 9.80 34.06 -9.22
CA PHE G 461 10.76 35.07 -8.90
C PHE G 461 12.14 34.87 -9.54
N GLN G 462 12.54 35.90 -10.29
CA GLN G 462 13.85 35.99 -10.88
C GLN G 462 14.61 36.92 -9.92
N PHE G 463 15.93 36.84 -9.84
CA PHE G 463 16.62 37.68 -8.83
C PHE G 463 17.30 38.90 -9.33
N HIS G 464 17.18 39.89 -8.47
CA HIS G 464 17.68 41.24 -8.62
C HIS G 464 18.98 41.39 -7.82
N TYR G 465 19.99 42.07 -8.37
CA TYR G 465 21.26 42.26 -7.66
C TYR G 465 22.12 43.41 -8.17
N PRO G 466 22.81 44.13 -7.26
CA PRO G 466 23.67 45.28 -7.54
C PRO G 466 24.83 44.94 -8.47
N GLY G 467 24.59 45.09 -9.77
CA GLY G 467 25.60 44.76 -10.75
C GLY G 467 25.19 43.46 -11.42
N TYR G 468 24.11 43.55 -12.19
CA TYR G 468 23.61 42.39 -12.89
C TYR G 468 22.79 42.87 -14.05
N ASP G 469 23.08 42.38 -15.25
CA ASP G 469 22.32 42.82 -16.40
C ASP G 469 21.10 41.97 -16.62
N PRO G 470 19.91 42.59 -16.49
CA PRO G 470 18.59 41.95 -16.66
C PRO G 470 18.42 41.55 -18.12
N GLU G 471 19.55 41.50 -18.80
CA GLU G 471 19.58 41.13 -20.20
C GLU G 471 19.71 39.62 -20.21
N ASN G 472 20.50 39.09 -19.29
CA ASN G 472 20.71 37.65 -19.21
C ASN G 472 19.43 36.95 -18.79
N ASN G 473 18.42 37.70 -18.38
CA ASN G 473 17.18 37.10 -17.95
C ASN G 473 16.39 36.39 -19.03
N ALA G 474 15.87 35.24 -18.67
CA ALA G 474 15.07 34.41 -19.56
C ALA G 474 13.72 35.04 -19.81
N LEU G 475 13.17 34.94 -20.98
CA LEU G 475 11.89 35.61 -21.14
C LEU G 475 10.80 34.98 -20.29
N GLY G 476 9.99 34.11 -20.90
CA GLY G 476 8.84 33.42 -20.33
C GLY G 476 8.87 33.11 -18.84
N LEU G 477 7.81 32.43 -18.39
CA LEU G 477 7.61 32.03 -17.00
C LEU G 477 8.50 30.90 -16.58
N ARG G 478 9.75 31.28 -16.35
CA ARG G 478 10.67 30.34 -15.77
C ARG G 478 11.18 30.96 -14.48
N GLY G 479 12.12 30.30 -13.85
CA GLY G 479 12.67 30.74 -12.58
C GLY G 479 11.98 29.89 -11.54
N ILE G 480 12.40 29.97 -10.29
CA ILE G 480 11.72 29.18 -9.26
C ILE G 480 10.36 29.79 -9.02
N VAL G 481 9.32 28.98 -9.11
CA VAL G 481 7.96 29.45 -8.88
C VAL G 481 7.60 29.36 -7.40
N ASP G 482 6.76 30.26 -6.91
CA ASP G 482 6.32 30.22 -5.51
C ASP G 482 5.81 31.52 -4.89
N THR G 483 5.16 31.35 -3.74
CA THR G 483 4.62 32.45 -2.97
C THR G 483 5.64 32.81 -1.88
N PHE G 484 5.86 34.11 -1.69
CA PHE G 484 6.84 34.60 -0.74
C PHE G 484 6.21 35.20 0.53
N GLU G 485 6.65 34.76 1.69
CA GLU G 485 6.11 35.32 2.92
C GLU G 485 6.50 36.78 2.95
N ASN G 486 5.58 37.63 2.53
CA ASN G 486 5.77 39.06 2.50
C ASN G 486 5.90 39.60 3.94
N ASN G 487 6.39 38.75 4.84
CA ASN G 487 6.58 39.10 6.26
C ASN G 487 7.94 38.80 6.83
N PHE G 488 8.41 37.58 6.63
CA PHE G 488 9.71 37.20 7.19
C PHE G 488 10.96 37.68 6.52
N SER G 489 11.99 37.74 7.35
CA SER G 489 13.31 38.15 6.93
C SER G 489 13.89 36.96 6.23
N SER G 490 14.71 37.21 5.21
CA SER G 490 15.38 36.14 4.51
C SER G 490 16.76 36.21 5.10
N ALA G 491 17.53 35.15 4.95
CA ALA G 491 18.86 35.17 5.50
C ALA G 491 19.86 34.64 4.51
N VAL G 492 21.12 34.68 4.92
CA VAL G 492 22.21 34.21 4.10
C VAL G 492 23.24 33.68 5.09
N VAL G 493 23.90 32.58 4.75
CA VAL G 493 24.90 32.04 5.65
C VAL G 493 26.02 31.40 4.89
N HIS G 494 27.05 32.19 4.63
CA HIS G 494 28.19 31.73 3.86
C HIS G 494 29.21 31.00 4.73
N PHE G 495 29.76 29.93 4.18
CA PHE G 495 30.78 29.13 4.85
C PHE G 495 31.98 29.02 3.94
N TRP G 496 33.16 29.20 4.51
CA TRP G 496 34.42 29.08 3.76
C TRP G 496 35.41 28.21 4.55
N GLY G 497 36.40 27.66 3.86
CA GLY G 497 37.41 26.86 4.52
C GLY G 497 36.87 25.57 5.09
N ILE G 498 35.85 25.06 4.41
CA ILE G 498 35.20 23.82 4.80
C ILE G 498 35.87 22.70 4.00
N SER G 499 36.58 21.81 4.69
CA SER G 499 37.26 20.75 3.97
C SER G 499 36.27 20.00 3.12
N GLN G 500 36.62 19.82 1.85
CA GLN G 500 35.78 19.12 0.88
C GLN G 500 35.06 17.98 1.62
N SER G 501 35.85 17.25 2.42
CA SER G 501 35.41 16.09 3.20
C SER G 501 34.38 16.43 4.28
N ALA G 502 34.24 17.72 4.58
CA ALA G 502 33.28 18.15 5.59
C ALA G 502 32.02 18.57 4.84
N THR G 503 30.85 18.33 5.45
CA THR G 503 29.60 18.70 4.81
C THR G 503 28.67 19.40 5.79
N ILE G 504 27.53 19.85 5.31
CA ILE G 504 26.60 20.54 6.17
C ILE G 504 25.19 20.02 6.14
N VAL G 505 24.76 19.52 7.28
CA VAL G 505 23.42 19.00 7.45
C VAL G 505 22.55 20.21 7.78
N CYS G 506 21.54 20.45 6.95
CA CYS G 506 20.68 21.59 7.14
C CYS G 506 19.31 21.19 7.63
N LYS G 507 19.24 21.00 8.94
CA LYS G 507 18.03 20.62 9.64
C LYS G 507 17.15 21.84 9.76
N THR G 508 16.07 21.90 8.99
CA THR G 508 15.20 23.06 9.06
C THR G 508 13.90 22.85 9.82
N TYR G 509 13.26 23.97 10.13
CA TYR G 509 12.00 23.98 10.85
C TYR G 509 11.10 25.10 10.37
N ASP G 510 10.43 24.86 9.24
CA ASP G 510 9.55 25.86 8.66
C ASP G 510 8.10 25.67 9.08
N GLY G 511 7.61 26.59 9.91
CA GLY G 511 6.24 26.55 10.37
C GLY G 511 5.45 27.49 9.49
N TRP G 512 4.16 27.20 9.31
CA TRP G 512 3.32 28.04 8.46
C TRP G 512 1.84 27.70 8.59
N GLU G 513 1.01 28.72 8.43
CA GLU G 513 -0.42 28.50 8.49
C GLU G 513 -1.15 29.28 7.40
N GLY G 514 -2.09 28.59 6.77
CA GLY G 514 -2.87 29.22 5.72
C GLY G 514 -4.32 28.84 5.84
N THR G 515 -5.10 29.27 4.86
CA THR G 515 -6.52 28.98 4.80
C THR G 515 -6.80 28.20 3.52
N THR G 516 -7.13 26.93 3.66
CA THR G 516 -7.40 26.07 2.52
C THR G 516 -8.71 26.41 1.82
N ASN G 517 -8.80 26.04 0.55
CA ASN G 517 -10.02 26.29 -0.19
C ASN G 517 -10.58 25.00 -0.76
N ALA G 518 -10.29 24.70 -2.03
CA ALA G 518 -10.84 23.49 -2.63
C ALA G 518 -9.77 22.57 -3.16
N GLY G 519 -10.07 21.27 -3.14
CA GLY G 519 -9.11 20.29 -3.60
C GLY G 519 -7.93 20.23 -2.64
N SER G 520 -7.88 21.15 -1.70
CA SER G 520 -6.79 21.13 -0.77
C SER G 520 -6.76 19.74 -0.15
N THR G 521 -5.57 19.15 -0.16
CA THR G 521 -5.40 17.83 0.44
C THR G 521 -5.12 18.04 1.91
N VAL G 522 -5.43 19.23 2.39
CA VAL G 522 -5.17 19.54 3.77
C VAL G 522 -6.37 20.09 4.54
N GLY G 523 -7.37 20.58 3.84
CA GLY G 523 -8.55 21.11 4.51
C GLY G 523 -8.93 20.35 5.77
N GLN G 524 -8.66 19.05 5.78
CA GLN G 524 -8.98 18.20 6.93
C GLN G 524 -8.17 18.62 8.14
N PHE G 525 -6.90 18.90 7.90
CA PHE G 525 -6.00 19.30 8.96
C PHE G 525 -6.32 20.71 9.40
N ALA G 526 -7.35 21.28 8.80
CA ALA G 526 -7.74 22.63 9.12
C ALA G 526 -8.70 22.64 10.29
N HIS G 527 -8.79 23.79 10.93
CA HIS G 527 -9.70 24.02 12.04
C HIS G 527 -9.31 25.28 12.78
N THR G 528 -10.24 25.77 13.60
CA THR G 528 -10.12 26.98 14.40
C THR G 528 -8.76 27.65 14.41
N GLY G 529 -8.76 28.96 14.27
CA GLY G 529 -7.51 29.67 14.26
C GLY G 529 -6.99 29.87 15.66
N ALA G 530 -5.74 30.30 15.76
CA ALA G 530 -5.09 30.54 17.04
C ALA G 530 -5.74 31.77 17.65
N GLU G 531 -5.86 31.78 18.97
CA GLU G 531 -6.46 32.93 19.64
C GLU G 531 -5.41 34.01 19.80
N GLU G 532 -5.87 35.23 19.97
CA GLU G 532 -4.96 36.35 20.10
C GLU G 532 -4.22 36.42 21.43
N GLU G 533 -2.91 36.28 21.33
CA GLU G 533 -2.04 36.32 22.48
C GLU G 533 -0.95 37.37 22.28
N ASP G 534 -1.35 38.52 21.74
CA ASP G 534 -0.39 39.60 21.51
C ASP G 534 0.22 39.90 22.87
N GLU G 535 -0.54 39.55 23.90
CA GLU G 535 -0.09 39.75 25.27
C GLU G 535 1.29 39.10 25.32
N VAL G 536 1.44 38.04 24.56
CA VAL G 536 2.69 37.31 24.47
C VAL G 536 3.41 37.66 23.18
N VAL G 537 2.69 37.59 22.07
CA VAL G 537 3.24 37.93 20.77
C VAL G 537 4.25 39.04 20.94
N GLN G 538 3.75 40.18 21.39
CA GLN G 538 4.57 41.37 21.61
C GLN G 538 5.98 41.01 22.00
N LEU G 539 6.09 40.34 23.14
CA LEU G 539 7.39 39.91 23.63
C LEU G 539 8.18 39.35 22.45
N ALA G 540 7.72 38.22 21.93
CA ALA G 540 8.35 37.57 20.80
C ALA G 540 8.91 38.56 19.78
N ASN G 541 8.07 39.49 19.34
CA ASN G 541 8.51 40.49 18.37
C ASN G 541 9.68 41.27 18.91
N ARG G 542 9.39 42.17 19.86
CA ARG G 542 10.43 43.01 20.44
C ARG G 542 11.56 42.14 20.95
N LEU G 543 11.33 40.84 21.07
CA LEU G 543 12.36 39.95 21.53
C LEU G 543 13.29 39.60 20.37
N GLN G 544 12.75 39.04 19.31
CA GLN G 544 13.51 38.73 18.14
C GLN G 544 14.42 39.94 17.88
N MET G 545 13.82 40.99 17.36
CA MET G 545 14.53 42.20 17.04
C MET G 545 15.62 42.48 18.06
N GLU G 546 15.34 42.24 19.34
CA GLU G 546 16.31 42.46 20.38
C GLU G 546 17.64 41.82 20.07
N LEU G 547 17.58 40.72 19.34
CA LEU G 547 18.79 40.02 19.00
C LEU G 547 18.85 39.64 17.54
N THR G 548 20.01 39.15 17.15
CA THR G 548 20.28 38.70 15.80
C THR G 548 19.34 37.57 15.51
N GLY G 549 19.40 37.02 14.32
CA GLY G 549 18.55 35.89 14.03
C GLY G 549 19.54 34.77 13.82
N VAL G 550 20.80 35.13 13.97
CA VAL G 550 21.94 34.25 13.79
C VAL G 550 22.52 33.80 15.12
N TYR G 551 22.75 32.50 15.26
CA TYR G 551 23.32 31.95 16.50
C TYR G 551 24.26 30.78 16.22
N GLN G 552 24.72 30.12 17.28
CA GLN G 552 25.61 28.98 17.11
C GLN G 552 24.82 27.70 16.94
N ALA G 553 25.24 26.86 16.02
CA ALA G 553 24.54 25.61 15.80
C ALA G 553 24.73 24.64 16.96
N ASP G 554 24.76 25.20 18.17
CA ASP G 554 24.92 24.41 19.38
C ASP G 554 24.09 25.13 20.40
N ASP G 555 23.12 25.88 19.92
CA ASP G 555 22.26 26.64 20.81
C ASP G 555 20.83 26.48 20.32
N ASN G 556 20.61 25.39 19.61
CA ASN G 556 19.31 25.05 19.07
C ASN G 556 18.83 23.73 19.66
N PHE H 1 24.74 26.14 25.42
CA PHE H 1 24.05 24.85 25.30
C PHE H 1 22.74 24.90 24.50
N ALA H 2 22.41 23.76 23.89
CA ALA H 2 21.21 23.55 23.08
C ALA H 2 19.94 24.20 23.62
N GLY H 3 19.41 25.18 22.88
CA GLY H 3 18.21 25.89 23.28
C GLY H 3 18.54 27.17 24.04
N THR H 4 19.74 27.67 23.82
CA THR H 4 20.18 28.88 24.50
C THR H 4 19.12 29.96 24.41
N VAL H 5 18.49 30.07 23.24
CA VAL H 5 17.46 31.07 23.02
C VAL H 5 16.23 30.82 23.85
N SER H 6 15.65 29.65 23.67
CA SER H 6 14.48 29.25 24.41
C SER H 6 14.72 29.44 25.90
N ALA H 7 15.98 29.66 26.29
CA ALA H 7 16.31 29.89 27.69
C ALA H 7 15.67 31.19 28.10
N LEU H 8 16.12 32.27 27.49
CA LEU H 8 15.59 33.60 27.75
C LEU H 8 14.13 33.56 27.40
N ALA H 9 13.82 32.92 26.28
CA ALA H 9 12.44 32.81 25.86
C ALA H 9 11.64 32.44 27.09
N SER H 10 12.25 31.66 27.96
CA SER H 10 11.59 31.27 29.18
C SER H 10 11.68 32.40 30.18
N ILE H 11 12.89 32.79 30.53
CA ILE H 11 13.07 33.87 31.50
C ILE H 11 12.06 34.93 31.09
N GLY H 12 12.18 35.39 29.85
CA GLY H 12 11.27 36.39 29.34
C GLY H 12 9.84 35.99 29.57
N LEU H 13 9.37 35.02 28.82
CA LEU H 13 8.00 34.53 28.97
C LEU H 13 7.65 34.46 30.44
N GLY H 14 8.33 33.56 31.15
CA GLY H 14 8.08 33.41 32.58
C GLY H 14 7.87 34.75 33.26
N LEU H 15 8.91 35.58 33.28
CA LEU H 15 8.82 36.91 33.90
C LEU H 15 7.49 37.55 33.59
N LEU H 16 7.15 37.60 32.30
CA LEU H 16 5.90 38.17 31.86
C LEU H 16 4.77 37.65 32.72
N GLY H 17 4.60 36.33 32.68
CA GLY H 17 3.54 35.66 33.42
C GLY H 17 3.23 36.23 34.79
N LYS H 18 4.21 36.89 35.39
CA LYS H 18 4.06 37.46 36.73
C LYS H 18 3.89 38.97 36.66
N SER H 19 4.70 39.60 35.82
CA SER H 19 4.64 41.04 35.69
C SER H 19 3.31 41.54 35.18
N SER H 20 3.11 42.85 35.38
CA SER H 20 1.91 43.53 34.95
C SER H 20 2.02 43.75 33.45
N ALA H 21 2.04 42.64 32.72
CA ALA H 21 2.17 42.72 31.27
C ALA H 21 1.72 44.06 30.68
N THR H 22 2.67 44.80 30.13
CA THR H 22 2.37 46.09 29.51
C THR H 22 3.48 46.36 28.52
N PRO H 23 3.14 46.96 27.38
CA PRO H 23 4.18 47.25 26.39
C PRO H 23 5.47 47.67 27.06
N SER H 24 5.37 48.64 27.96
CA SER H 24 6.52 49.09 28.69
C SER H 24 7.02 47.89 29.50
N VAL H 25 6.27 47.55 30.54
CA VAL H 25 6.62 46.41 31.40
C VAL H 25 7.28 45.30 30.61
N ILE H 26 6.71 45.02 29.44
CA ILE H 26 7.17 43.98 28.54
C ILE H 26 8.59 44.22 28.04
N LYS H 27 8.74 45.34 27.33
CA LYS H 27 10.03 45.75 26.80
C LYS H 27 11.08 45.44 27.85
N GLY H 28 10.86 45.96 29.06
CA GLY H 28 11.79 45.75 30.14
C GLY H 28 12.20 44.29 30.30
N ILE H 29 11.22 43.43 30.13
CA ILE H 29 11.46 42.01 30.22
C ILE H 29 12.38 41.60 29.07
N ALA H 30 11.91 41.80 27.83
CA ALA H 30 12.69 41.46 26.64
C ALA H 30 14.14 41.94 26.81
N GLN H 31 14.30 43.01 27.58
CA GLN H 31 15.61 43.58 27.83
C GLN H 31 16.34 42.81 28.90
N GLN H 32 15.60 42.35 29.90
CA GLN H 32 16.21 41.58 30.98
C GLN H 32 16.63 40.21 30.52
N ALA H 33 15.97 39.73 29.47
CA ALA H 33 16.28 38.42 28.94
C ALA H 33 17.70 38.39 28.42
N VAL H 34 18.40 39.52 28.56
CA VAL H 34 19.78 39.66 28.11
C VAL H 34 20.54 40.83 28.76
N GLY H 35 20.03 42.04 28.57
CA GLY H 35 20.68 43.28 29.05
C GLY H 35 20.72 43.62 30.53
N ALA H 36 21.56 44.62 30.80
CA ALA H 36 21.82 45.15 32.15
C ALA H 36 21.87 46.68 32.14
N VAL H 37 21.12 47.33 33.03
CA VAL H 37 21.06 48.81 33.12
C VAL H 37 22.29 49.48 33.75
N GLN H 38 23.21 49.99 32.93
CA GLN H 38 24.42 50.66 33.45
C GLN H 38 24.48 52.17 33.20
CA CA J . -5.00 -9.42 7.89
CA CA K . 0.09 45.01 3.00
#